data_3SLL
#
_entry.id   3SLL
#
_cell.length_a   80.090
_cell.length_b   131.650
_cell.length_c   148.710
_cell.angle_alpha   90.000
_cell.angle_beta   90.000
_cell.angle_gamma   90.000
#
_symmetry.space_group_name_H-M   'P 21 21 21'
#
loop_
_entity.id
_entity.type
_entity.pdbx_description
1 polymer 'Probable enoyl-CoA hydratase/isomerase'
2 non-polymer GLYCEROL
3 non-polymer 'CHLORIDE ION'
4 water water
#
_entity_poly.entity_id   1
_entity_poly.type   'polypeptide(L)'
_entity_poly.pdbx_seq_one_letter_code
;MAHHHHHHMGTLEAQTQGPGSMSFVLVDRPRPEIALVTLNRPERMNAMAFDVMLPFKQMLVDISHDNDVRAVVITGAGKG
FCSGADQKSAGPIPHIGGLTQPTIALRSMELLDEVILTLRRMHQPVIAAINGAAIGGGLCLALACDVRVASQDAYFRAAG
INNGLTASELGLSYLLPRAIGTSRASDIMLTGRDVDADEAERIGLVSRKVASESLLEECYAIGERIAGFSRPGIELTKRT
IWSGLDAASLESHMHQEGLGQLYVRLLTDNFEEATAARKEKRPAEFRDKR
;
_entity_poly.pdbx_strand_id   A,B,C,D,E,F
#
loop_
_chem_comp.id
_chem_comp.type
_chem_comp.name
_chem_comp.formula
CL non-polymer 'CHLORIDE ION' 'Cl -1'
GOL non-polymer GLYCEROL 'C3 H8 O3'
#
# COMPACT_ATOMS: atom_id res chain seq x y z
N SER A 23 22.31 37.28 2.49
CA SER A 23 21.16 36.57 1.80
C SER A 23 21.51 35.09 1.61
N PHE A 24 20.82 34.21 2.33
CA PHE A 24 21.28 32.82 2.45
C PHE A 24 20.87 31.93 1.28
N VAL A 25 19.99 32.46 0.42
CA VAL A 25 19.59 31.79 -0.80
C VAL A 25 19.62 32.79 -1.95
N LEU A 26 20.27 32.44 -3.05
CA LEU A 26 20.21 33.27 -4.22
C LEU A 26 19.34 32.65 -5.30
N VAL A 27 18.68 33.49 -6.08
CA VAL A 27 17.89 33.06 -7.22
C VAL A 27 18.35 33.77 -8.50
N ASP A 28 18.68 33.00 -9.52
CA ASP A 28 19.17 33.53 -10.76
C ASP A 28 18.35 33.00 -11.93
N ARG A 29 18.49 33.65 -13.09
CA ARG A 29 17.79 33.24 -14.31
C ARG A 29 18.86 33.03 -15.39
N PRO A 30 19.65 31.93 -15.27
CA PRO A 30 20.74 31.68 -16.21
C PRO A 30 20.29 31.38 -17.65
N ARG A 31 19.04 30.93 -17.80
CA ARG A 31 18.39 30.80 -19.12
C ARG A 31 16.96 31.31 -18.94
N PRO A 32 16.29 31.68 -20.05
CA PRO A 32 15.04 32.47 -19.87
C PRO A 32 13.91 31.65 -19.25
N GLU A 33 13.94 30.34 -19.41
CA GLU A 33 12.93 29.51 -18.77
C GLU A 33 13.47 28.61 -17.62
N ILE A 34 14.66 28.92 -17.10
CA ILE A 34 15.29 28.09 -16.04
C ILE A 34 15.66 28.91 -14.81
N ALA A 35 15.17 28.52 -13.64
CA ALA A 35 15.61 29.17 -12.39
C ALA A 35 16.73 28.39 -11.77
N LEU A 36 17.75 29.12 -11.30
CA LEU A 36 18.83 28.55 -10.49
C LEU A 36 18.70 29.05 -9.06
N VAL A 37 18.66 28.10 -8.15
CA VAL A 37 18.56 28.37 -6.73
C VAL A 37 19.88 28.04 -6.07
N THR A 38 20.55 29.04 -5.52
CA THR A 38 21.82 28.76 -4.86
C THR A 38 21.74 28.86 -3.35
N LEU A 39 21.98 27.75 -2.66
CA LEU A 39 22.21 27.76 -1.22
C LEU A 39 23.49 28.53 -0.93
N ASN A 40 23.38 29.62 -0.17
CA ASN A 40 24.47 30.58 -0.07
C ASN A 40 24.98 30.85 1.34
N ARG A 41 25.44 29.80 2.00
CA ARG A 41 26.20 29.93 3.25
C ARG A 41 27.40 28.98 3.20
N PRO A 42 28.33 29.25 2.27
CA PRO A 42 29.48 28.39 1.98
C PRO A 42 30.41 28.16 3.18
N GLU A 43 30.52 29.14 4.07
CA GLU A 43 31.39 29.02 5.25
C GLU A 43 30.81 27.97 6.24
N ARG A 44 29.58 27.53 6.00
CA ARG A 44 29.01 26.43 6.77
C ARG A 44 28.59 25.26 5.88
N MET A 45 29.23 25.14 4.72
CA MET A 45 28.87 24.13 3.71
C MET A 45 27.37 24.09 3.40
N ASN A 46 26.75 25.28 3.44
CA ASN A 46 25.32 25.45 3.16
C ASN A 46 24.38 24.62 4.06
N ALA A 47 24.64 24.68 5.38
CA ALA A 47 23.88 23.86 6.34
C ALA A 47 22.43 24.29 6.46
N MET A 48 21.60 23.30 6.79
CA MET A 48 20.15 23.47 6.88
C MET A 48 19.68 24.21 8.15
N ALA A 49 20.35 25.32 8.46
CA ALA A 49 19.91 26.27 9.47
C ALA A 49 18.59 26.87 9.06
N PHE A 50 17.78 27.24 10.05
CA PHE A 50 16.45 27.72 9.77
C PHE A 50 16.48 29.07 9.01
N ASP A 51 17.60 29.78 9.19
CA ASP A 51 17.84 31.06 8.49
C ASP A 51 17.92 30.82 6.98
N VAL A 52 18.55 29.70 6.59
CA VAL A 52 18.62 29.20 5.20
C VAL A 52 17.28 28.59 4.74
N MET A 53 16.74 27.67 5.54
CA MET A 53 15.51 26.92 5.24
C MET A 53 14.19 27.74 5.24
N LEU A 54 14.20 28.94 5.81
CA LEU A 54 13.01 29.79 5.71
C LEU A 54 12.90 30.45 4.32
N PRO A 55 13.94 31.21 3.90
CA PRO A 55 13.89 31.83 2.56
C PRO A 55 13.90 30.77 1.48
N PHE A 56 13.92 29.51 1.88
CA PHE A 56 13.99 28.47 0.91
C PHE A 56 12.60 28.11 0.42
N LYS A 57 11.72 27.75 1.35
CA LYS A 57 10.44 27.16 1.03
C LYS A 57 9.53 28.16 0.29
N GLN A 58 9.51 29.37 0.81
CA GLN A 58 8.70 30.44 0.24
C GLN A 58 9.20 30.85 -1.16
N MET A 59 10.52 30.90 -1.33
CA MET A 59 11.13 31.09 -2.62
C MET A 59 10.75 29.97 -3.62
N LEU A 60 10.87 28.70 -3.20
CA LEU A 60 10.42 27.58 -4.05
C LEU A 60 8.93 27.67 -4.40
N VAL A 61 8.09 28.07 -3.46
CA VAL A 61 6.67 28.26 -3.75
C VAL A 61 6.50 29.39 -4.77
N ASP A 62 7.25 30.48 -4.58
CA ASP A 62 7.24 31.60 -5.52
C ASP A 62 7.59 31.15 -6.94
N ILE A 63 8.75 30.51 -7.08
CA ILE A 63 9.17 29.86 -8.34
C ILE A 63 8.11 28.92 -8.94
N SER A 64 7.43 28.16 -8.10
CA SER A 64 6.40 27.29 -8.59
C SER A 64 5.27 28.07 -9.26
N HIS A 65 5.04 29.29 -8.80
CA HIS A 65 3.95 30.14 -9.34
C HIS A 65 4.41 31.08 -10.46
N ASP A 66 5.69 31.01 -10.79
CA ASP A 66 6.27 31.80 -11.85
C ASP A 66 6.24 31.03 -13.16
N ASN A 67 5.32 31.43 -14.04
CA ASN A 67 5.08 30.73 -15.30
C ASN A 67 6.15 30.94 -16.38
N ASP A 68 7.04 31.90 -16.15
CA ASP A 68 8.25 31.96 -16.97
C ASP A 68 9.22 30.80 -16.74
N VAL A 69 9.10 30.09 -15.62
CA VAL A 69 10.09 29.08 -15.23
C VAL A 69 9.60 27.68 -15.57
N ARG A 70 10.36 26.97 -16.39
CA ARG A 70 9.95 25.62 -16.82
C ARG A 70 10.74 24.53 -16.11
N ALA A 71 11.92 24.88 -15.63
CA ALA A 71 12.76 23.92 -14.91
C ALA A 71 13.57 24.63 -13.81
N VAL A 72 13.84 23.90 -12.73
CA VAL A 72 14.60 24.47 -11.62
C VAL A 72 15.90 23.68 -11.39
N VAL A 73 16.98 24.40 -11.11
CA VAL A 73 18.23 23.76 -10.78
C VAL A 73 18.53 24.26 -9.39
N ILE A 74 18.94 23.35 -8.53
CA ILE A 74 19.39 23.73 -7.19
C ILE A 74 20.84 23.34 -6.99
N THR A 75 21.62 24.24 -6.39
CA THR A 75 23.05 24.02 -6.20
C THR A 75 23.55 24.77 -4.94
N GLY A 76 24.79 24.49 -4.55
CA GLY A 76 25.40 25.12 -3.39
C GLY A 76 26.56 26.04 -3.75
N ALA A 77 26.64 27.20 -3.11
CA ALA A 77 27.78 28.10 -3.29
C ALA A 77 29.03 27.51 -2.63
N GLY A 78 30.17 27.80 -3.22
CA GLY A 78 31.47 27.36 -2.70
C GLY A 78 31.74 25.87 -2.95
N LYS A 79 32.30 25.24 -1.92
CA LYS A 79 32.85 23.90 -1.98
C LYS A 79 31.79 22.78 -1.93
N GLY A 80 30.79 22.95 -1.06
CA GLY A 80 29.80 21.92 -0.78
C GLY A 80 28.46 22.19 -1.44
N PHE A 81 27.67 21.14 -1.53
CA PHE A 81 26.29 21.24 -1.98
C PHE A 81 25.40 21.68 -0.81
N CYS A 82 25.29 20.86 0.23
CA CYS A 82 24.41 21.13 1.39
C CYS A 82 24.70 20.10 2.48
N SER A 83 24.90 20.56 3.71
CA SER A 83 25.06 19.62 4.82
C SER A 83 23.74 19.45 5.60
N GLY A 84 23.84 18.92 6.82
CA GLY A 84 22.65 18.58 7.60
C GLY A 84 21.88 19.75 8.17
N GLY A 91 19.62 30.97 15.06
CA GLY A 91 18.44 31.01 14.19
C GLY A 91 17.16 30.57 14.88
N PRO A 92 16.26 31.54 15.18
CA PRO A 92 15.00 31.29 15.89
C PRO A 92 14.01 30.52 15.02
N ILE A 93 13.44 29.46 15.57
CA ILE A 93 12.33 28.79 14.92
C ILE A 93 11.15 29.77 15.01
N PRO A 94 10.45 30.02 13.88
CA PRO A 94 9.34 30.96 14.02
C PRO A 94 8.11 30.25 14.62
N HIS A 95 7.22 31.03 15.24
CA HIS A 95 5.93 30.56 15.72
C HIS A 95 6.02 29.62 16.93
N ILE A 96 6.85 29.98 17.90
CA ILE A 96 7.07 29.11 19.06
C ILE A 96 6.79 29.77 20.41
N GLY A 97 6.14 30.94 20.39
CA GLY A 97 5.67 31.55 21.62
C GLY A 97 4.80 30.59 22.42
N GLY A 98 5.24 30.32 23.65
CA GLY A 98 4.47 29.48 24.57
C GLY A 98 4.51 27.99 24.30
N LEU A 99 5.33 27.55 23.36
CA LEU A 99 5.56 26.11 23.18
C LEU A 99 6.66 25.67 24.15
N THR A 100 6.63 24.38 24.50
CA THR A 100 7.67 23.80 25.33
C THR A 100 8.68 23.11 24.45
N GLN A 101 9.74 22.58 25.07
CA GLN A 101 10.87 21.90 24.38
C GLN A 101 10.45 20.88 23.31
N PRO A 102 9.69 19.83 23.70
CA PRO A 102 9.40 18.76 22.76
C PRO A 102 8.51 19.17 21.61
N THR A 103 7.66 20.18 21.81
CA THR A 103 6.81 20.66 20.74
C THR A 103 7.59 21.54 19.78
N ILE A 104 8.53 22.32 20.31
CA ILE A 104 9.44 23.10 19.47
C ILE A 104 10.28 22.17 18.59
N ALA A 105 10.68 21.04 19.17
CA ALA A 105 11.42 20.05 18.37
C ALA A 105 10.52 19.49 17.28
N LEU A 106 9.26 19.22 17.58
CA LEU A 106 8.33 18.79 16.53
C LEU A 106 8.24 19.84 15.43
N ARG A 107 8.08 21.11 15.82
CA ARG A 107 7.99 22.21 14.86
C ARG A 107 9.20 22.30 13.96
N SER A 108 10.40 22.15 14.52
CA SER A 108 11.60 22.27 13.72
C SER A 108 11.77 21.10 12.76
N MET A 109 11.37 19.90 13.17
CA MET A 109 11.43 18.74 12.27
C MET A 109 10.42 18.94 11.12
N GLU A 110 9.27 19.52 11.44
CA GLU A 110 8.21 19.75 10.47
C GLU A 110 8.62 20.74 9.40
N LEU A 111 9.31 21.79 9.81
CA LEU A 111 9.90 22.76 8.89
C LEU A 111 10.74 22.08 7.80
N LEU A 112 11.58 21.15 8.23
CA LEU A 112 12.44 20.45 7.31
C LEU A 112 11.63 19.51 6.43
N ASP A 113 10.66 18.79 7.02
CA ASP A 113 9.77 17.90 6.27
C ASP A 113 9.04 18.63 5.14
N GLU A 114 8.64 19.86 5.43
CA GLU A 114 7.85 20.63 4.49
C GLU A 114 8.68 21.21 3.32
N VAL A 115 9.98 21.39 3.53
CA VAL A 115 10.89 21.68 2.43
C VAL A 115 10.97 20.49 1.45
N ILE A 116 11.28 19.29 1.95
CA ILE A 116 11.18 18.05 1.14
C ILE A 116 9.89 18.00 0.30
N LEU A 117 8.75 18.13 0.97
CA LEU A 117 7.45 18.01 0.35
C LEU A 117 7.13 19.13 -0.66
N THR A 118 7.59 20.36 -0.37
CA THR A 118 7.43 21.46 -1.30
C THR A 118 8.15 21.22 -2.64
N LEU A 119 9.34 20.62 -2.59
CA LEU A 119 10.14 20.36 -3.78
C LEU A 119 9.40 19.39 -4.72
N ARG A 120 8.91 18.31 -4.11
CA ARG A 120 7.99 17.33 -4.71
C ARG A 120 6.74 17.96 -5.38
N ARG A 121 6.22 19.00 -4.72
CA ARG A 121 4.93 19.63 -5.07
C ARG A 121 5.03 20.69 -6.17
N MET A 122 6.24 21.23 -6.35
CA MET A 122 6.50 22.25 -7.38
C MET A 122 6.08 21.74 -8.75
N HIS A 123 5.49 22.63 -9.56
CA HIS A 123 5.04 22.29 -10.90
C HIS A 123 6.18 21.77 -11.77
N GLN A 124 7.28 22.52 -11.77
CA GLN A 124 8.44 22.25 -12.61
C GLN A 124 9.37 21.23 -12.00
N PRO A 125 10.04 20.43 -12.85
CA PRO A 125 11.03 19.48 -12.38
C PRO A 125 12.21 20.19 -11.72
N VAL A 126 12.71 19.64 -10.61
CA VAL A 126 13.85 20.20 -9.91
C VAL A 126 15.07 19.30 -10.13
N ILE A 127 16.14 19.88 -10.68
CA ILE A 127 17.39 19.19 -10.94
C ILE A 127 18.35 19.57 -9.83
N ALA A 128 18.88 18.59 -9.10
CA ALA A 128 19.95 18.83 -8.16
C ALA A 128 21.30 18.86 -8.87
N ALA A 129 21.96 20.02 -8.87
CA ALA A 129 23.31 20.19 -9.42
C ALA A 129 24.28 19.99 -8.28
N ILE A 130 24.67 18.75 -8.03
CA ILE A 130 25.37 18.43 -6.80
C ILE A 130 26.87 18.59 -6.95
N ASN A 131 27.40 19.65 -6.32
CA ASN A 131 28.74 20.17 -6.67
C ASN A 131 29.79 19.79 -5.65
N GLY A 132 29.37 19.08 -4.61
CA GLY A 132 30.24 18.85 -3.45
C GLY A 132 29.59 17.95 -2.45
N ALA A 133 29.94 18.11 -1.17
CA ALA A 133 29.36 17.29 -0.12
C ALA A 133 27.84 17.48 -0.05
N ALA A 134 27.13 16.35 -0.07
CA ALA A 134 25.69 16.30 0.12
C ALA A 134 25.43 15.27 1.19
N ILE A 135 25.41 15.72 2.44
CA ILE A 135 25.48 14.84 3.61
C ILE A 135 24.29 15.09 4.57
N GLY A 136 23.75 14.02 5.16
CA GLY A 136 22.53 14.11 5.95
C GLY A 136 21.39 14.77 5.20
N GLY A 137 20.86 15.83 5.80
CA GLY A 137 19.78 16.60 5.21
C GLY A 137 20.08 17.03 3.79
N GLY A 138 21.35 17.27 3.47
CA GLY A 138 21.71 17.63 2.11
C GLY A 138 21.55 16.46 1.12
N LEU A 139 21.86 15.23 1.55
CA LEU A 139 21.55 14.04 0.76
C LEU A 139 20.03 13.93 0.56
N CYS A 140 19.28 14.22 1.64
CA CYS A 140 17.81 14.15 1.61
C CYS A 140 17.25 15.20 0.64
N LEU A 141 17.88 16.36 0.64
CA LEU A 141 17.50 17.40 -0.27
C LEU A 141 17.61 16.94 -1.74
N ALA A 142 18.76 16.36 -2.11
CA ALA A 142 19.00 15.77 -3.43
C ALA A 142 17.95 14.69 -3.82
N LEU A 143 17.58 13.82 -2.89
CA LEU A 143 16.51 12.84 -3.15
C LEU A 143 15.10 13.42 -3.34
N ALA A 144 14.86 14.61 -2.80
CA ALA A 144 13.61 15.35 -2.92
C ALA A 144 13.44 16.00 -4.31
N CYS A 145 14.54 16.11 -5.02
CA CYS A 145 14.58 16.58 -6.39
C CYS A 145 14.26 15.42 -7.35
N ASP A 146 13.74 15.80 -8.51
CA ASP A 146 13.45 14.85 -9.59
C ASP A 146 14.70 14.25 -10.24
N VAL A 147 15.70 15.08 -10.53
CA VAL A 147 16.89 14.62 -11.27
C VAL A 147 18.16 15.01 -10.56
N ARG A 148 19.10 14.08 -10.46
CA ARG A 148 20.32 14.34 -9.74
C ARG A 148 21.51 14.19 -10.63
N VAL A 149 22.34 15.25 -10.67
CA VAL A 149 23.56 15.24 -11.51
C VAL A 149 24.69 15.53 -10.55
N ALA A 150 25.73 14.72 -10.60
CA ALA A 150 26.88 14.93 -9.77
C ALA A 150 28.05 15.54 -10.52
N SER A 151 28.69 16.50 -9.89
CA SER A 151 30.06 16.83 -10.19
C SER A 151 31.00 15.65 -9.84
N GLN A 152 32.14 15.55 -10.52
CA GLN A 152 33.20 14.58 -10.14
C GLN A 152 33.67 14.72 -8.67
N ASP A 153 33.58 15.95 -8.12
CA ASP A 153 33.87 16.28 -6.71
C ASP A 153 32.80 15.91 -5.70
N ALA A 154 31.60 15.57 -6.18
CA ALA A 154 30.43 15.35 -5.32
C ALA A 154 30.62 14.11 -4.47
N TYR A 155 30.12 14.15 -3.24
CA TYR A 155 30.04 12.94 -2.42
C TYR A 155 28.88 12.99 -1.47
N PHE A 156 28.43 11.82 -1.05
CA PHE A 156 27.19 11.68 -0.31
C PHE A 156 27.44 10.91 0.97
N ARG A 157 26.72 11.28 2.02
CA ARG A 157 26.75 10.52 3.25
C ARG A 157 25.43 10.61 4.03
N ALA A 158 25.03 9.50 4.64
CA ALA A 158 23.85 9.52 5.51
C ALA A 158 24.26 9.98 6.91
N ALA A 159 24.58 11.28 7.03
CA ALA A 159 25.33 11.80 8.20
C ALA A 159 24.57 11.88 9.52
N GLY A 160 23.25 11.65 9.50
CA GLY A 160 22.49 11.45 10.75
C GLY A 160 23.13 10.35 11.61
N ILE A 161 23.66 9.31 10.99
CA ILE A 161 24.21 8.20 11.75
C ILE A 161 25.59 8.60 12.37
N ASN A 162 26.44 9.29 11.59
CA ASN A 162 27.70 9.84 12.10
C ASN A 162 27.49 10.85 13.22
N ASN A 163 26.35 11.53 13.19
CA ASN A 163 26.00 12.53 14.20
C ASN A 163 25.40 11.99 15.50
N GLY A 164 25.41 10.66 15.64
CA GLY A 164 24.93 10.01 16.85
C GLY A 164 23.43 9.82 16.92
N LEU A 165 22.75 9.95 15.78
CA LEU A 165 21.31 9.82 15.71
C LEU A 165 20.96 8.59 14.87
N THR A 166 19.81 8.60 14.17
CA THR A 166 19.54 7.60 13.15
C THR A 166 19.96 8.14 11.78
N ALA A 167 20.12 7.25 10.80
CA ALA A 167 20.44 7.68 9.44
C ALA A 167 19.20 8.20 8.71
N SER A 168 18.01 7.82 9.21
CA SER A 168 16.74 8.06 8.55
C SER A 168 16.07 9.37 8.96
N GLU A 169 15.83 10.21 7.97
CA GLU A 169 15.26 11.51 8.20
C GLU A 169 14.80 12.00 6.85
N LEU A 170 13.69 12.74 6.85
CA LEU A 170 13.28 13.53 5.69
C LEU A 170 13.11 12.70 4.42
N GLY A 171 12.62 11.47 4.59
CA GLY A 171 12.28 10.62 3.46
C GLY A 171 13.38 9.68 3.08
N LEU A 172 14.54 9.84 3.73
CA LEU A 172 15.74 9.11 3.30
C LEU A 172 15.56 7.60 3.18
N SER A 173 15.07 6.96 4.24
CA SER A 173 14.86 5.52 4.25
C SER A 173 13.72 5.05 3.34
N TYR A 174 12.87 5.99 2.90
CA TYR A 174 11.89 5.69 1.85
C TYR A 174 12.57 5.80 0.45
N LEU A 175 13.33 6.86 0.23
CA LEU A 175 13.74 7.23 -1.11
C LEU A 175 15.07 6.64 -1.57
N LEU A 176 15.98 6.40 -0.62
CA LEU A 176 17.24 5.79 -1.00
C LEU A 176 17.03 4.37 -1.60
N PRO A 177 16.27 3.49 -0.93
CA PRO A 177 16.15 2.17 -1.55
C PRO A 177 15.43 2.21 -2.89
N ARG A 178 14.55 3.18 -3.07
CA ARG A 178 13.85 3.28 -4.33
C ARG A 178 14.74 3.86 -5.47
N ALA A 179 15.80 4.58 -5.08
CA ALA A 179 16.83 5.05 -6.00
C ALA A 179 17.86 3.97 -6.34
N ILE A 180 18.26 3.13 -5.38
CA ILE A 180 19.45 2.27 -5.58
C ILE A 180 19.30 0.80 -5.17
N GLY A 181 18.12 0.40 -4.67
CA GLY A 181 17.97 -0.96 -4.13
C GLY A 181 18.33 -1.05 -2.65
N THR A 182 17.73 -2.00 -1.96
CA THR A 182 17.94 -2.23 -0.54
C THR A 182 19.40 -2.52 -0.15
N SER A 183 20.06 -3.42 -0.87
CA SER A 183 21.35 -3.87 -0.39
C SER A 183 22.28 -2.67 -0.22
N ARG A 184 22.25 -1.81 -1.24
CA ARG A 184 23.17 -0.71 -1.34
C ARG A 184 22.79 0.39 -0.38
N ALA A 185 21.49 0.61 -0.24
CA ALA A 185 21.00 1.65 0.67
C ALA A 185 21.29 1.25 2.12
N SER A 186 21.07 -0.02 2.45
CA SER A 186 21.31 -0.46 3.84
C SER A 186 22.75 -0.28 4.29
N ASP A 187 23.67 -0.69 3.42
CA ASP A 187 25.11 -0.57 3.63
C ASP A 187 25.48 0.90 3.88
N ILE A 188 25.07 1.74 2.95
CA ILE A 188 25.30 3.16 3.04
C ILE A 188 24.74 3.79 4.32
N MET A 189 23.53 3.41 4.70
CA MET A 189 22.88 4.02 5.88
C MET A 189 23.43 3.52 7.21
N LEU A 190 23.74 2.24 7.30
CA LEU A 190 24.25 1.69 8.55
C LEU A 190 25.74 1.92 8.78
N THR A 191 26.49 2.23 7.72
CA THR A 191 27.94 2.36 7.89
C THR A 191 28.39 3.81 7.95
N GLY A 192 27.51 4.73 7.57
CA GLY A 192 27.85 6.15 7.52
C GLY A 192 29.03 6.46 6.66
N ARG A 193 29.27 5.63 5.63
CA ARG A 193 30.43 5.80 4.76
C ARG A 193 30.20 6.89 3.71
N ASP A 194 31.29 7.36 3.13
CA ASP A 194 31.25 8.31 2.04
C ASP A 194 31.05 7.62 0.71
N VAL A 195 30.15 8.18 -0.11
CA VAL A 195 29.81 7.61 -1.39
C VAL A 195 30.30 8.61 -2.45
N ASP A 196 31.38 8.27 -3.14
CA ASP A 196 31.94 9.21 -4.11
C ASP A 196 31.08 9.29 -5.38
N ALA A 197 31.50 10.13 -6.32
CA ALA A 197 30.71 10.42 -7.51
C ALA A 197 30.70 9.23 -8.44
N ASP A 198 31.79 8.49 -8.49
CA ASP A 198 31.90 7.31 -9.37
C ASP A 198 30.89 6.27 -8.90
N GLU A 199 30.86 6.03 -7.60
CA GLU A 199 29.90 5.10 -7.01
C GLU A 199 28.49 5.63 -7.21
N ALA A 200 28.27 6.92 -6.93
CA ALA A 200 26.90 7.50 -7.02
C ALA A 200 26.29 7.30 -8.38
N GLU A 201 27.09 7.53 -9.43
CA GLU A 201 26.63 7.28 -10.80
C GLU A 201 26.47 5.79 -11.05
N ARG A 202 27.40 4.98 -10.54
CA ARG A 202 27.35 3.54 -10.86
C ARG A 202 26.07 2.87 -10.26
N ILE A 203 25.67 3.29 -9.07
CA ILE A 203 24.58 2.65 -8.37
C ILE A 203 23.26 3.36 -8.62
N GLY A 204 23.30 4.46 -9.38
CA GLY A 204 22.10 5.20 -9.73
C GLY A 204 21.53 6.09 -8.63
N LEU A 205 22.38 6.53 -7.69
CA LEU A 205 22.00 7.61 -6.74
C LEU A 205 21.87 8.91 -7.52
N VAL A 206 22.75 9.07 -8.51
CA VAL A 206 22.56 10.11 -9.52
C VAL A 206 22.47 9.44 -10.91
N SER A 207 21.83 10.10 -11.87
CA SER A 207 21.75 9.50 -13.20
C SER A 207 22.93 9.95 -14.06
N ARG A 208 23.63 11.02 -13.64
CA ARG A 208 24.75 11.56 -14.43
C ARG A 208 25.87 12.13 -13.57
N LYS A 209 27.08 11.98 -14.08
CA LYS A 209 28.21 12.61 -13.47
C LYS A 209 28.99 13.33 -14.57
N VAL A 210 29.41 14.55 -14.27
CA VAL A 210 30.14 15.36 -15.22
C VAL A 210 31.30 16.04 -14.50
N ALA A 211 32.24 16.57 -15.28
CA ALA A 211 33.31 17.43 -14.76
C ALA A 211 32.74 18.61 -14.00
N SER A 212 33.44 19.04 -12.94
CA SER A 212 32.91 20.08 -12.05
C SER A 212 32.67 21.41 -12.75
N GLU A 213 33.58 21.79 -13.64
CA GLU A 213 33.42 23.02 -14.43
C GLU A 213 32.30 22.95 -15.51
N SER A 214 31.74 21.74 -15.71
CA SER A 214 30.66 21.51 -16.67
C SER A 214 29.31 21.16 -16.00
N LEU A 215 29.28 21.23 -14.67
CA LEU A 215 28.11 20.80 -13.93
C LEU A 215 26.84 21.59 -14.26
N LEU A 216 26.89 22.91 -14.07
CA LEU A 216 25.70 23.70 -14.26
C LEU A 216 25.23 23.65 -15.69
N GLU A 217 26.20 23.69 -16.61
CA GLU A 217 25.97 23.54 -18.05
C GLU A 217 25.23 22.25 -18.39
N GLU A 218 25.51 21.18 -17.65
CA GLU A 218 24.82 19.90 -17.90
C GLU A 218 23.37 19.99 -17.47
N CYS A 219 23.14 20.59 -16.29
CA CYS A 219 21.79 20.72 -15.78
C CYS A 219 20.99 21.72 -16.60
N TYR A 220 21.67 22.73 -17.19
CA TYR A 220 20.99 23.69 -18.07
C TYR A 220 20.55 23.04 -19.38
N ALA A 221 21.35 22.11 -19.89
CA ALA A 221 20.98 21.35 -21.07
C ALA A 221 19.77 20.45 -20.78
N ILE A 222 19.73 19.86 -19.59
CA ILE A 222 18.57 19.03 -19.17
C ILE A 222 17.31 19.92 -19.07
N GLY A 223 17.45 21.08 -18.44
CA GLY A 223 16.36 22.02 -18.27
C GLY A 223 15.81 22.61 -19.57
N GLU A 224 16.67 22.91 -20.53
CA GLU A 224 16.22 23.39 -21.84
C GLU A 224 15.46 22.35 -22.67
N ARG A 225 15.83 21.08 -22.52
CA ARG A 225 15.08 20.00 -23.12
C ARG A 225 13.69 19.97 -22.47
N ILE A 226 13.68 20.02 -21.13
CA ILE A 226 12.42 20.07 -20.40
C ILE A 226 11.55 21.24 -20.88
N ALA A 227 12.16 22.40 -21.08
CA ALA A 227 11.48 23.63 -21.47
C ALA A 227 10.83 23.52 -22.85
N GLY A 228 11.44 22.69 -23.70
CA GLY A 228 11.00 22.56 -25.09
C GLY A 228 9.77 21.67 -25.22
N PHE A 229 9.44 20.94 -24.15
CA PHE A 229 8.33 20.03 -24.16
C PHE A 229 7.07 20.74 -23.60
N SER A 230 5.95 20.04 -23.62
CA SER A 230 4.69 20.50 -23.05
C SER A 230 4.80 20.85 -21.55
N ARG A 231 4.23 21.99 -21.18
CA ARG A 231 4.12 22.34 -19.76
C ARG A 231 3.16 21.37 -18.99
N PRO A 232 1.88 21.27 -19.41
CA PRO A 232 1.10 20.23 -18.73
C PRO A 232 1.77 18.85 -18.84
N GLY A 233 2.31 18.56 -20.02
CA GLY A 233 2.91 17.26 -20.29
C GLY A 233 3.94 16.91 -19.25
N ILE A 234 4.80 17.87 -18.97
CA ILE A 234 5.92 17.74 -18.04
C ILE A 234 5.47 17.80 -16.57
N GLU A 235 4.53 18.69 -16.27
CA GLU A 235 3.98 18.76 -14.92
C GLU A 235 3.34 17.41 -14.49
N LEU A 236 2.58 16.80 -15.39
CA LEU A 236 1.89 15.56 -15.07
C LEU A 236 2.86 14.39 -15.06
N THR A 237 3.91 14.45 -15.86
CA THR A 237 4.95 13.41 -15.80
C THR A 237 5.59 13.35 -14.40
N LYS A 238 5.99 14.52 -13.89
CA LYS A 238 6.62 14.65 -12.58
C LYS A 238 5.67 14.13 -11.50
N ARG A 239 4.40 14.56 -11.54
CA ARG A 239 3.42 14.17 -10.54
C ARG A 239 3.16 12.67 -10.56
N THR A 240 3.13 12.06 -11.76
CA THR A 240 2.85 10.63 -11.82
C THR A 240 4.01 9.83 -11.31
N ILE A 241 5.22 10.31 -11.57
CA ILE A 241 6.41 9.64 -11.02
C ILE A 241 6.42 9.60 -9.48
N TRP A 242 6.20 10.77 -8.83
CA TRP A 242 6.05 10.86 -7.37
C TRP A 242 4.90 10.06 -6.82
N SER A 243 3.70 10.22 -7.41
CA SER A 243 2.49 9.43 -7.03
C SER A 243 2.69 7.94 -7.23
N GLY A 244 3.50 7.56 -8.21
CA GLY A 244 3.71 6.16 -8.51
C GLY A 244 4.49 5.48 -7.40
N LEU A 245 5.38 6.25 -6.75
CA LEU A 245 6.10 5.78 -5.57
C LEU A 245 5.11 5.55 -4.41
N ASP A 246 4.08 6.39 -4.33
CA ASP A 246 3.03 6.27 -3.34
C ASP A 246 1.84 5.46 -3.91
N ALA A 247 2.07 4.61 -4.90
CA ALA A 247 0.96 3.80 -5.42
C ALA A 247 1.15 2.34 -5.10
N ALA A 248 0.02 1.67 -4.88
CA ALA A 248 -0.05 0.32 -4.32
C ALA A 248 -0.34 -0.73 -5.41
N SER A 249 -0.85 -0.24 -6.52
CA SER A 249 -1.45 -1.08 -7.48
C SER A 249 -1.15 -0.47 -8.81
N LEU A 250 -0.65 -1.31 -9.71
CA LEU A 250 -0.31 -0.92 -11.04
C LEU A 250 -1.55 -0.40 -11.76
N GLU A 251 -2.64 -1.14 -11.65
CA GLU A 251 -3.86 -0.85 -12.37
C GLU A 251 -4.45 0.47 -11.92
N SER A 252 -4.48 0.69 -10.59
CA SER A 252 -4.84 2.00 -10.08
C SER A 252 -3.96 3.04 -10.73
N HIS A 253 -2.67 2.88 -10.60
CA HIS A 253 -1.77 3.92 -11.13
C HIS A 253 -1.95 4.22 -12.62
N MET A 254 -2.24 3.19 -13.42
CA MET A 254 -2.48 3.37 -14.86
C MET A 254 -3.68 4.27 -15.16
N HIS A 255 -4.66 4.32 -14.25
CA HIS A 255 -5.81 5.18 -14.49
C HIS A 255 -5.41 6.67 -14.47
N GLN A 256 -4.57 7.04 -13.52
CA GLN A 256 -4.04 8.39 -13.39
C GLN A 256 -3.17 8.80 -14.58
N GLU A 257 -2.31 7.89 -15.05
CA GLU A 257 -1.40 8.15 -16.18
C GLU A 257 -2.18 8.35 -17.47
N GLY A 258 -3.14 7.46 -17.71
CA GLY A 258 -3.99 7.52 -18.92
C GLY A 258 -4.85 8.77 -19.01
N LEU A 259 -5.44 9.18 -17.88
CA LEU A 259 -6.19 10.45 -17.80
C LEU A 259 -5.35 11.67 -18.16
N GLY A 260 -4.14 11.72 -17.64
CA GLY A 260 -3.22 12.81 -17.95
C GLY A 260 -2.84 12.84 -19.43
N GLN A 261 -2.56 11.65 -19.99
CA GLN A 261 -2.24 11.53 -21.41
C GLN A 261 -3.40 12.01 -22.31
N LEU A 262 -4.63 11.60 -21.97
CA LEU A 262 -5.82 11.90 -22.77
C LEU A 262 -6.18 13.39 -22.68
N TYR A 263 -6.01 13.93 -21.48
CA TYR A 263 -6.18 15.32 -21.16
C TYR A 263 -5.32 16.16 -22.09
N VAL A 264 -4.01 15.89 -22.11
CA VAL A 264 -3.11 16.68 -22.93
C VAL A 264 -3.38 16.46 -24.41
N ARG A 265 -3.68 15.21 -24.79
CA ARG A 265 -3.92 14.90 -26.19
C ARG A 265 -5.16 15.63 -26.72
N LEU A 266 -6.22 15.67 -25.93
CA LEU A 266 -7.46 16.25 -26.38
C LEU A 266 -7.58 17.79 -26.21
N LEU A 267 -6.86 18.34 -25.23
CA LEU A 267 -6.89 19.81 -25.00
C LEU A 267 -5.86 20.68 -25.74
N THR A 268 -4.87 20.03 -26.37
CA THR A 268 -3.83 20.74 -27.11
C THR A 268 -3.71 20.06 -28.46
N ASP A 269 -3.07 20.73 -29.41
CA ASP A 269 -2.69 20.05 -30.65
C ASP A 269 -1.20 19.74 -30.68
N ASN A 270 -0.64 19.48 -29.51
CA ASN A 270 0.77 19.16 -29.38
C ASN A 270 1.20 17.94 -30.18
N PHE A 271 0.36 16.91 -30.19
CA PHE A 271 0.73 15.65 -30.81
C PHE A 271 0.81 15.82 -32.32
N GLU A 272 -0.14 16.57 -32.89
CA GLU A 272 -0.11 16.87 -34.31
C GLU A 272 1.11 17.70 -34.64
N GLU A 273 1.41 18.67 -33.77
CA GLU A 273 2.57 19.56 -33.95
C GLU A 273 3.90 18.79 -33.95
N ALA A 274 4.04 17.80 -33.07
CA ALA A 274 5.25 16.96 -33.12
C ALA A 274 5.33 16.12 -34.41
N THR A 275 4.21 15.60 -34.88
CA THR A 275 4.17 14.97 -36.21
C THR A 275 4.51 15.97 -37.33
N ALA A 276 3.92 17.16 -37.30
CA ALA A 276 4.20 18.14 -38.37
C ALA A 276 5.63 18.73 -38.35
N ALA A 277 6.13 19.06 -37.17
CA ALA A 277 7.50 19.56 -36.99
C ALA A 277 8.57 18.60 -37.52
N ARG A 278 8.33 17.30 -37.38
CA ARG A 278 9.25 16.31 -37.92
C ARG A 278 9.31 16.36 -39.45
N LYS A 279 8.14 16.32 -40.09
CA LYS A 279 8.01 16.33 -41.56
C LYS A 279 8.60 17.58 -42.17
N GLU A 280 8.30 18.72 -41.54
CA GLU A 280 8.55 20.01 -42.16
C GLU A 280 9.97 20.56 -41.92
N LYS A 281 10.79 19.76 -41.23
CA LYS A 281 12.19 20.09 -40.92
C LYS A 281 12.29 21.44 -40.20
N ARG A 282 11.70 21.45 -39.00
CA ARG A 282 11.56 22.64 -38.15
C ARG A 282 11.36 22.14 -36.73
N PRO A 283 11.75 22.92 -35.71
CA PRO A 283 11.63 22.35 -34.36
C PRO A 283 10.16 22.27 -33.86
N ALA A 284 9.87 21.28 -33.01
CA ALA A 284 8.58 21.23 -32.33
C ALA A 284 8.36 22.50 -31.54
N GLU A 285 7.20 23.12 -31.74
CA GLU A 285 6.84 24.33 -31.02
C GLU A 285 5.47 24.11 -30.40
N PHE A 286 5.47 23.52 -29.22
CA PHE A 286 4.23 23.17 -28.52
C PHE A 286 3.62 24.41 -27.83
N ARG A 287 2.38 24.73 -28.19
CA ARG A 287 1.71 25.91 -27.66
C ARG A 287 0.56 25.57 -26.66
N ASP A 288 0.41 24.28 -26.36
CA ASP A 288 -0.43 23.74 -25.26
C ASP A 288 -1.93 24.08 -25.32
N LYS A 289 -2.48 24.06 -26.54
CA LYS A 289 -3.83 24.53 -26.91
C LYS A 289 -4.17 23.89 -28.26
N ARG A 290 -5.42 23.98 -28.66
CA ARG A 290 -5.78 23.80 -30.07
C ARG A 290 -6.16 25.14 -30.71
N MET B 22 29.95 -29.41 16.27
CA MET B 22 28.99 -30.55 16.42
C MET B 22 27.51 -30.10 16.42
N SER B 23 27.16 -29.11 17.27
CA SER B 23 25.85 -28.45 17.18
C SER B 23 25.70 -27.79 15.81
N PHE B 24 24.48 -27.74 15.30
CA PHE B 24 24.28 -27.34 13.92
C PHE B 24 24.39 -25.82 13.68
N VAL B 25 24.58 -25.09 14.77
CA VAL B 25 24.70 -23.65 14.73
C VAL B 25 25.68 -23.18 15.80
N LEU B 26 26.81 -22.62 15.38
CA LEU B 26 27.78 -22.07 16.32
C LEU B 26 27.62 -20.57 16.47
N VAL B 27 27.95 -20.07 17.65
CA VAL B 27 28.03 -18.65 17.90
C VAL B 27 29.43 -18.36 18.44
N ASP B 28 30.02 -17.25 18.01
CA ASP B 28 31.29 -16.78 18.56
C ASP B 28 31.25 -15.29 18.81
N ARG B 29 32.30 -14.79 19.47
CA ARG B 29 32.51 -13.37 19.71
C ARG B 29 33.89 -12.94 19.14
N PRO B 30 34.03 -12.86 17.80
CA PRO B 30 35.33 -12.54 17.18
C PRO B 30 35.83 -11.11 17.47
N ARG B 31 34.90 -10.20 17.75
CA ARG B 31 35.25 -8.85 18.20
C ARG B 31 34.30 -8.55 19.36
N PRO B 32 34.70 -7.67 20.31
CA PRO B 32 33.95 -7.52 21.57
C PRO B 32 32.41 -7.34 21.45
N GLU B 33 31.94 -6.66 20.40
CA GLU B 33 30.51 -6.35 20.26
C GLU B 33 29.94 -6.94 18.97
N ILE B 34 30.56 -8.00 18.47
CA ILE B 34 30.08 -8.62 17.25
C ILE B 34 29.90 -10.10 17.46
N ALA B 35 28.67 -10.55 17.28
CA ALA B 35 28.36 -11.96 17.31
C ALA B 35 28.51 -12.55 15.92
N LEU B 36 29.19 -13.69 15.83
CA LEU B 36 29.29 -14.45 14.58
C LEU B 36 28.46 -15.73 14.68
N VAL B 37 27.46 -15.84 13.81
CA VAL B 37 26.62 -17.01 13.79
C VAL B 37 27.06 -17.86 12.61
N THR B 38 27.51 -19.08 12.91
CA THR B 38 27.92 -20.01 11.91
C THR B 38 26.90 -21.15 11.75
N LEU B 39 26.29 -21.24 10.57
CA LEU B 39 25.50 -22.39 10.21
C LEU B 39 26.48 -23.54 10.00
N ASN B 40 26.27 -24.63 10.74
CA ASN B 40 27.31 -25.64 10.93
C ASN B 40 26.92 -27.11 10.66
N ARG B 41 26.33 -27.37 9.50
CA ARG B 41 26.16 -28.72 8.96
C ARG B 41 26.71 -28.74 7.52
N PRO B 42 28.05 -28.62 7.37
CA PRO B 42 28.69 -28.47 6.06
C PRO B 42 28.51 -29.65 5.09
N GLU B 43 28.13 -30.80 5.64
CA GLU B 43 27.95 -32.01 4.84
C GLU B 43 26.68 -31.92 4.01
N ARG B 44 25.84 -30.94 4.32
CA ARG B 44 24.59 -30.73 3.59
C ARG B 44 24.56 -29.31 3.07
N MET B 45 25.74 -28.72 2.91
CA MET B 45 25.90 -27.32 2.50
C MET B 45 25.04 -26.39 3.37
N ASN B 46 24.87 -26.77 4.63
CA ASN B 46 24.13 -25.95 5.59
C ASN B 46 22.66 -25.76 5.20
N ALA B 47 22.06 -26.84 4.71
CA ALA B 47 20.64 -26.88 4.38
C ALA B 47 19.73 -26.53 5.58
N MET B 48 18.59 -25.94 5.25
CA MET B 48 17.61 -25.48 6.22
C MET B 48 16.66 -26.61 6.70
N ALA B 49 17.24 -27.70 7.19
CA ALA B 49 16.50 -28.75 7.88
C ALA B 49 16.16 -28.23 9.28
N PHE B 50 15.06 -28.71 9.85
CA PHE B 50 14.55 -28.15 11.11
C PHE B 50 15.48 -28.28 12.32
N ASP B 51 16.37 -29.26 12.23
CA ASP B 51 17.49 -29.37 13.16
C ASP B 51 18.43 -28.15 13.15
N VAL B 52 18.56 -27.48 12.01
CA VAL B 52 19.45 -26.33 11.90
C VAL B 52 18.68 -25.07 12.25
N MET B 53 17.50 -24.92 11.63
CA MET B 53 16.68 -23.71 11.75
C MET B 53 16.13 -23.47 13.15
N LEU B 54 15.57 -24.51 13.78
CA LEU B 54 15.07 -24.34 15.15
C LEU B 54 16.09 -23.69 16.11
N PRO B 55 17.32 -24.23 16.21
CA PRO B 55 18.29 -23.58 17.12
C PRO B 55 18.88 -22.32 16.52
N PHE B 56 18.61 -22.13 15.24
CA PHE B 56 18.99 -20.91 14.56
C PHE B 56 18.13 -19.78 15.14
N LYS B 57 16.82 -20.01 15.22
CA LYS B 57 15.86 -18.97 15.59
C LYS B 57 15.95 -18.56 17.04
N GLN B 58 16.22 -19.54 17.90
CA GLN B 58 16.31 -19.27 19.34
C GLN B 58 17.60 -18.49 19.64
N MET B 59 18.68 -18.85 18.93
CA MET B 59 19.95 -18.14 19.05
C MET B 59 19.86 -16.68 18.57
N LEU B 60 19.10 -16.45 17.49
CA LEU B 60 18.90 -15.10 16.97
C LEU B 60 18.19 -14.23 18.02
N VAL B 61 17.08 -14.75 18.53
CA VAL B 61 16.30 -14.12 19.59
C VAL B 61 17.19 -13.82 20.82
N ASP B 62 17.97 -14.82 21.22
CA ASP B 62 18.89 -14.67 22.36
C ASP B 62 19.93 -13.58 22.11
N ILE B 63 20.50 -13.56 20.91
CA ILE B 63 21.45 -12.49 20.53
C ILE B 63 20.75 -11.13 20.53
N SER B 64 19.51 -11.07 20.05
CA SER B 64 18.81 -9.81 20.07
C SER B 64 18.67 -9.25 21.50
N HIS B 65 18.49 -10.16 22.48
CA HIS B 65 18.41 -9.78 23.91
C HIS B 65 19.75 -9.61 24.57
N ASP B 66 20.83 -9.89 23.85
CA ASP B 66 22.20 -9.76 24.35
C ASP B 66 22.77 -8.37 24.09
N ASN B 67 22.87 -7.57 25.16
CA ASN B 67 23.27 -6.17 25.04
C ASN B 67 24.77 -5.90 24.83
N ASP B 68 25.58 -6.96 24.96
CA ASP B 68 26.99 -6.88 24.60
C ASP B 68 27.15 -6.78 23.09
N VAL B 69 26.16 -7.27 22.35
CA VAL B 69 26.27 -7.43 20.90
C VAL B 69 25.63 -6.25 20.16
N ARG B 70 26.41 -5.63 19.26
CA ARG B 70 25.99 -4.45 18.50
C ARG B 70 25.66 -4.73 17.02
N ALA B 71 26.30 -5.73 16.46
CA ALA B 71 26.05 -6.17 15.09
C ALA B 71 26.21 -7.67 15.06
N VAL B 72 25.50 -8.33 14.15
CA VAL B 72 25.62 -9.78 14.01
C VAL B 72 26.14 -10.12 12.59
N VAL B 73 27.04 -11.08 12.48
CA VAL B 73 27.47 -11.57 11.18
C VAL B 73 27.03 -13.01 11.03
N ILE B 74 26.52 -13.36 9.85
CA ILE B 74 26.15 -14.75 9.59
C ILE B 74 26.89 -15.28 8.40
N THR B 75 27.41 -16.50 8.56
CA THR B 75 28.13 -17.23 7.53
C THR B 75 27.88 -18.74 7.60
N GLY B 76 28.31 -19.45 6.57
CA GLY B 76 28.19 -20.92 6.50
C GLY B 76 29.52 -21.61 6.79
N ALA B 77 29.48 -22.74 7.49
CA ALA B 77 30.70 -23.54 7.67
C ALA B 77 31.02 -24.25 6.36
N GLY B 78 32.30 -24.46 6.10
CA GLY B 78 32.77 -25.21 4.93
C GLY B 78 32.57 -24.43 3.64
N LYS B 79 32.17 -25.15 2.59
CA LYS B 79 32.16 -24.62 1.22
C LYS B 79 30.96 -23.74 0.93
N GLY B 80 29.89 -23.97 1.66
CA GLY B 80 28.61 -23.36 1.33
C GLY B 80 28.27 -22.30 2.35
N PHE B 81 27.45 -21.34 1.92
CA PHE B 81 26.78 -20.45 2.83
C PHE B 81 25.55 -21.18 3.33
N CYS B 82 24.57 -21.39 2.44
CA CYS B 82 23.32 -22.04 2.81
C CYS B 82 22.51 -22.48 1.59
N SER B 83 22.06 -23.74 1.58
CA SER B 83 21.37 -24.40 0.44
C SER B 83 19.84 -24.66 0.59
N ALA B 90 15.47 -33.26 6.19
CA ALA B 90 14.48 -32.26 6.60
C ALA B 90 14.21 -32.26 8.12
N GLY B 91 13.90 -33.45 8.67
CA GLY B 91 13.80 -33.63 10.13
C GLY B 91 12.47 -33.27 10.79
N PRO B 92 12.35 -33.57 12.11
CA PRO B 92 11.14 -33.38 12.95
C PRO B 92 10.54 -31.97 13.01
N ILE B 93 9.32 -31.84 12.52
CA ILE B 93 8.53 -30.62 12.68
C ILE B 93 7.94 -30.67 14.10
N PRO B 94 8.20 -29.64 14.92
CA PRO B 94 7.74 -29.69 16.32
C PRO B 94 6.26 -29.33 16.49
N HIS B 95 5.64 -29.85 17.57
CA HIS B 95 4.23 -29.55 17.91
C HIS B 95 3.25 -30.01 16.81
N ILE B 96 3.30 -31.29 16.45
CA ILE B 96 2.38 -31.80 15.41
C ILE B 96 1.52 -32.94 15.90
N GLY B 97 1.45 -33.12 17.21
CA GLY B 97 0.64 -34.17 17.82
C GLY B 97 -0.83 -33.88 17.63
N GLY B 98 -1.52 -34.80 16.94
CA GLY B 98 -2.93 -34.62 16.62
C GLY B 98 -3.17 -33.81 15.37
N LEU B 99 -2.11 -33.54 14.61
CA LEU B 99 -2.24 -32.75 13.39
C LEU B 99 -2.26 -33.67 12.16
N THR B 100 -2.78 -33.18 11.05
CA THR B 100 -2.76 -33.95 9.81
C THR B 100 -1.80 -33.29 8.81
N GLN B 101 -1.39 -34.07 7.80
CA GLN B 101 -0.45 -33.65 6.73
C GLN B 101 -0.48 -32.19 6.28
N PRO B 102 -1.64 -31.70 5.79
CA PRO B 102 -1.70 -30.33 5.26
C PRO B 102 -1.42 -29.25 6.30
N THR B 103 -1.96 -29.42 7.49
CA THR B 103 -1.69 -28.51 8.59
C THR B 103 -0.22 -28.63 8.98
N ILE B 104 0.29 -29.86 9.06
CA ILE B 104 1.69 -30.09 9.40
C ILE B 104 2.60 -29.34 8.41
N ALA B 105 2.24 -29.39 7.12
CA ALA B 105 3.01 -28.64 6.10
C ALA B 105 2.88 -27.13 6.30
N LEU B 106 1.70 -26.67 6.71
CA LEU B 106 1.59 -25.27 7.07
C LEU B 106 2.61 -24.91 8.15
N ARG B 107 2.67 -25.73 9.23
CA ARG B 107 3.59 -25.47 10.36
C ARG B 107 5.07 -25.42 9.92
N SER B 108 5.45 -26.30 8.99
CA SER B 108 6.81 -26.37 8.50
C SER B 108 7.20 -25.09 7.76
N MET B 109 6.30 -24.60 6.91
CA MET B 109 6.50 -23.36 6.17
C MET B 109 6.52 -22.11 7.08
N GLU B 110 5.67 -22.11 8.11
CA GLU B 110 5.64 -21.00 9.07
C GLU B 110 6.98 -20.90 9.82
N LEU B 111 7.50 -22.06 10.21
CA LEU B 111 8.78 -22.15 10.88
C LEU B 111 9.90 -21.45 10.09
N LEU B 112 9.95 -21.70 8.78
CA LEU B 112 10.92 -21.01 7.94
C LEU B 112 10.61 -19.51 7.84
N ASP B 113 9.32 -19.16 7.72
CA ASP B 113 8.88 -17.76 7.63
C ASP B 113 9.32 -16.98 8.84
N GLU B 114 9.27 -17.64 10.00
CA GLU B 114 9.56 -17.01 11.28
C GLU B 114 11.02 -16.67 11.37
N VAL B 115 11.86 -17.52 10.78
CA VAL B 115 13.27 -17.23 10.67
C VAL B 115 13.55 -15.91 9.96
N ILE B 116 13.03 -15.76 8.74
CA ILE B 116 13.11 -14.50 7.97
C ILE B 116 12.63 -13.34 8.81
N LEU B 117 11.49 -13.50 9.48
CA LEU B 117 10.89 -12.39 10.27
C LEU B 117 11.68 -12.04 11.54
N THR B 118 12.34 -13.04 12.13
CA THR B 118 13.19 -12.89 13.31
C THR B 118 14.45 -12.11 12.97
N LEU B 119 15.10 -12.46 11.86
CA LEU B 119 16.29 -11.75 11.42
C LEU B 119 15.91 -10.28 11.29
N ARG B 120 14.84 -10.04 10.53
CA ARG B 120 14.28 -8.73 10.29
C ARG B 120 14.00 -7.93 11.59
N ARG B 121 13.57 -8.64 12.62
CA ARG B 121 13.02 -8.06 13.85
C ARG B 121 14.08 -7.87 14.93
N MET B 122 15.22 -8.53 14.75
CA MET B 122 16.37 -8.39 15.68
C MET B 122 16.80 -6.93 15.81
N HIS B 123 17.22 -6.56 17.03
CA HIS B 123 17.68 -5.22 17.33
C HIS B 123 18.87 -4.85 16.45
N GLN B 124 19.90 -5.71 16.44
CA GLN B 124 21.12 -5.45 15.69
C GLN B 124 20.98 -5.70 14.17
N PRO B 125 21.70 -4.89 13.34
CA PRO B 125 21.86 -5.20 11.93
C PRO B 125 22.49 -6.56 11.78
N VAL B 126 22.05 -7.32 10.79
CA VAL B 126 22.69 -8.57 10.48
C VAL B 126 23.49 -8.41 9.17
N ILE B 127 24.73 -8.91 9.19
CA ILE B 127 25.56 -8.89 7.98
C ILE B 127 25.69 -10.33 7.49
N ALA B 128 25.33 -10.56 6.23
CA ALA B 128 25.48 -11.88 5.64
C ALA B 128 26.89 -11.99 5.00
N ALA B 129 27.70 -12.88 5.54
CA ALA B 129 29.04 -13.10 5.05
C ALA B 129 28.93 -14.32 4.15
N ILE B 130 28.50 -14.10 2.91
CA ILE B 130 28.21 -15.19 1.96
C ILE B 130 29.50 -15.75 1.36
N ASN B 131 29.88 -16.93 1.79
CA ASN B 131 31.19 -17.51 1.50
C ASN B 131 31.14 -18.52 0.36
N GLY B 132 29.92 -18.86 -0.07
CA GLY B 132 29.71 -19.87 -1.08
C GLY B 132 28.29 -19.85 -1.61
N ALA B 133 27.82 -21.02 -2.01
CA ALA B 133 26.47 -21.18 -2.51
C ALA B 133 25.41 -20.67 -1.53
N ALA B 134 24.61 -19.74 -2.02
CA ALA B 134 23.44 -19.29 -1.32
C ALA B 134 22.30 -19.55 -2.31
N ILE B 135 21.60 -20.66 -2.12
CA ILE B 135 20.61 -21.08 -3.09
C ILE B 135 19.31 -21.47 -2.42
N GLY B 136 18.20 -20.99 -3.01
CA GLY B 136 16.86 -21.31 -2.52
C GLY B 136 16.61 -20.52 -1.27
N GLY B 137 16.20 -21.22 -0.21
CA GLY B 137 16.07 -20.66 1.10
C GLY B 137 17.32 -19.89 1.56
N GLY B 138 18.48 -20.30 1.06
CA GLY B 138 19.73 -19.66 1.43
C GLY B 138 19.86 -18.27 0.88
N LEU B 139 19.38 -18.07 -0.36
CA LEU B 139 19.27 -16.76 -0.99
C LEU B 139 18.27 -15.91 -0.22
N CYS B 140 17.16 -16.53 0.17
CA CYS B 140 16.12 -15.88 0.99
C CYS B 140 16.71 -15.46 2.32
N LEU B 141 17.51 -16.34 2.90
CA LEU B 141 18.19 -16.01 4.15
C LEU B 141 19.05 -14.76 4.00
N ALA B 142 19.91 -14.72 2.98
CA ALA B 142 20.68 -13.51 2.65
C ALA B 142 19.85 -12.25 2.50
N LEU B 143 18.72 -12.37 1.82
CA LEU B 143 17.80 -11.22 1.61
C LEU B 143 17.16 -10.70 2.89
N ALA B 144 16.97 -11.58 3.87
CA ALA B 144 16.40 -11.21 5.17
C ALA B 144 17.42 -10.51 6.06
N CYS B 145 18.68 -10.58 5.70
CA CYS B 145 19.71 -9.78 6.41
C CYS B 145 19.71 -8.32 5.92
N ASP B 146 20.21 -7.43 6.74
CA ASP B 146 20.34 -6.01 6.39
C ASP B 146 21.40 -5.74 5.33
N VAL B 147 22.56 -6.37 5.47
CA VAL B 147 23.72 -6.12 4.60
C VAL B 147 24.26 -7.42 4.02
N ARG B 148 24.70 -7.35 2.77
CA ARG B 148 25.15 -8.56 2.11
C ARG B 148 26.53 -8.34 1.53
N VAL B 149 27.49 -9.16 1.96
CA VAL B 149 28.87 -9.10 1.44
C VAL B 149 29.18 -10.46 0.84
N ALA B 150 29.64 -10.45 -0.40
CA ALA B 150 29.96 -11.66 -1.10
C ALA B 150 31.46 -11.97 -1.02
N SER B 151 31.77 -13.23 -0.81
CA SER B 151 33.07 -13.71 -1.11
C SER B 151 33.05 -13.81 -2.63
N GLN B 152 34.23 -13.81 -3.23
CA GLN B 152 34.44 -13.97 -4.66
C GLN B 152 33.90 -15.35 -5.09
N ASP B 153 33.82 -16.26 -4.11
CA ASP B 153 33.38 -17.62 -4.31
C ASP B 153 31.85 -17.76 -4.17
N ALA B 154 31.18 -16.70 -3.72
CA ALA B 154 29.73 -16.76 -3.52
C ALA B 154 29.01 -16.90 -4.86
N TYR B 155 27.87 -17.56 -4.84
CA TYR B 155 26.94 -17.59 -5.96
C TYR B 155 25.50 -17.86 -5.49
N PHE B 156 24.52 -17.47 -6.31
CA PHE B 156 23.13 -17.45 -5.89
C PHE B 156 22.25 -18.12 -6.91
N ARG B 157 21.20 -18.76 -6.43
CA ARG B 157 20.24 -19.42 -7.29
C ARG B 157 18.86 -19.50 -6.62
N ALA B 158 17.83 -19.15 -7.39
CA ALA B 158 16.45 -19.33 -6.91
C ALA B 158 16.08 -20.79 -7.19
N ALA B 159 16.69 -21.68 -6.42
CA ALA B 159 16.66 -23.11 -6.65
C ALA B 159 15.30 -23.79 -6.33
N GLY B 160 14.35 -23.06 -5.77
CA GLY B 160 12.97 -23.57 -5.71
C GLY B 160 12.46 -23.95 -7.11
N ILE B 161 12.87 -23.21 -8.13
CA ILE B 161 12.38 -23.49 -9.48
C ILE B 161 13.03 -24.76 -10.05
N ASN B 162 14.34 -24.93 -9.81
CA ASN B 162 15.12 -26.10 -10.28
C ASN B 162 14.70 -27.36 -9.54
N ASN B 163 14.14 -27.16 -8.36
CA ASN B 163 13.57 -28.25 -7.57
C ASN B 163 12.17 -28.63 -7.93
N GLY B 164 11.63 -28.07 -9.00
CA GLY B 164 10.29 -28.45 -9.43
C GLY B 164 9.14 -27.72 -8.77
N LEU B 165 9.45 -26.72 -7.95
CA LEU B 165 8.44 -25.90 -7.25
C LEU B 165 8.35 -24.51 -7.89
N THR B 166 7.97 -23.49 -7.12
CA THR B 166 8.03 -22.11 -7.60
C THR B 166 9.40 -21.58 -7.18
N ALA B 167 9.79 -20.41 -7.69
CA ALA B 167 11.04 -19.77 -7.26
C ALA B 167 10.84 -18.98 -5.98
N SER B 168 9.57 -18.69 -5.65
CA SER B 168 9.22 -17.76 -4.59
C SER B 168 8.86 -18.42 -3.26
N GLU B 169 9.54 -17.99 -2.21
CA GLU B 169 9.22 -18.37 -0.85
C GLU B 169 10.02 -17.46 0.05
N LEU B 170 9.56 -17.33 1.29
CA LEU B 170 10.35 -16.69 2.34
C LEU B 170 10.71 -15.23 1.99
N GLY B 171 9.89 -14.60 1.15
CA GLY B 171 10.05 -13.18 0.80
C GLY B 171 10.77 -12.91 -0.53
N LEU B 172 11.30 -13.96 -1.14
CA LEU B 172 12.11 -13.81 -2.35
C LEU B 172 11.45 -12.90 -3.39
N SER B 173 10.19 -13.14 -3.74
CA SER B 173 9.55 -12.40 -4.86
C SER B 173 9.19 -10.96 -4.49
N TYR B 174 9.17 -10.68 -3.20
CA TYR B 174 9.03 -9.36 -2.64
C TYR B 174 10.39 -8.65 -2.56
N LEU B 175 11.41 -9.33 -2.05
CA LEU B 175 12.67 -8.67 -1.74
C LEU B 175 13.70 -8.64 -2.86
N LEU B 176 13.78 -9.70 -3.67
CA LEU B 176 14.74 -9.68 -4.76
C LEU B 176 14.52 -8.46 -5.66
N PRO B 177 13.26 -8.17 -6.06
CA PRO B 177 13.08 -7.01 -6.93
C PRO B 177 13.35 -5.69 -6.22
N ARG B 178 13.27 -5.67 -4.88
CA ARG B 178 13.58 -4.42 -4.16
C ARG B 178 15.08 -4.21 -4.05
N ALA B 179 15.83 -5.30 -4.27
CA ALA B 179 17.26 -5.25 -4.20
C ALA B 179 17.88 -4.92 -5.56
N ILE B 180 17.32 -5.43 -6.66
CA ILE B 180 18.02 -5.40 -7.95
C ILE B 180 17.15 -4.97 -9.15
N GLY B 181 15.88 -4.67 -8.90
CA GLY B 181 14.97 -4.31 -9.98
C GLY B 181 14.31 -5.55 -10.55
N THR B 182 13.21 -5.30 -11.26
CA THR B 182 12.31 -6.34 -11.78
C THR B 182 12.96 -7.13 -12.89
N SER B 183 13.51 -6.42 -13.86
CA SER B 183 14.13 -7.05 -15.02
C SER B 183 15.05 -8.17 -14.57
N ARG B 184 16.01 -7.82 -13.73
CA ARG B 184 17.01 -8.76 -13.26
C ARG B 184 16.48 -9.87 -12.35
N ALA B 185 15.54 -9.50 -11.45
CA ALA B 185 14.86 -10.45 -10.59
C ALA B 185 14.06 -11.49 -11.35
N SER B 186 13.15 -11.04 -12.23
CA SER B 186 12.38 -11.98 -13.02
C SER B 186 13.27 -12.96 -13.80
N ASP B 187 14.33 -12.42 -14.41
CA ASP B 187 15.24 -13.23 -15.19
C ASP B 187 15.85 -14.37 -14.33
N ILE B 188 16.33 -14.02 -13.14
CA ILE B 188 16.96 -14.93 -12.23
C ILE B 188 15.97 -15.94 -11.64
N MET B 189 14.76 -15.48 -11.31
CA MET B 189 13.76 -16.34 -10.70
C MET B 189 13.13 -17.36 -11.66
N LEU B 190 12.90 -16.93 -12.91
CA LEU B 190 12.20 -17.76 -13.85
C LEU B 190 13.16 -18.76 -14.54
N THR B 191 14.44 -18.39 -14.62
CA THR B 191 15.39 -19.23 -15.35
C THR B 191 16.19 -20.16 -14.45
N GLY B 192 16.25 -19.86 -13.16
CA GLY B 192 17.00 -20.71 -12.21
C GLY B 192 18.47 -20.83 -12.55
N ARG B 193 19.04 -19.80 -13.16
CA ARG B 193 20.48 -19.77 -13.50
C ARG B 193 21.33 -19.41 -12.29
N ASP B 194 22.61 -19.76 -12.35
CA ASP B 194 23.60 -19.30 -11.36
C ASP B 194 23.93 -17.83 -11.59
N VAL B 195 23.94 -17.08 -10.50
CA VAL B 195 24.44 -15.72 -10.45
C VAL B 195 25.69 -15.79 -9.60
N ASP B 196 26.85 -15.57 -10.25
CA ASP B 196 28.16 -15.55 -9.57
C ASP B 196 28.38 -14.23 -8.82
N ALA B 197 29.51 -14.12 -8.14
CA ALA B 197 29.82 -12.97 -7.28
C ALA B 197 29.98 -11.64 -8.01
N ASP B 198 30.62 -11.72 -9.17
CA ASP B 198 30.84 -10.56 -10.04
C ASP B 198 29.50 -9.93 -10.44
N GLU B 199 28.56 -10.78 -10.87
CA GLU B 199 27.22 -10.31 -11.20
C GLU B 199 26.48 -9.76 -9.97
N ALA B 200 26.54 -10.50 -8.87
CA ALA B 200 25.79 -10.14 -7.67
C ALA B 200 26.12 -8.74 -7.15
N GLU B 201 27.41 -8.42 -7.13
CA GLU B 201 27.85 -7.09 -6.72
C GLU B 201 27.51 -6.05 -7.80
N ARG B 202 27.70 -6.42 -9.06
CA ARG B 202 27.43 -5.49 -10.14
C ARG B 202 25.94 -5.07 -10.18
N ILE B 203 25.03 -6.03 -10.00
CA ILE B 203 23.57 -5.77 -10.00
C ILE B 203 22.99 -5.35 -8.63
N GLY B 204 23.82 -5.41 -7.56
CA GLY B 204 23.43 -4.92 -6.24
C GLY B 204 22.66 -5.93 -5.37
N LEU B 205 22.82 -7.20 -5.68
CA LEU B 205 22.33 -8.27 -4.82
C LEU B 205 23.18 -8.26 -3.54
N VAL B 206 24.48 -7.99 -3.67
CA VAL B 206 25.35 -7.70 -2.54
C VAL B 206 25.94 -6.29 -2.73
N SER B 207 26.19 -5.56 -1.64
CA SER B 207 26.78 -4.22 -1.71
C SER B 207 28.33 -4.20 -1.85
N ARG B 208 28.97 -5.32 -1.57
CA ARG B 208 30.44 -5.42 -1.52
C ARG B 208 30.89 -6.82 -1.91
N LYS B 209 32.02 -6.88 -2.62
CA LYS B 209 32.62 -8.15 -3.03
C LYS B 209 34.08 -8.14 -2.65
N VAL B 210 34.54 -9.17 -1.94
CA VAL B 210 35.92 -9.25 -1.47
C VAL B 210 36.52 -10.68 -1.63
N ALA B 211 37.86 -10.77 -1.68
CA ALA B 211 38.55 -12.07 -1.70
C ALA B 211 38.02 -12.95 -0.58
N SER B 212 38.11 -14.26 -0.78
CA SER B 212 37.57 -15.23 0.18
C SER B 212 38.18 -15.10 1.56
N GLU B 213 39.49 -14.85 1.61
CA GLU B 213 40.25 -14.82 2.84
C GLU B 213 40.07 -13.52 3.64
N SER B 214 39.37 -12.55 3.04
CA SER B 214 39.16 -11.27 3.68
C SER B 214 37.68 -11.11 4.06
N LEU B 215 36.87 -12.12 3.75
CA LEU B 215 35.39 -11.99 3.88
C LEU B 215 34.96 -11.63 5.30
N LEU B 216 35.45 -12.40 6.27
CA LEU B 216 35.07 -12.14 7.66
C LEU B 216 35.63 -10.80 8.13
N GLU B 217 36.88 -10.55 7.75
CA GLU B 217 37.54 -9.28 8.08
C GLU B 217 36.71 -8.08 7.61
N GLU B 218 36.23 -8.14 6.36
CA GLU B 218 35.38 -7.08 5.79
C GLU B 218 34.08 -6.93 6.58
N CYS B 219 33.46 -8.06 6.95
CA CYS B 219 32.25 -7.99 7.75
C CYS B 219 32.44 -7.40 9.15
N TYR B 220 33.59 -7.64 9.77
CA TYR B 220 33.85 -7.12 11.11
C TYR B 220 34.05 -5.63 11.08
N ALA B 221 34.76 -5.15 10.05
CA ALA B 221 34.98 -3.72 9.89
C ALA B 221 33.65 -2.99 9.78
N ILE B 222 32.73 -3.57 9.00
CA ILE B 222 31.34 -3.07 8.90
C ILE B 222 30.71 -3.08 10.29
N GLY B 223 30.83 -4.20 11.01
CA GLY B 223 30.24 -4.35 12.32
C GLY B 223 30.83 -3.40 13.34
N GLU B 224 32.10 -3.00 13.14
CA GLU B 224 32.77 -2.09 14.07
C GLU B 224 32.31 -0.68 13.84
N ARG B 225 32.14 -0.31 12.57
CA ARG B 225 31.56 0.99 12.29
C ARG B 225 30.18 1.10 12.96
N ILE B 226 29.36 0.07 12.79
CA ILE B 226 28.03 0.01 13.43
C ILE B 226 28.07 0.15 14.97
N ALA B 227 28.91 -0.65 15.63
CA ALA B 227 29.13 -0.59 17.09
C ALA B 227 29.51 0.79 17.62
N GLY B 228 30.27 1.56 16.84
CA GLY B 228 30.64 2.93 17.23
C GLY B 228 29.57 3.98 16.98
N PHE B 229 28.42 3.58 16.42
CA PHE B 229 27.28 4.48 16.27
C PHE B 229 26.31 4.25 17.42
N SER B 230 25.34 5.15 17.55
CA SER B 230 24.34 5.10 18.61
C SER B 230 23.55 3.81 18.56
N ARG B 231 23.28 3.24 19.72
CA ARG B 231 22.50 2.00 19.79
C ARG B 231 21.03 2.24 19.36
N PRO B 232 20.27 3.12 20.05
CA PRO B 232 18.92 3.39 19.52
C PRO B 232 18.97 3.92 18.08
N GLY B 233 19.96 4.76 17.77
CA GLY B 233 20.17 5.30 16.43
C GLY B 233 20.21 4.22 15.37
N ILE B 234 21.01 3.20 15.60
CA ILE B 234 21.16 2.08 14.70
C ILE B 234 19.89 1.23 14.66
N GLU B 235 19.30 0.97 15.81
CA GLU B 235 18.13 0.10 15.87
C GLU B 235 16.97 0.67 15.11
N LEU B 236 16.80 1.98 15.24
CA LEU B 236 15.68 2.66 14.59
C LEU B 236 15.94 2.77 13.10
N THR B 237 17.22 2.97 12.70
CA THR B 237 17.60 2.97 11.28
C THR B 237 17.22 1.67 10.62
N LYS B 238 17.60 0.54 11.20
CA LYS B 238 17.24 -0.77 10.64
C LYS B 238 15.71 -0.89 10.52
N ARG B 239 15.00 -0.56 11.61
CA ARG B 239 13.54 -0.62 11.61
C ARG B 239 12.90 0.26 10.53
N THR B 240 13.39 1.50 10.32
CA THR B 240 12.82 2.39 9.27
C THR B 240 13.11 1.87 7.84
N ILE B 241 14.24 1.17 7.69
CA ILE B 241 14.56 0.68 6.38
C ILE B 241 13.58 -0.43 6.02
N TRP B 242 13.45 -1.40 6.92
CA TRP B 242 12.50 -2.49 6.76
C TRP B 242 11.03 -2.00 6.66
N SER B 243 10.60 -1.10 7.54
CA SER B 243 9.22 -0.56 7.47
C SER B 243 9.04 0.41 6.31
N GLY B 244 10.10 1.07 5.86
CA GLY B 244 10.10 1.81 4.61
C GLY B 244 9.66 0.96 3.43
N LEU B 245 10.07 -0.31 3.37
CA LEU B 245 9.60 -1.21 2.30
C LEU B 245 8.16 -1.71 2.45
N ASP B 246 7.69 -1.82 3.70
CA ASP B 246 6.27 -2.06 3.99
C ASP B 246 5.49 -0.73 4.06
N ALA B 247 5.92 0.26 3.29
CA ALA B 247 5.27 1.58 3.38
C ALA B 247 4.73 2.07 2.05
N ALA B 248 3.65 2.84 2.11
CA ALA B 248 2.85 3.16 0.95
C ALA B 248 2.83 4.64 0.63
N SER B 249 3.29 5.45 1.57
CA SER B 249 3.23 6.88 1.44
C SER B 249 4.51 7.47 1.96
N LEU B 250 5.18 8.24 1.10
CA LEU B 250 6.38 8.93 1.50
C LEU B 250 6.07 9.69 2.78
N GLU B 251 4.95 10.42 2.80
CA GLU B 251 4.62 11.31 3.91
C GLU B 251 4.32 10.63 5.27
N SER B 252 3.66 9.46 5.26
CA SER B 252 3.50 8.66 6.48
C SER B 252 4.87 8.19 6.92
N HIS B 253 5.68 7.71 5.99
CA HIS B 253 7.01 7.23 6.40
C HIS B 253 7.87 8.29 7.08
N MET B 254 7.88 9.50 6.52
CA MET B 254 8.64 10.60 7.15
C MET B 254 8.25 10.85 8.62
N HIS B 255 7.01 10.54 8.98
CA HIS B 255 6.53 10.79 10.36
C HIS B 255 7.29 9.91 11.35
N GLN B 256 7.39 8.62 10.99
CA GLN B 256 8.17 7.61 11.72
C GLN B 256 9.64 7.97 11.80
N GLU B 257 10.22 8.35 10.66
CA GLU B 257 11.61 8.76 10.59
C GLU B 257 11.95 9.94 11.53
N GLY B 258 11.17 11.01 11.39
CA GLY B 258 11.38 12.25 12.16
C GLY B 258 11.22 12.05 13.65
N LEU B 259 10.20 11.24 14.04
CA LEU B 259 9.95 10.92 15.44
C LEU B 259 11.18 10.27 16.05
N GLY B 260 11.81 9.40 15.26
CA GLY B 260 12.98 8.62 15.69
C GLY B 260 14.20 9.49 15.87
N GLN B 261 14.36 10.43 14.93
CA GLN B 261 15.46 11.39 14.95
C GLN B 261 15.37 12.33 16.16
N LEU B 262 14.17 12.86 16.41
CA LEU B 262 13.93 13.74 17.54
C LEU B 262 14.09 13.01 18.87
N TYR B 263 13.61 11.76 18.89
CA TYR B 263 13.77 10.89 20.04
C TYR B 263 15.23 10.80 20.47
N VAL B 264 16.13 10.49 19.55
CA VAL B 264 17.53 10.29 19.93
C VAL B 264 18.21 11.61 20.30
N ARG B 265 17.87 12.64 19.54
CA ARG B 265 18.40 13.99 19.73
C ARG B 265 18.04 14.58 21.10
N LEU B 266 16.76 14.55 21.44
CA LEU B 266 16.32 15.16 22.69
C LEU B 266 16.69 14.33 23.94
N LEU B 267 16.79 13.01 23.79
CA LEU B 267 17.08 12.14 24.95
C LEU B 267 18.54 11.73 25.19
N THR B 268 19.43 12.11 24.28
CA THR B 268 20.86 11.83 24.44
C THR B 268 21.58 13.13 24.11
N ASP B 269 22.86 13.20 24.47
CA ASP B 269 23.70 14.32 24.06
C ASP B 269 24.62 13.88 22.91
N ASN B 270 24.23 12.81 22.21
CA ASN B 270 25.04 12.27 21.12
C ASN B 270 25.47 13.29 20.08
N PHE B 271 24.55 14.19 19.72
CA PHE B 271 24.76 15.14 18.63
C PHE B 271 25.86 16.14 18.97
N GLU B 272 25.80 16.71 20.17
CA GLU B 272 26.87 17.54 20.74
C GLU B 272 28.20 16.76 20.89
N GLU B 273 28.13 15.47 21.24
CA GLU B 273 29.30 14.60 21.28
C GLU B 273 29.93 14.51 19.88
N ALA B 274 29.09 14.29 18.85
CA ALA B 274 29.56 14.21 17.46
C ALA B 274 30.27 15.50 17.00
N THR B 275 29.72 16.64 17.42
CA THR B 275 30.29 17.94 17.09
C THR B 275 31.62 18.13 17.81
N ALA B 276 31.64 17.79 19.11
CA ALA B 276 32.84 17.99 19.89
C ALA B 276 33.93 17.04 19.38
N ALA B 277 33.54 15.84 18.96
CA ALA B 277 34.50 14.85 18.46
C ALA B 277 35.19 15.25 17.12
N ARG B 278 34.42 15.73 16.15
CA ARG B 278 35.00 16.29 14.92
C ARG B 278 35.82 17.58 15.17
N LYS B 279 35.35 18.47 16.04
CA LYS B 279 36.15 19.66 16.39
C LYS B 279 37.49 19.28 17.04
N GLU B 280 37.50 18.19 17.82
CA GLU B 280 38.72 17.72 18.51
C GLU B 280 39.51 16.69 17.71
N LYS B 281 38.99 16.32 16.54
CA LYS B 281 39.61 15.31 15.65
C LYS B 281 39.84 13.95 16.32
N ARG B 282 38.77 13.43 16.93
CA ARG B 282 38.79 12.16 17.65
C ARG B 282 37.57 11.30 17.27
N PRO B 283 37.62 9.99 17.56
CA PRO B 283 36.40 9.19 17.37
C PRO B 283 35.30 9.66 18.31
N ALA B 284 34.09 9.68 17.81
CA ALA B 284 32.94 10.01 18.62
C ALA B 284 32.73 8.90 19.65
N GLU B 285 32.33 9.29 20.84
CA GLU B 285 32.05 8.27 21.85
C GLU B 285 30.65 8.58 22.39
N PHE B 286 29.67 7.93 21.79
CA PHE B 286 28.26 8.12 22.10
C PHE B 286 27.86 7.38 23.37
N ARG B 287 27.22 8.07 24.29
CA ARG B 287 26.73 7.43 25.54
C ARG B 287 25.20 7.17 25.55
N ASP B 288 24.51 7.57 24.48
CA ASP B 288 23.06 7.34 24.30
C ASP B 288 22.21 7.77 25.50
N LYS B 289 22.55 8.90 26.07
CA LYS B 289 22.07 9.31 27.37
C LYS B 289 22.50 10.74 27.45
N ARG B 290 21.96 11.49 28.42
CA ARG B 290 22.43 12.85 28.78
C ARG B 290 23.08 12.83 30.15
N SER C 23 -2.73 -8.98 -41.45
CA SER C 23 -1.65 -9.82 -40.82
C SER C 23 -0.66 -8.98 -40.04
N PHE C 24 -1.16 -8.18 -39.11
CA PHE C 24 -0.28 -7.29 -38.34
C PHE C 24 0.28 -7.98 -37.11
N VAL C 25 -0.15 -9.23 -36.89
CA VAL C 25 0.38 -10.08 -35.85
C VAL C 25 0.64 -11.45 -36.45
N LEU C 26 1.88 -11.93 -36.31
CA LEU C 26 2.25 -13.28 -36.71
C LEU C 26 2.44 -14.12 -35.47
N VAL C 27 2.09 -15.39 -35.56
CA VAL C 27 2.39 -16.36 -34.51
C VAL C 27 3.11 -17.54 -35.12
N ASP C 28 4.26 -17.91 -34.56
CA ASP C 28 4.99 -19.09 -34.99
C ASP C 28 5.34 -19.99 -33.79
N ARG C 29 5.89 -21.16 -34.09
CA ARG C 29 6.29 -22.12 -33.06
C ARG C 29 7.72 -22.61 -33.34
N PRO C 30 8.73 -21.74 -33.13
CA PRO C 30 10.13 -22.01 -33.47
C PRO C 30 10.76 -23.15 -32.67
N ARG C 31 10.23 -23.42 -31.48
CA ARG C 31 10.64 -24.58 -30.69
C ARG C 31 9.36 -25.21 -30.13
N PRO C 32 9.42 -26.50 -29.74
CA PRO C 32 8.21 -27.30 -29.43
C PRO C 32 7.18 -26.72 -28.44
N GLU C 33 7.61 -25.99 -27.43
CA GLU C 33 6.67 -25.42 -26.45
C GLU C 33 6.80 -23.90 -26.40
N ILE C 34 7.29 -23.32 -27.49
CA ILE C 34 7.51 -21.86 -27.55
C ILE C 34 6.79 -21.12 -28.69
N ALA C 35 5.95 -20.17 -28.31
CA ALA C 35 5.23 -19.33 -29.26
C ALA C 35 6.02 -18.07 -29.46
N LEU C 36 6.20 -17.70 -30.73
CA LEU C 36 6.78 -16.44 -31.16
C LEU C 36 5.67 -15.54 -31.64
N VAL C 37 5.58 -14.35 -31.04
CA VAL C 37 4.62 -13.34 -31.49
C VAL C 37 5.44 -12.23 -32.11
N THR C 38 5.22 -12.03 -33.41
CA THR C 38 5.93 -11.04 -34.19
C THR C 38 4.99 -9.92 -34.56
N LEU C 39 5.27 -8.74 -34.02
CA LEU C 39 4.58 -7.51 -34.41
C LEU C 39 4.95 -7.24 -35.86
N ASN C 40 3.95 -7.18 -36.73
CA ASN C 40 4.20 -7.25 -38.18
C ASN C 40 3.58 -6.08 -38.95
N ARG C 41 4.08 -4.87 -38.66
CA ARG C 41 3.79 -3.65 -39.41
C ARG C 41 5.07 -2.84 -39.49
N PRO C 42 6.13 -3.42 -40.07
CA PRO C 42 7.48 -2.82 -40.15
C PRO C 42 7.53 -1.41 -40.72
N GLU C 43 6.74 -1.14 -41.76
CA GLU C 43 6.70 0.18 -42.42
C GLU C 43 6.41 1.32 -41.45
N ARG C 44 5.67 0.99 -40.37
CA ARG C 44 5.32 1.97 -39.35
C ARG C 44 6.10 1.71 -38.07
N MET C 45 7.21 0.97 -38.19
CA MET C 45 7.99 0.49 -37.03
C MET C 45 7.11 -0.21 -35.99
N ASN C 46 6.11 -0.94 -36.48
CA ASN C 46 5.25 -1.80 -35.70
C ASN C 46 4.34 -1.05 -34.72
N ALA C 47 3.89 0.12 -35.17
CA ALA C 47 3.10 1.04 -34.35
C ALA C 47 1.78 0.47 -33.77
N MET C 48 1.48 0.91 -32.54
CA MET C 48 0.13 0.78 -31.97
C MET C 48 -0.95 1.22 -32.99
N ALA C 49 -1.64 0.25 -33.61
CA ALA C 49 -2.86 0.52 -34.39
C ALA C 49 -4.09 0.09 -33.57
N PHE C 50 -5.07 0.99 -33.46
CA PHE C 50 -6.27 0.78 -32.62
C PHE C 50 -7.12 -0.41 -33.07
N ASP C 51 -7.25 -0.59 -34.39
CA ASP C 51 -8.04 -1.67 -34.95
C ASP C 51 -7.28 -3.01 -34.88
N VAL C 52 -5.95 -2.94 -34.85
CA VAL C 52 -5.10 -4.14 -34.92
C VAL C 52 -4.39 -4.39 -33.60
N MET C 53 -5.16 -4.23 -32.51
CA MET C 53 -4.72 -4.57 -31.14
C MET C 53 -5.91 -5.07 -30.32
N LEU C 54 -7.10 -4.63 -30.71
CA LEU C 54 -8.35 -5.20 -30.20
C LEU C 54 -8.48 -6.71 -30.53
N PRO C 55 -7.81 -7.19 -31.62
CA PRO C 55 -7.66 -8.63 -31.76
C PRO C 55 -6.28 -9.16 -31.35
N PHE C 56 -5.27 -8.29 -31.24
CA PHE C 56 -3.93 -8.69 -30.74
C PHE C 56 -3.96 -9.12 -29.25
N LYS C 57 -4.89 -8.54 -28.48
CA LYS C 57 -5.18 -8.95 -27.11
C LYS C 57 -5.76 -10.37 -27.14
N GLN C 58 -6.64 -10.62 -28.11
CA GLN C 58 -7.27 -11.93 -28.25
C GLN C 58 -6.26 -13.03 -28.59
N MET C 59 -5.29 -12.71 -29.46
CA MET C 59 -4.20 -13.64 -29.80
C MET C 59 -3.43 -14.09 -28.54
N LEU C 60 -3.11 -13.12 -27.67
CA LEU C 60 -2.46 -13.41 -26.39
C LEU C 60 -3.33 -14.26 -25.50
N VAL C 61 -4.62 -13.91 -25.41
CA VAL C 61 -5.57 -14.74 -24.67
C VAL C 61 -5.61 -16.18 -25.22
N ASP C 62 -5.49 -16.36 -26.54
CA ASP C 62 -5.50 -17.71 -27.12
C ASP C 62 -4.22 -18.48 -26.76
N ILE C 63 -3.07 -17.81 -26.78
CA ILE C 63 -1.81 -18.41 -26.37
C ILE C 63 -1.85 -18.77 -24.90
N SER C 64 -2.28 -17.82 -24.07
CA SER C 64 -2.45 -18.08 -22.66
C SER C 64 -3.22 -19.38 -22.37
N HIS C 65 -4.22 -19.68 -23.17
CA HIS C 65 -5.04 -20.87 -22.96
C HIS C 65 -4.61 -22.08 -23.80
N ASP C 66 -3.49 -21.93 -24.50
CA ASP C 66 -2.87 -23.01 -25.24
C ASP C 66 -1.83 -23.71 -24.39
N ASN C 67 -2.12 -24.97 -24.05
CA ASN C 67 -1.33 -25.68 -23.07
C ASN C 67 -0.14 -26.42 -23.70
N ASP C 68 -0.02 -26.29 -25.02
CA ASP C 68 1.18 -26.68 -25.73
C ASP C 68 2.31 -25.71 -25.45
N VAL C 69 1.96 -24.46 -25.17
CA VAL C 69 2.93 -23.37 -25.06
C VAL C 69 3.35 -23.17 -23.60
N ARG C 70 4.66 -23.15 -23.38
CA ARG C 70 5.21 -22.94 -22.04
C ARG C 70 5.79 -21.53 -21.82
N ALA C 71 6.31 -20.92 -22.88
CA ALA C 71 6.92 -19.62 -22.78
C ALA C 71 6.60 -18.85 -24.07
N VAL C 72 6.45 -17.52 -23.99
CA VAL C 72 6.11 -16.70 -25.15
C VAL C 72 7.23 -15.73 -25.40
N VAL C 73 7.62 -15.56 -26.66
CA VAL C 73 8.61 -14.58 -27.03
C VAL C 73 7.93 -13.58 -27.97
N ILE C 74 8.10 -12.28 -27.67
CA ILE C 74 7.56 -11.15 -28.46
C ILE C 74 8.70 -10.38 -29.13
N THR C 75 8.64 -10.20 -30.44
CA THR C 75 9.60 -9.38 -31.13
C THR C 75 8.93 -8.54 -32.24
N GLY C 76 9.72 -7.77 -32.97
CA GLY C 76 9.22 -6.93 -34.05
C GLY C 76 9.80 -7.27 -35.41
N ALA C 77 8.98 -7.16 -36.45
CA ALA C 77 9.45 -7.35 -37.81
C ALA C 77 10.18 -6.07 -38.22
N GLY C 78 11.16 -6.19 -39.13
CA GLY C 78 11.94 -5.05 -39.63
C GLY C 78 12.92 -4.51 -38.59
N LYS C 79 13.23 -3.21 -38.69
CA LYS C 79 14.27 -2.61 -37.86
C LYS C 79 13.81 -2.29 -36.43
N GLY C 80 12.50 -2.13 -36.27
CA GLY C 80 11.96 -1.68 -34.99
C GLY C 80 11.47 -2.82 -34.13
N PHE C 81 11.38 -2.57 -32.82
CA PHE C 81 10.60 -3.51 -31.99
C PHE C 81 9.14 -3.05 -31.92
N CYS C 82 8.89 -1.84 -31.42
CA CYS C 82 7.53 -1.31 -31.35
C CYS C 82 7.55 0.19 -31.04
N SER C 83 6.75 0.98 -31.76
CA SER C 83 6.84 2.45 -31.71
C SER C 83 5.69 3.16 -31.00
N PRO C 94 -13.98 0.89 -32.51
CA PRO C 94 -14.68 -0.38 -32.22
C PRO C 94 -15.61 -0.29 -30.99
N HIS C 95 -16.89 -0.62 -31.20
CA HIS C 95 -17.95 -0.57 -30.17
C HIS C 95 -18.28 0.86 -29.70
N ILE C 96 -18.29 1.79 -30.65
CA ILE C 96 -18.46 3.22 -30.37
C ILE C 96 -19.77 3.84 -30.87
N GLY C 97 -20.68 3.02 -31.38
CA GLY C 97 -22.02 3.51 -31.78
C GLY C 97 -22.61 4.31 -30.63
N GLY C 98 -23.04 5.54 -30.91
CA GLY C 98 -23.67 6.40 -29.90
C GLY C 98 -22.77 7.05 -28.85
N LEU C 99 -21.45 6.88 -28.94
CA LEU C 99 -20.54 7.54 -28.03
C LEU C 99 -20.09 8.91 -28.53
N THR C 100 -19.75 9.81 -27.60
CA THR C 100 -19.13 11.08 -27.97
C THR C 100 -17.62 10.95 -27.86
N GLN C 101 -16.89 11.90 -28.49
CA GLN C 101 -15.41 11.86 -28.53
C GLN C 101 -14.69 11.66 -27.18
N PRO C 102 -15.04 12.45 -26.13
CA PRO C 102 -14.41 12.17 -24.83
C PRO C 102 -14.47 10.71 -24.40
N THR C 103 -15.60 10.06 -24.63
CA THR C 103 -15.77 8.68 -24.17
C THR C 103 -15.06 7.69 -25.10
N ILE C 104 -15.13 7.96 -26.40
CA ILE C 104 -14.37 7.24 -27.41
C ILE C 104 -12.87 7.25 -27.07
N ALA C 105 -12.36 8.42 -26.68
CA ALA C 105 -10.99 8.55 -26.23
C ALA C 105 -10.67 7.72 -24.95
N LEU C 106 -11.57 7.72 -23.97
CA LEU C 106 -11.44 6.79 -22.81
C LEU C 106 -11.42 5.33 -23.30
N ARG C 107 -12.38 4.96 -24.15
CA ARG C 107 -12.37 3.60 -24.73
C ARG C 107 -11.04 3.29 -25.40
N SER C 108 -10.50 4.25 -26.15
CA SER C 108 -9.26 3.99 -26.89
C SER C 108 -8.04 3.78 -25.95
N MET C 109 -7.92 4.59 -24.91
CA MET C 109 -6.92 4.35 -23.84
C MET C 109 -7.11 2.99 -23.15
N GLU C 110 -8.38 2.60 -22.92
CA GLU C 110 -8.70 1.37 -22.22
C GLU C 110 -8.17 0.12 -22.93
N LEU C 111 -8.34 0.10 -24.25
CA LEU C 111 -7.92 -1.02 -25.08
C LEU C 111 -6.40 -1.18 -25.02
N LEU C 112 -5.66 -0.08 -24.87
CA LEU C 112 -4.21 -0.19 -24.77
C LEU C 112 -3.84 -0.64 -23.37
N ASP C 113 -4.53 -0.08 -22.36
CA ASP C 113 -4.41 -0.56 -20.98
C ASP C 113 -4.71 -2.04 -20.87
N GLU C 114 -5.71 -2.52 -21.62
CA GLU C 114 -6.06 -3.93 -21.58
C GLU C 114 -4.96 -4.85 -22.13
N VAL C 115 -4.19 -4.36 -23.10
CA VAL C 115 -3.03 -5.09 -23.65
C VAL C 115 -1.91 -5.28 -22.61
N ILE C 116 -1.55 -4.19 -21.92
CA ILE C 116 -0.61 -4.25 -20.79
C ILE C 116 -1.07 -5.26 -19.73
N LEU C 117 -2.32 -5.15 -19.28
CA LEU C 117 -2.80 -6.05 -18.24
C LEU C 117 -2.88 -7.53 -18.69
N THR C 118 -3.14 -7.73 -19.98
CA THR C 118 -3.21 -9.07 -20.55
C THR C 118 -1.87 -9.80 -20.55
N LEU C 119 -0.80 -9.12 -20.99
CA LEU C 119 0.54 -9.70 -20.90
C LEU C 119 0.84 -10.22 -19.50
N ARG C 120 0.58 -9.35 -18.51
CA ARG C 120 0.79 -9.59 -17.09
C ARG C 120 0.01 -10.81 -16.56
N ARG C 121 -1.14 -11.05 -17.17
CA ARG C 121 -2.09 -12.06 -16.75
C ARG C 121 -1.90 -13.40 -17.49
N MET C 122 -1.11 -13.43 -18.56
CA MET C 122 -0.91 -14.68 -19.30
C MET C 122 -0.31 -15.74 -18.39
N HIS C 123 -0.70 -17.01 -18.60
CA HIS C 123 -0.20 -18.08 -17.75
C HIS C 123 1.32 -18.11 -17.83
N GLN C 124 1.83 -18.02 -19.05
CA GLN C 124 3.24 -18.20 -19.33
C GLN C 124 4.06 -16.89 -19.25
N PRO C 125 5.34 -17.01 -18.84
CA PRO C 125 6.31 -15.92 -18.92
C PRO C 125 6.32 -15.39 -20.33
N VAL C 126 6.46 -14.08 -20.48
CA VAL C 126 6.60 -13.44 -21.77
C VAL C 126 7.98 -12.81 -21.89
N ILE C 127 8.73 -13.23 -22.91
CA ILE C 127 10.08 -12.70 -23.13
C ILE C 127 10.08 -11.69 -24.29
N ALA C 128 10.38 -10.43 -24.00
CA ALA C 128 10.53 -9.43 -25.05
C ALA C 128 11.89 -9.54 -25.72
N ALA C 129 11.88 -9.91 -26.98
CA ALA C 129 13.09 -9.92 -27.81
C ALA C 129 13.17 -8.58 -28.50
N ILE C 130 13.86 -7.65 -27.84
CA ILE C 130 13.89 -6.27 -28.28
C ILE C 130 14.96 -6.06 -29.38
N ASN C 131 14.51 -6.04 -30.62
CA ASN C 131 15.42 -6.05 -31.77
C ASN C 131 15.79 -4.68 -32.27
N GLY C 132 15.06 -3.66 -31.79
CA GLY C 132 15.27 -2.30 -32.26
C GLY C 132 14.60 -1.26 -31.40
N ALA C 133 14.19 -0.15 -32.02
CA ALA C 133 13.47 0.89 -31.30
C ALA C 133 12.32 0.33 -30.44
N ALA C 134 12.33 0.67 -29.16
CA ALA C 134 11.16 0.43 -28.33
C ALA C 134 10.88 1.77 -27.67
N ILE C 135 9.93 2.49 -28.25
CA ILE C 135 9.71 3.89 -27.93
C ILE C 135 8.26 4.10 -27.58
N GLY C 136 8.03 4.90 -26.54
CA GLY C 136 6.67 5.18 -26.02
C GLY C 136 5.91 3.97 -25.52
N GLY C 137 4.70 3.79 -26.04
CA GLY C 137 3.93 2.54 -25.81
C GLY C 137 4.75 1.29 -26.10
N GLY C 138 5.77 1.41 -26.95
CA GLY C 138 6.62 0.28 -27.31
C GLY C 138 7.56 -0.09 -26.18
N LEU C 139 7.99 0.93 -25.44
CA LEU C 139 8.75 0.72 -24.20
C LEU C 139 7.87 0.12 -23.07
N CYS C 140 6.65 0.63 -22.93
CA CYS C 140 5.71 0.15 -21.91
C CYS C 140 5.35 -1.34 -22.17
N LEU C 141 5.19 -1.70 -23.44
CA LEU C 141 4.89 -3.08 -23.84
C LEU C 141 6.00 -4.00 -23.37
N ALA C 142 7.25 -3.63 -23.64
CA ALA C 142 8.43 -4.32 -23.10
C ALA C 142 8.39 -4.44 -21.56
N LEU C 143 8.08 -3.35 -20.88
CA LEU C 143 7.98 -3.39 -19.41
C LEU C 143 6.84 -4.29 -18.88
N ALA C 144 5.79 -4.47 -19.67
CA ALA C 144 4.71 -5.41 -19.35
C ALA C 144 5.10 -6.87 -19.60
N CYS C 145 6.26 -7.11 -20.23
CA CYS C 145 6.76 -8.50 -20.36
C CYS C 145 7.52 -8.89 -19.10
N ASP C 146 7.68 -10.17 -18.87
CA ASP C 146 8.37 -10.60 -17.67
C ASP C 146 9.88 -10.41 -17.75
N VAL C 147 10.47 -10.80 -18.88
CA VAL C 147 11.89 -10.81 -19.11
C VAL C 147 12.17 -10.01 -20.37
N ARG C 148 13.18 -9.13 -20.27
CA ARG C 148 13.54 -8.26 -21.39
C ARG C 148 14.95 -8.56 -21.85
N VAL C 149 15.14 -8.71 -23.16
CA VAL C 149 16.44 -9.03 -23.75
C VAL C 149 16.68 -8.09 -24.94
N ALA C 150 17.79 -7.35 -24.91
CA ALA C 150 18.03 -6.38 -25.94
C ALA C 150 18.98 -6.90 -26.99
N SER C 151 18.69 -6.58 -28.23
CA SER C 151 19.67 -6.63 -29.29
C SER C 151 20.69 -5.54 -28.99
N GLN C 152 21.93 -5.71 -29.46
CA GLN C 152 22.93 -4.64 -29.39
C GLN C 152 22.43 -3.37 -30.08
N ASP C 153 21.50 -3.51 -31.03
CA ASP C 153 20.98 -2.39 -31.83
C ASP C 153 19.66 -1.84 -31.27
N ALA C 154 19.21 -2.40 -30.16
CA ALA C 154 18.01 -1.93 -29.50
C ALA C 154 18.23 -0.60 -28.77
N TYR C 155 17.20 0.20 -28.71
CA TYR C 155 17.24 1.43 -27.94
C TYR C 155 15.85 1.76 -27.42
N PHE C 156 15.76 2.71 -26.48
CA PHE C 156 14.52 2.97 -25.78
C PHE C 156 14.36 4.48 -25.61
N ARG C 157 13.10 4.94 -25.53
CA ARG C 157 12.78 6.35 -25.29
C ARG C 157 11.35 6.44 -24.75
N ALA C 158 11.16 7.31 -23.76
CA ALA C 158 9.86 7.64 -23.24
C ALA C 158 9.21 8.70 -24.14
N ALA C 159 8.82 8.24 -25.33
CA ALA C 159 8.40 9.10 -26.46
C ALA C 159 7.07 9.87 -26.29
N GLY C 160 6.33 9.62 -25.24
CA GLY C 160 5.15 10.42 -24.98
C GLY C 160 5.53 11.90 -24.77
N ILE C 161 6.63 12.16 -24.08
CA ILE C 161 7.08 13.54 -23.89
C ILE C 161 7.58 14.22 -25.19
N ASN C 162 8.28 13.47 -26.06
CA ASN C 162 8.75 14.05 -27.34
C ASN C 162 7.55 14.35 -28.24
N ASN C 163 6.45 13.62 -28.01
CA ASN C 163 5.23 13.81 -28.80
C ASN C 163 4.30 14.92 -28.32
N GLY C 164 4.81 15.77 -27.44
CA GLY C 164 4.07 16.86 -26.81
C GLY C 164 3.01 16.43 -25.78
N LEU C 165 3.05 15.17 -25.35
CA LEU C 165 2.13 14.67 -24.33
C LEU C 165 2.84 14.57 -22.99
N THR C 166 2.49 13.60 -22.14
CA THR C 166 3.28 13.30 -20.95
C THR C 166 4.08 12.05 -21.28
N ALA C 167 5.09 11.74 -20.46
CA ALA C 167 5.91 10.55 -20.70
C ALA C 167 5.21 9.32 -20.20
N SER C 168 4.17 9.54 -19.37
CA SER C 168 3.54 8.47 -18.57
C SER C 168 2.29 7.90 -19.17
N GLU C 169 2.33 6.60 -19.40
CA GLU C 169 1.14 5.85 -19.78
C GLU C 169 1.41 4.38 -19.65
N LEU C 170 0.33 3.60 -19.60
CA LEU C 170 0.44 2.17 -19.78
C LEU C 170 1.38 1.52 -18.76
N GLY C 171 1.47 2.14 -17.57
CA GLY C 171 2.36 1.64 -16.51
C GLY C 171 3.75 2.25 -16.40
N LEU C 172 4.17 2.96 -17.45
CA LEU C 172 5.54 3.50 -17.49
C LEU C 172 6.04 4.08 -16.16
N SER C 173 5.31 5.04 -15.58
CA SER C 173 5.82 5.74 -14.36
C SER C 173 5.78 4.86 -13.12
N TYR C 174 5.14 3.71 -13.24
CA TYR C 174 5.05 2.77 -12.13
C TYR C 174 6.12 1.71 -12.28
N LEU C 175 6.27 1.19 -13.50
CA LEU C 175 7.18 0.05 -13.75
C LEU C 175 8.64 0.42 -14.00
N LEU C 176 8.87 1.58 -14.64
CA LEU C 176 10.25 1.99 -14.92
C LEU C 176 11.08 2.28 -13.65
N PRO C 177 10.51 3.00 -12.63
CA PRO C 177 11.31 3.08 -11.40
C PRO C 177 11.50 1.74 -10.69
N ARG C 178 10.56 0.83 -10.84
CA ARG C 178 10.74 -0.46 -10.20
C ARG C 178 11.69 -1.40 -11.00
N ALA C 179 12.09 -0.98 -12.20
CA ALA C 179 13.09 -1.77 -12.91
C ALA C 179 14.48 -1.13 -12.78
N ILE C 180 14.54 0.21 -12.86
CA ILE C 180 15.82 0.91 -12.92
C ILE C 180 16.08 1.91 -11.80
N GLY C 181 15.10 2.11 -10.92
CA GLY C 181 15.20 3.09 -9.82
C GLY C 181 14.78 4.50 -10.23
N THR C 182 14.38 5.30 -9.24
CA THR C 182 13.87 6.66 -9.49
C THR C 182 14.81 7.58 -10.29
N SER C 183 16.04 7.81 -9.80
CA SER C 183 17.03 8.70 -10.42
C SER C 183 17.08 8.56 -11.94
N ARG C 184 17.29 7.33 -12.38
CA ARG C 184 17.43 7.00 -13.79
C ARG C 184 16.13 7.06 -14.55
N ALA C 185 15.03 6.64 -13.92
CA ALA C 185 13.71 6.71 -14.53
C ALA C 185 13.26 8.16 -14.81
N SER C 186 13.46 9.06 -13.85
CA SER C 186 13.02 10.45 -14.00
C SER C 186 13.80 11.18 -15.09
N ASP C 187 15.11 10.96 -15.09
CA ASP C 187 15.99 11.48 -16.12
C ASP C 187 15.48 11.04 -17.49
N ILE C 188 15.28 9.74 -17.63
CA ILE C 188 14.81 9.21 -18.91
C ILE C 188 13.46 9.81 -19.36
N MET C 189 12.53 9.95 -18.42
CA MET C 189 11.17 10.34 -18.76
C MET C 189 10.99 11.84 -18.97
N LEU C 190 11.80 12.65 -18.29
CA LEU C 190 11.64 14.10 -18.38
C LEU C 190 12.47 14.69 -19.52
N THR C 191 13.50 13.95 -19.97
CA THR C 191 14.36 14.44 -21.04
C THR C 191 13.97 13.88 -22.39
N GLY C 192 13.22 12.79 -22.38
CA GLY C 192 12.89 12.07 -23.60
C GLY C 192 14.09 11.75 -24.47
N ARG C 193 15.21 11.42 -23.84
CA ARG C 193 16.45 11.01 -24.54
C ARG C 193 16.42 9.55 -24.98
N ASP C 194 17.30 9.21 -25.93
CA ASP C 194 17.54 7.81 -26.33
C ASP C 194 18.38 7.02 -25.29
N VAL C 195 17.95 5.79 -25.03
CA VAL C 195 18.68 4.91 -24.13
C VAL C 195 19.17 3.72 -24.95
N ASP C 196 20.47 3.68 -25.23
CA ASP C 196 21.00 2.64 -26.15
C ASP C 196 21.08 1.28 -25.44
N ALA C 197 21.41 0.21 -26.18
CA ALA C 197 21.42 -1.14 -25.60
C ALA C 197 22.38 -1.26 -24.44
N ASP C 198 23.57 -0.67 -24.60
CA ASP C 198 24.59 -0.66 -23.55
C ASP C 198 24.10 -0.07 -22.24
N GLU C 199 23.36 1.04 -22.31
CA GLU C 199 22.85 1.66 -21.09
C GLU C 199 21.72 0.82 -20.51
N ALA C 200 20.89 0.26 -21.39
CA ALA C 200 19.75 -0.54 -20.96
C ALA C 200 20.17 -1.73 -20.10
N GLU C 201 21.14 -2.50 -20.58
CA GLU C 201 21.72 -3.60 -19.80
C GLU C 201 22.38 -3.09 -18.50
N ARG C 202 23.20 -2.06 -18.60
CA ARG C 202 23.96 -1.54 -17.46
CA ARG C 202 23.96 -1.51 -17.46
C ARG C 202 23.04 -1.10 -16.31
N ILE C 203 21.88 -0.54 -16.65
CA ILE C 203 20.99 -0.05 -15.62
C ILE C 203 19.87 -1.02 -15.22
N GLY C 204 19.71 -2.12 -15.93
CA GLY C 204 18.70 -3.10 -15.56
C GLY C 204 17.34 -2.92 -16.20
N LEU C 205 17.24 -2.09 -17.23
CA LEU C 205 16.02 -1.98 -18.00
C LEU C 205 15.80 -3.31 -18.77
N VAL C 206 16.87 -3.88 -19.32
CA VAL C 206 16.89 -5.26 -19.78
C VAL C 206 17.90 -6.00 -18.91
N SER C 207 17.75 -7.32 -18.81
CA SER C 207 18.65 -8.16 -18.02
C SER C 207 19.79 -8.79 -18.83
N ARG C 208 19.68 -8.75 -20.15
CA ARG C 208 20.68 -9.36 -21.04
C ARG C 208 20.84 -8.56 -22.32
N LYS C 209 22.05 -8.54 -22.86
CA LYS C 209 22.28 -7.85 -24.11
C LYS C 209 23.07 -8.74 -25.05
N VAL C 210 22.53 -9.02 -26.23
CA VAL C 210 23.21 -9.91 -27.18
C VAL C 210 23.36 -9.32 -28.60
N ALA C 211 24.19 -9.97 -29.40
CA ALA C 211 24.32 -9.60 -30.81
C ALA C 211 22.97 -9.79 -31.51
N SER C 212 22.65 -8.89 -32.42
CA SER C 212 21.47 -9.00 -33.25
C SER C 212 21.24 -10.43 -33.79
N GLU C 213 22.27 -11.04 -34.37
CA GLU C 213 22.06 -12.35 -34.96
C GLU C 213 21.72 -13.45 -33.93
N SER C 214 21.95 -13.15 -32.64
CA SER C 214 21.79 -14.13 -31.58
C SER C 214 20.55 -13.87 -30.72
N LEU C 215 19.76 -12.86 -31.06
CA LEU C 215 18.69 -12.41 -30.17
C LEU C 215 17.63 -13.48 -29.92
N LEU C 216 17.08 -14.03 -30.99
CA LEU C 216 16.00 -15.00 -30.91
C LEU C 216 16.47 -16.33 -30.32
N GLU C 217 17.69 -16.74 -30.68
CA GLU C 217 18.37 -17.88 -30.05
C GLU C 217 18.50 -17.72 -28.53
N GLU C 218 18.85 -16.53 -28.05
CA GLU C 218 19.00 -16.31 -26.60
C GLU C 218 17.67 -16.45 -25.86
N CYS C 219 16.62 -15.87 -26.43
CA CYS C 219 15.28 -15.96 -25.89
C CYS C 219 14.71 -17.40 -25.90
N TYR C 220 15.01 -18.16 -26.97
CA TYR C 220 14.59 -19.57 -27.05
C TYR C 220 15.24 -20.41 -25.97
N ALA C 221 16.55 -20.26 -25.80
CA ALA C 221 17.24 -20.96 -24.69
C ALA C 221 16.60 -20.67 -23.32
N ILE C 222 16.24 -19.43 -23.09
CA ILE C 222 15.57 -19.01 -21.85
C ILE C 222 14.20 -19.63 -21.76
N GLY C 223 13.45 -19.59 -22.88
CA GLY C 223 12.13 -20.23 -22.99
C GLY C 223 12.14 -21.74 -22.72
N GLU C 224 13.13 -22.42 -23.30
CA GLU C 224 13.32 -23.88 -23.07
C GLU C 224 13.78 -24.24 -21.65
N ARG C 225 14.53 -23.35 -21.01
CA ARG C 225 14.79 -23.52 -19.59
C ARG C 225 13.48 -23.46 -18.81
N ILE C 226 12.62 -22.52 -19.17
CA ILE C 226 11.34 -22.31 -18.49
C ILE C 226 10.44 -23.53 -18.72
N ALA C 227 10.44 -24.02 -19.96
CA ALA C 227 9.68 -25.21 -20.35
C ALA C 227 10.11 -26.45 -19.58
N GLY C 228 11.38 -26.50 -19.18
CA GLY C 228 11.92 -27.63 -18.43
C GLY C 228 11.44 -27.70 -16.99
N PHE C 229 10.93 -26.58 -16.49
CA PHE C 229 10.52 -26.47 -15.11
C PHE C 229 9.01 -26.78 -14.98
N SER C 230 8.53 -26.98 -13.74
CA SER C 230 7.10 -27.18 -13.44
C SER C 230 6.21 -26.09 -14.06
N ARG C 231 5.09 -26.50 -14.64
CA ARG C 231 4.12 -25.56 -15.19
C ARG C 231 3.41 -24.72 -14.09
N PRO C 232 2.77 -25.37 -13.09
CA PRO C 232 2.25 -24.53 -11.99
C PRO C 232 3.38 -23.81 -11.31
N GLY C 233 4.55 -24.45 -11.21
CA GLY C 233 5.70 -23.82 -10.60
C GLY C 233 6.01 -22.49 -11.27
N ILE C 234 6.13 -22.52 -12.59
CA ILE C 234 6.39 -21.30 -13.36
C ILE C 234 5.28 -20.26 -13.24
N GLU C 235 4.04 -20.72 -13.31
CA GLU C 235 2.88 -19.82 -13.37
C GLU C 235 2.72 -19.02 -12.09
N LEU C 236 2.92 -19.69 -10.95
CA LEU C 236 2.86 -19.05 -9.65
C LEU C 236 4.07 -18.13 -9.40
N THR C 237 5.26 -18.54 -9.89
CA THR C 237 6.43 -17.64 -9.89
C THR C 237 6.11 -16.29 -10.55
N LYS C 238 5.64 -16.30 -11.80
CA LYS C 238 5.28 -15.07 -12.52
C LYS C 238 4.30 -14.23 -11.71
N ARG C 239 3.18 -14.85 -11.33
CA ARG C 239 2.15 -14.21 -10.53
C ARG C 239 2.68 -13.60 -9.24
N THR C 240 3.49 -14.33 -8.46
CA THR C 240 4.03 -13.76 -7.23
C THR C 240 4.89 -12.54 -7.48
N ILE C 241 5.61 -12.52 -8.61
CA ILE C 241 6.45 -11.40 -8.95
C ILE C 241 5.60 -10.17 -9.26
N TRP C 242 4.67 -10.33 -10.19
CA TRP C 242 3.73 -9.25 -10.49
C TRP C 242 2.95 -8.81 -9.24
N SER C 243 2.36 -9.78 -8.53
CA SER C 243 1.63 -9.48 -7.28
C SER C 243 2.50 -8.80 -6.23
N GLY C 244 3.79 -9.15 -6.22
CA GLY C 244 4.71 -8.60 -5.24
C GLY C 244 4.96 -7.14 -5.47
N LEU C 245 4.83 -6.69 -6.72
CA LEU C 245 4.87 -5.29 -7.00
C LEU C 245 3.64 -4.60 -6.38
N ASP C 246 2.46 -5.23 -6.52
CA ASP C 246 1.22 -4.74 -5.90
C ASP C 246 0.99 -5.25 -4.47
N ALA C 247 2.07 -5.29 -3.69
CA ALA C 247 1.99 -5.62 -2.28
C ALA C 247 2.71 -4.51 -1.54
N ALA C 248 2.24 -4.14 -0.37
CA ALA C 248 3.03 -3.23 0.48
C ALA C 248 3.33 -3.80 1.87
N SER C 249 3.19 -5.11 1.99
CA SER C 249 3.56 -5.81 3.21
C SER C 249 4.30 -7.12 2.93
N LEU C 250 5.56 -7.17 3.37
CA LEU C 250 6.38 -8.39 3.31
C LEU C 250 5.65 -9.63 3.82
N GLU C 251 5.10 -9.53 5.01
CA GLU C 251 4.49 -10.65 5.72
C GLU C 251 3.27 -11.14 4.98
N SER C 252 2.47 -10.19 4.51
CA SER C 252 1.36 -10.53 3.64
C SER C 252 1.81 -11.31 2.44
N HIS C 253 2.74 -10.74 1.67
CA HIS C 253 3.11 -11.38 0.44
C HIS C 253 3.69 -12.77 0.72
N MET C 254 4.42 -12.94 1.84
CA MET C 254 4.98 -14.27 2.18
C MET C 254 3.92 -15.37 2.33
N HIS C 255 2.74 -15.01 2.78
CA HIS C 255 1.65 -15.98 2.87
C HIS C 255 1.31 -16.58 1.48
N GLN C 256 1.05 -15.70 0.50
CA GLN C 256 0.92 -16.10 -0.93
C GLN C 256 2.10 -16.98 -1.47
N GLU C 257 3.32 -16.61 -1.14
CA GLU C 257 4.46 -17.35 -1.72
C GLU C 257 4.49 -18.76 -1.14
N GLY C 258 4.39 -18.83 0.18
CA GLY C 258 4.39 -20.13 0.89
C GLY C 258 3.27 -21.08 0.49
N LEU C 259 2.05 -20.56 0.43
CA LEU C 259 0.94 -21.39 0.02
C LEU C 259 1.20 -22.02 -1.35
N GLY C 260 1.65 -21.21 -2.29
CA GLY C 260 1.95 -21.70 -3.65
C GLY C 260 3.07 -22.71 -3.60
N GLN C 261 4.09 -22.42 -2.79
CA GLN C 261 5.19 -23.37 -2.63
C GLN C 261 4.74 -24.70 -2.01
N LEU C 262 3.87 -24.64 -1.04
CA LEU C 262 3.40 -25.89 -0.44
C LEU C 262 2.48 -26.67 -1.38
N TYR C 263 1.68 -25.92 -2.14
CA TYR C 263 0.72 -26.46 -3.07
C TYR C 263 1.41 -27.36 -4.07
N VAL C 264 2.45 -26.86 -4.73
CA VAL C 264 3.21 -27.67 -5.69
C VAL C 264 4.02 -28.77 -4.97
N ARG C 265 4.52 -28.49 -3.77
CA ARG C 265 5.34 -29.48 -3.06
C ARG C 265 4.56 -30.77 -2.70
N LEU C 266 3.36 -30.60 -2.15
CA LEU C 266 2.52 -31.73 -1.72
C LEU C 266 1.67 -32.33 -2.84
N LEU C 267 1.28 -31.51 -3.81
CA LEU C 267 0.43 -32.00 -4.89
C LEU C 267 1.17 -32.56 -6.10
N THR C 268 2.50 -32.48 -6.11
CA THR C 268 3.27 -33.12 -7.19
C THR C 268 4.38 -33.90 -6.54
N ASP C 269 5.06 -34.74 -7.33
CA ASP C 269 6.31 -35.30 -6.85
C ASP C 269 7.54 -34.66 -7.52
N ASN C 270 7.42 -33.40 -7.91
CA ASN C 270 8.54 -32.70 -8.54
C ASN C 270 9.83 -32.67 -7.69
N PHE C 271 9.71 -32.29 -6.42
CA PHE C 271 10.86 -32.12 -5.55
C PHE C 271 11.66 -33.43 -5.48
N GLU C 272 10.94 -34.53 -5.28
CA GLU C 272 11.54 -35.87 -5.28
C GLU C 272 12.17 -36.21 -6.63
N GLU C 273 11.55 -35.77 -7.72
CA GLU C 273 12.09 -35.96 -9.06
C GLU C 273 13.38 -35.14 -9.32
N ALA C 274 13.40 -33.88 -8.89
CA ALA C 274 14.60 -33.07 -9.02
C ALA C 274 15.77 -33.81 -8.34
N THR C 275 15.57 -34.19 -7.09
CA THR C 275 16.49 -35.01 -6.32
C THR C 275 16.99 -36.24 -7.12
N ALA C 276 16.06 -37.04 -7.63
CA ALA C 276 16.41 -38.26 -8.37
C ALA C 276 17.20 -37.97 -9.64
N ALA C 277 16.83 -36.90 -10.34
CA ALA C 277 17.48 -36.53 -11.60
C ALA C 277 18.93 -36.13 -11.40
N ARG C 278 19.19 -35.25 -10.45
CA ARG C 278 20.55 -34.88 -10.06
C ARG C 278 21.41 -36.12 -9.77
N LYS C 279 20.92 -36.95 -8.85
CA LYS C 279 21.60 -38.17 -8.42
C LYS C 279 21.89 -39.11 -9.60
N GLU C 280 21.00 -39.12 -10.61
CA GLU C 280 21.18 -39.96 -11.80
C GLU C 280 21.78 -39.20 -12.99
N LYS C 281 22.27 -38.00 -12.73
CA LYS C 281 22.81 -37.10 -13.76
C LYS C 281 22.05 -37.18 -15.09
N ARG C 282 20.75 -36.92 -15.00
CA ARG C 282 19.89 -36.79 -16.18
C ARG C 282 19.09 -35.51 -15.96
N PRO C 283 18.53 -34.94 -17.04
CA PRO C 283 17.59 -33.83 -16.84
C PRO C 283 16.30 -34.26 -16.11
N ALA C 284 15.80 -33.38 -15.25
CA ALA C 284 14.53 -33.61 -14.56
C ALA C 284 13.36 -33.53 -15.54
N GLU C 285 12.38 -34.41 -15.37
CA GLU C 285 11.19 -34.45 -16.21
C GLU C 285 9.97 -34.37 -15.29
N PHE C 286 9.62 -33.14 -14.91
CA PHE C 286 8.58 -32.89 -13.91
C PHE C 286 7.19 -33.28 -14.41
N ARG C 287 6.49 -34.05 -13.60
CA ARG C 287 5.18 -34.54 -13.96
C ARG C 287 4.02 -33.67 -13.44
N ASP C 288 4.33 -32.80 -12.46
CA ASP C 288 3.34 -31.85 -11.90
C ASP C 288 2.14 -32.62 -11.33
N LYS C 289 2.44 -33.73 -10.67
CA LYS C 289 1.44 -34.69 -10.23
C LYS C 289 2.12 -35.68 -9.28
N ARG C 290 1.33 -36.31 -8.41
CA ARG C 290 1.79 -37.49 -7.67
C ARG C 290 1.29 -38.81 -8.28
N PHE D 24 -15.96 37.47 3.53
CA PHE D 24 -15.65 36.20 2.77
C PHE D 24 -15.48 34.99 3.70
N VAL D 25 -14.48 35.09 4.57
CA VAL D 25 -14.29 34.17 5.68
C VAL D 25 -14.10 35.01 6.97
N LEU D 26 -14.88 34.70 7.99
CA LEU D 26 -14.69 35.35 9.29
C LEU D 26 -13.99 34.36 10.24
N VAL D 27 -13.22 34.88 11.18
CA VAL D 27 -12.62 34.05 12.25
C VAL D 27 -12.88 34.71 13.62
N ASP D 28 -13.32 33.91 14.58
CA ASP D 28 -13.53 34.35 15.96
C ASP D 28 -12.83 33.44 16.98
N ARG D 29 -12.79 33.91 18.22
CA ARG D 29 -12.32 33.11 19.35
C ARG D 29 -13.47 33.00 20.36
N PRO D 30 -14.44 32.10 20.11
CA PRO D 30 -15.60 31.96 21.02
C PRO D 30 -15.28 31.34 22.37
N ARG D 31 -14.12 30.69 22.46
CA ARG D 31 -13.52 30.27 23.73
C ARG D 31 -12.04 30.53 23.53
N PRO D 32 -11.30 30.75 24.63
CA PRO D 32 -9.94 31.25 24.46
C PRO D 32 -8.99 30.35 23.63
N GLU D 33 -9.25 29.04 23.54
CA GLU D 33 -8.39 28.17 22.70
C GLU D 33 -9.09 27.53 21.51
N ILE D 34 -10.21 28.14 21.13
CA ILE D 34 -11.00 27.63 20.04
C ILE D 34 -11.21 28.71 18.99
N ALA D 35 -10.67 28.46 17.81
CA ALA D 35 -10.88 29.35 16.68
C ALA D 35 -12.12 28.90 15.91
N LEU D 36 -13.03 29.83 15.64
CA LEU D 36 -14.18 29.49 14.79
C LEU D 36 -14.03 30.13 13.42
N VAL D 37 -14.00 29.28 12.41
CA VAL D 37 -13.90 29.72 11.03
C VAL D 37 -15.28 29.65 10.40
N THR D 38 -15.82 30.81 9.99
CA THR D 38 -17.15 30.86 9.36
C THR D 38 -17.05 31.14 7.86
N LEU D 39 -17.35 30.12 7.06
CA LEU D 39 -17.49 30.33 5.62
C LEU D 39 -18.65 31.33 5.46
N ASN D 40 -18.36 32.50 4.87
CA ASN D 40 -19.26 33.67 4.91
C ASN D 40 -19.74 34.24 3.55
N ARG D 41 -20.23 33.38 2.66
CA ARG D 41 -20.89 33.89 1.46
C ARG D 41 -22.30 33.30 1.38
N PRO D 42 -23.16 33.63 2.35
CA PRO D 42 -24.44 32.92 2.49
C PRO D 42 -25.34 32.99 1.25
N GLU D 43 -25.37 34.14 0.58
CA GLU D 43 -26.21 34.29 -0.62
C GLU D 43 -25.98 33.15 -1.62
N ARG D 44 -24.75 32.64 -1.68
CA ARG D 44 -24.42 31.51 -2.57
C ARG D 44 -24.00 30.21 -1.85
N MET D 45 -24.69 29.92 -0.74
CA MET D 45 -24.50 28.70 0.07
C MET D 45 -23.03 28.41 0.46
N ASN D 46 -22.26 29.48 0.56
CA ASN D 46 -20.83 29.48 0.93
C ASN D 46 -19.99 28.64 -0.06
N ALA D 47 -20.31 28.80 -1.35
CA ALA D 47 -19.74 27.98 -2.42
C ALA D 47 -18.24 28.09 -2.57
N MET D 48 -17.65 26.96 -3.01
CA MET D 48 -16.34 26.91 -3.65
C MET D 48 -16.19 28.09 -4.64
N ALA D 49 -15.12 28.86 -4.47
CA ALA D 49 -14.88 30.07 -5.23
C ALA D 49 -13.40 30.41 -5.19
N PHE D 50 -12.80 30.61 -6.36
CA PHE D 50 -11.35 30.78 -6.43
C PHE D 50 -10.95 32.15 -5.90
N ASP D 51 -11.70 32.60 -4.89
CA ASP D 51 -11.48 33.87 -4.17
C ASP D 51 -12.09 33.77 -2.74
N VAL D 52 -12.94 32.78 -2.52
CA VAL D 52 -13.32 32.36 -1.17
C VAL D 52 -12.31 31.31 -0.69
N MET D 53 -11.89 30.43 -1.62
CA MET D 53 -10.98 29.29 -1.35
C MET D 53 -9.52 29.61 -0.99
N LEU D 54 -8.79 30.37 -1.81
CA LEU D 54 -7.35 30.62 -1.47
C LEU D 54 -7.11 31.58 -0.28
N PRO D 55 -8.05 32.51 -0.04
CA PRO D 55 -7.77 33.30 1.17
C PRO D 55 -7.68 32.28 2.29
N PHE D 56 -8.79 31.56 2.44
CA PHE D 56 -9.00 30.41 3.30
C PHE D 56 -7.75 29.60 3.64
N LYS D 57 -6.97 29.25 2.63
CA LYS D 57 -5.79 28.40 2.75
C LYS D 57 -4.75 29.04 3.67
N GLN D 58 -4.51 30.32 3.44
CA GLN D 58 -3.56 31.05 4.25
C GLN D 58 -4.10 31.33 5.67
N MET D 59 -5.41 31.52 5.81
CA MET D 59 -6.02 31.62 7.12
C MET D 59 -5.81 30.32 7.92
N LEU D 60 -5.98 29.17 7.25
CA LEU D 60 -5.71 27.89 7.87
C LEU D 60 -4.27 27.77 8.32
N VAL D 61 -3.34 28.23 7.47
CA VAL D 61 -1.91 28.17 7.76
C VAL D 61 -1.62 28.99 9.03
N ASP D 62 -2.22 30.17 9.11
CA ASP D 62 -1.98 31.10 10.21
C ASP D 62 -2.54 30.59 11.54
N ILE D 63 -3.78 30.10 11.50
CA ILE D 63 -4.37 29.41 12.63
C ILE D 63 -3.49 28.24 13.08
N SER D 64 -3.00 27.46 12.12
CA SER D 64 -2.07 26.37 12.47
C SER D 64 -0.81 26.86 13.23
N HIS D 65 -0.23 27.99 12.81
CA HIS D 65 0.91 28.58 13.53
C HIS D 65 0.47 29.35 14.78
N ASP D 66 -0.82 29.47 15.03
CA ASP D 66 -1.27 30.24 16.18
C ASP D 66 -1.34 29.35 17.43
N ASN D 67 -0.37 29.51 18.32
CA ASN D 67 -0.26 28.69 19.53
C ASN D 67 -1.33 28.97 20.61
N ASP D 68 -2.11 30.03 20.44
CA ASP D 68 -3.26 30.23 21.35
C ASP D 68 -4.42 29.27 21.06
N VAL D 69 -4.38 28.62 19.90
CA VAL D 69 -5.50 27.84 19.44
C VAL D 69 -5.20 26.34 19.57
N ARG D 70 -6.08 25.62 20.28
CA ARG D 70 -5.92 24.16 20.48
C ARG D 70 -6.85 23.34 19.59
N ALA D 71 -7.98 23.94 19.18
CA ALA D 71 -9.00 23.26 18.40
C ALA D 71 -9.66 24.24 17.43
N VAL D 72 -10.08 23.73 16.27
CA VAL D 72 -10.71 24.58 15.26
C VAL D 72 -12.09 24.08 14.88
N VAL D 73 -13.04 25.01 14.83
CA VAL D 73 -14.41 24.70 14.41
C VAL D 73 -14.71 25.44 13.09
N ILE D 74 -15.27 24.72 12.13
CA ILE D 74 -15.63 25.33 10.87
C ILE D 74 -17.12 25.14 10.68
N THR D 75 -17.77 26.19 10.19
CA THR D 75 -19.18 26.18 9.96
C THR D 75 -19.48 27.17 8.85
N GLY D 76 -20.72 27.20 8.37
CA GLY D 76 -21.11 28.17 7.37
C GLY D 76 -22.09 29.19 7.90
N ALA D 77 -22.04 30.38 7.33
CA ALA D 77 -23.01 31.44 7.64
C ALA D 77 -24.32 31.12 6.92
N GLY D 78 -25.43 31.59 7.48
CA GLY D 78 -26.73 31.38 6.85
C GLY D 78 -27.16 29.92 6.96
N LYS D 79 -27.96 29.47 6.00
CA LYS D 79 -28.60 28.16 6.12
C LYS D 79 -27.74 26.98 5.66
N GLY D 80 -26.84 27.21 4.69
CA GLY D 80 -25.97 26.17 4.19
C GLY D 80 -24.67 26.02 4.97
N PHE D 81 -23.99 24.90 4.76
CA PHE D 81 -22.66 24.75 5.33
C PHE D 81 -21.65 25.16 4.27
N CYS D 82 -21.56 24.37 3.21
CA CYS D 82 -20.70 24.63 2.07
C CYS D 82 -21.14 23.88 0.84
N SER D 83 -21.26 24.62 -0.27
CA SER D 83 -21.46 24.05 -1.59
C SER D 83 -20.12 23.73 -2.25
N GLY D 91 -14.16 36.00 -10.55
CA GLY D 91 -13.13 35.41 -9.70
C GLY D 91 -11.97 34.82 -10.51
N PRO D 92 -10.76 35.42 -10.40
CA PRO D 92 -9.63 35.03 -11.21
C PRO D 92 -8.70 34.03 -10.51
N ILE D 93 -8.41 32.91 -11.18
CA ILE D 93 -7.40 32.00 -10.70
C ILE D 93 -6.10 32.81 -10.78
N PRO D 94 -5.43 33.01 -9.64
CA PRO D 94 -4.21 33.83 -9.66
C PRO D 94 -3.03 33.08 -10.27
N HIS D 95 -1.96 33.82 -10.57
CA HIS D 95 -0.70 33.29 -11.15
C HIS D 95 -0.94 32.55 -12.48
N ILE D 96 -1.59 33.26 -13.41
CA ILE D 96 -2.16 32.67 -14.62
C ILE D 96 -1.56 33.16 -15.96
N GLY D 97 -0.87 34.30 -15.93
CA GLY D 97 -0.27 34.90 -17.14
C GLY D 97 0.69 33.90 -17.76
N GLY D 98 0.61 33.74 -19.09
CA GLY D 98 1.46 32.79 -19.83
C GLY D 98 0.90 31.38 -19.98
N LEU D 99 -0.19 31.09 -19.24
CA LEU D 99 -0.76 29.75 -19.22
C LEU D 99 -1.89 29.58 -20.23
N THR D 100 -2.19 28.32 -20.56
CA THR D 100 -3.32 28.01 -21.44
C THR D 100 -4.41 27.28 -20.67
N GLN D 101 -5.58 27.15 -21.28
CA GLN D 101 -6.78 26.54 -20.68
C GLN D 101 -6.50 25.23 -19.89
N PRO D 102 -5.87 24.21 -20.52
CA PRO D 102 -5.62 22.97 -19.78
C PRO D 102 -4.83 23.13 -18.51
N THR D 103 -3.79 23.97 -18.53
CA THR D 103 -2.96 24.17 -17.35
C THR D 103 -3.68 25.05 -16.34
N ILE D 104 -4.39 26.06 -16.83
CA ILE D 104 -5.18 26.91 -15.95
C ILE D 104 -6.17 26.06 -15.15
N ALA D 105 -6.75 25.08 -15.80
CA ALA D 105 -7.72 24.23 -15.15
C ALA D 105 -7.02 23.32 -14.12
N LEU D 106 -5.79 22.88 -14.42
CA LEU D 106 -5.03 22.09 -13.44
C LEU D 106 -4.76 22.94 -12.20
N ARG D 107 -4.27 24.18 -12.40
CA ARG D 107 -4.02 25.10 -11.28
C ARG D 107 -5.25 25.29 -10.40
N SER D 108 -6.42 25.44 -11.01
CA SER D 108 -7.62 25.75 -10.20
C SER D 108 -8.08 24.57 -9.33
N MET D 109 -8.04 23.36 -9.90
CA MET D 109 -8.30 22.12 -9.16
C MET D 109 -7.27 21.90 -8.05
N GLU D 110 -6.02 22.24 -8.36
CA GLU D 110 -4.93 22.17 -7.39
C GLU D 110 -5.17 23.09 -6.18
N LEU D 111 -5.76 24.26 -6.43
CA LEU D 111 -6.08 25.20 -5.36
C LEU D 111 -7.05 24.54 -4.39
N LEU D 112 -8.00 23.77 -4.93
CA LEU D 112 -8.95 23.11 -4.07
C LEU D 112 -8.34 21.94 -3.37
N ASP D 113 -7.50 21.17 -4.09
CA ASP D 113 -6.85 20.01 -3.51
C ASP D 113 -6.00 20.42 -2.32
N GLU D 114 -5.44 21.62 -2.37
CA GLU D 114 -4.58 22.10 -1.31
C GLU D 114 -5.36 22.52 -0.07
N VAL D 115 -6.59 22.96 -0.28
CA VAL D 115 -7.48 23.23 0.85
C VAL D 115 -7.71 21.95 1.64
N ILE D 116 -8.07 20.87 0.93
CA ILE D 116 -8.27 19.58 1.56
C ILE D 116 -7.03 19.22 2.38
N LEU D 117 -5.86 19.33 1.74
CA LEU D 117 -4.59 18.89 2.29
C LEU D 117 -4.08 19.78 3.43
N THR D 118 -4.46 21.05 3.42
CA THR D 118 -4.06 21.99 4.46
C THR D 118 -4.80 21.72 5.76
N LEU D 119 -6.07 21.34 5.66
CA LEU D 119 -6.87 20.99 6.84
C LEU D 119 -6.28 19.80 7.57
N ARG D 120 -5.89 18.79 6.79
CA ARG D 120 -5.28 17.56 7.26
C ARG D 120 -3.94 17.83 7.93
N ARG D 121 -3.21 18.83 7.40
CA ARG D 121 -1.86 19.20 7.87
C ARG D 121 -1.84 20.08 9.11
N MET D 122 -2.91 20.81 9.35
CA MET D 122 -2.94 21.70 10.54
C MET D 122 -2.58 20.95 11.85
N HIS D 123 -1.92 21.65 12.76
CA HIS D 123 -1.56 21.04 14.04
C HIS D 123 -2.80 20.62 14.83
N GLN D 124 -3.80 21.51 14.85
CA GLN D 124 -4.96 21.32 15.66
C GLN D 124 -5.98 20.47 14.90
N PRO D 125 -6.82 19.72 15.65
CA PRO D 125 -7.99 19.03 15.09
C PRO D 125 -8.97 20.06 14.59
N VAL D 126 -9.66 19.73 13.50
CA VAL D 126 -10.64 20.62 12.91
C VAL D 126 -11.96 19.89 13.04
N ILE D 127 -12.94 20.57 13.62
CA ILE D 127 -14.30 20.05 13.81
C ILE D 127 -15.31 20.74 12.85
N ALA D 128 -15.92 19.96 11.98
CA ALA D 128 -16.97 20.47 11.09
C ALA D 128 -18.31 20.56 11.83
N ALA D 129 -18.75 21.80 12.04
CA ALA D 129 -20.08 22.11 12.55
C ALA D 129 -20.98 22.27 11.32
N ILE D 130 -21.60 21.15 10.94
CA ILE D 130 -22.37 21.09 9.70
C ILE D 130 -23.81 21.53 9.95
N ASN D 131 -24.05 22.80 9.63
CA ASN D 131 -25.30 23.49 9.97
C ASN D 131 -26.41 23.33 8.93
N GLY D 132 -26.02 22.98 7.71
CA GLY D 132 -26.97 22.86 6.61
C GLY D 132 -26.34 22.06 5.49
N ALA D 133 -26.76 22.34 4.26
CA ALA D 133 -26.26 21.65 3.07
C ALA D 133 -24.72 21.55 3.02
N ALA D 134 -24.22 20.35 2.79
CA ALA D 134 -22.81 20.15 2.44
C ALA D 134 -22.79 19.27 1.22
N ILE D 135 -22.69 19.90 0.05
CA ILE D 135 -22.81 19.17 -1.19
C ILE D 135 -21.57 19.43 -2.02
N GLY D 136 -21.18 18.41 -2.79
CA GLY D 136 -20.02 18.50 -3.66
C GLY D 136 -18.76 18.75 -2.83
N GLY D 137 -18.00 19.74 -3.22
CA GLY D 137 -16.85 20.19 -2.44
C GLY D 137 -17.13 20.43 -0.95
N GLY D 138 -18.39 20.64 -0.60
CA GLY D 138 -18.76 20.91 0.78
C GLY D 138 -18.71 19.64 1.58
N LEU D 139 -19.30 18.58 1.04
CA LEU D 139 -19.09 17.21 1.57
C LEU D 139 -17.60 16.85 1.63
N CYS D 140 -16.85 17.19 0.57
CA CYS D 140 -15.40 16.92 0.58
C CYS D 140 -14.69 17.64 1.71
N LEU D 141 -15.07 18.89 1.95
CA LEU D 141 -14.46 19.68 3.02
C LEU D 141 -14.68 19.01 4.36
N ALA D 142 -15.93 18.60 4.60
CA ALA D 142 -16.30 18.02 5.88
C ALA D 142 -15.52 16.74 6.16
N LEU D 143 -15.34 15.91 5.13
CA LEU D 143 -14.48 14.73 5.26
C LEU D 143 -12.98 15.08 5.44
N ALA D 144 -12.57 16.30 5.07
CA ALA D 144 -11.19 16.69 5.26
C ALA D 144 -10.98 17.13 6.71
N CYS D 145 -12.08 17.25 7.45
CA CYS D 145 -12.04 17.66 8.85
C CYS D 145 -11.87 16.40 9.68
N ASP D 146 -11.34 16.57 10.90
CA ASP D 146 -11.14 15.43 11.80
C ASP D 146 -12.43 14.86 12.37
N VAL D 147 -13.27 15.72 12.92
CA VAL D 147 -14.52 15.31 13.52
C VAL D 147 -15.67 16.04 12.81
N ARG D 148 -16.79 15.34 12.60
CA ARG D 148 -17.94 15.86 11.87
C ARG D 148 -19.17 15.80 12.77
N VAL D 149 -19.80 16.94 12.97
CA VAL D 149 -20.99 17.02 13.79
C VAL D 149 -22.06 17.69 12.97
N ALA D 150 -23.20 17.01 12.88
CA ALA D 150 -24.37 17.42 12.10
C ALA D 150 -25.42 18.07 12.98
N SER D 151 -25.97 19.14 12.44
CA SER D 151 -27.21 19.70 12.93
C SER D 151 -28.29 18.81 12.36
N GLN D 152 -29.42 18.75 13.05
CA GLN D 152 -30.62 18.10 12.51
C GLN D 152 -30.95 18.64 11.10
N ASP D 153 -30.53 19.87 10.79
CA ASP D 153 -30.84 20.49 9.48
C ASP D 153 -29.79 20.25 8.38
N ALA D 154 -28.72 19.57 8.75
CA ALA D 154 -27.63 19.25 7.82
C ALA D 154 -28.06 18.21 6.80
N TYR D 155 -27.55 18.33 5.58
CA TYR D 155 -27.65 17.25 4.60
C TYR D 155 -26.44 17.24 3.68
N PHE D 156 -26.23 16.09 3.02
CA PHE D 156 -25.02 15.80 2.23
C PHE D 156 -25.36 15.27 0.86
N ARG D 157 -24.56 15.68 -0.13
CA ARG D 157 -24.74 15.15 -1.48
C ARG D 157 -23.44 15.13 -2.27
N ALA D 158 -23.23 14.06 -3.05
CA ALA D 158 -22.04 13.94 -3.90
C ALA D 158 -22.28 14.67 -5.21
N ALA D 159 -22.42 16.00 -5.09
CA ALA D 159 -23.02 16.86 -6.13
C ALA D 159 -22.29 16.92 -7.48
N GLY D 160 -21.02 16.50 -7.54
CA GLY D 160 -20.33 16.44 -8.83
C GLY D 160 -21.12 15.64 -9.87
N ILE D 161 -21.76 14.55 -9.42
CA ILE D 161 -22.54 13.69 -10.31
C ILE D 161 -23.87 14.35 -10.80
N ASN D 162 -24.55 15.08 -9.90
CA ASN D 162 -25.76 15.85 -10.30
C ASN D 162 -25.37 16.98 -11.22
N ASN D 163 -24.10 17.42 -11.13
CA ASN D 163 -23.63 18.54 -11.97
C ASN D 163 -23.05 18.12 -13.33
N GLY D 164 -23.33 16.89 -13.77
CA GLY D 164 -22.85 16.39 -15.09
C GLY D 164 -21.40 15.92 -15.13
N LEU D 165 -20.75 15.86 -13.96
CA LEU D 165 -19.34 15.45 -13.87
C LEU D 165 -19.17 14.03 -13.28
N THR D 166 -18.07 13.77 -12.59
CA THR D 166 -17.98 12.56 -11.76
C THR D 166 -18.36 12.96 -10.34
N ALA D 167 -18.67 11.99 -9.51
CA ALA D 167 -18.97 12.23 -8.10
C ALA D 167 -17.69 12.40 -7.29
N SER D 168 -16.57 12.02 -7.90
CA SER D 168 -15.30 11.89 -7.23
C SER D 168 -14.40 13.12 -7.42
N GLU D 169 -13.99 13.72 -6.31
CA GLU D 169 -12.97 14.75 -6.35
C GLU D 169 -12.53 15.04 -4.92
N LEU D 170 -11.38 15.67 -4.78
CA LEU D 170 -11.02 16.26 -3.48
C LEU D 170 -10.98 15.21 -2.32
N GLY D 171 -10.68 13.96 -2.68
CA GLY D 171 -10.52 12.87 -1.70
C GLY D 171 -11.78 12.06 -1.47
N LEU D 172 -12.92 12.55 -1.98
CA LEU D 172 -14.20 11.91 -1.75
C LEU D 172 -14.24 10.39 -1.94
N SER D 173 -13.68 9.90 -3.04
CA SER D 173 -13.77 8.46 -3.31
C SER D 173 -12.76 7.68 -2.46
N TYR D 174 -11.80 8.39 -1.87
CA TYR D 174 -10.88 7.75 -0.92
C TYR D 174 -11.49 7.72 0.47
N LEU D 175 -12.05 8.85 0.91
CA LEU D 175 -12.35 9.06 2.34
C LEU D 175 -13.78 8.65 2.75
N LEU D 176 -14.70 8.77 1.80
CA LEU D 176 -16.08 8.45 2.09
C LEU D 176 -16.26 6.96 2.44
N PRO D 177 -15.72 6.04 1.60
CA PRO D 177 -15.79 4.63 1.93
C PRO D 177 -15.08 4.29 3.25
N ARG D 178 -14.00 5.00 3.57
CA ARG D 178 -13.32 4.73 4.85
C ARG D 178 -14.11 5.29 6.03
N ALA D 179 -15.08 6.17 5.74
CA ALA D 179 -15.93 6.69 6.83
C ALA D 179 -17.19 5.86 7.02
N ILE D 180 -17.80 5.41 5.93
CA ILE D 180 -19.13 4.78 6.01
C ILE D 180 -19.20 3.37 5.39
N GLY D 181 -18.10 2.91 4.79
CA GLY D 181 -18.05 1.61 4.14
C GLY D 181 -18.44 1.70 2.68
N THR D 182 -18.05 0.68 1.92
CA THR D 182 -18.24 0.68 0.45
C THR D 182 -19.68 0.66 0.01
N SER D 183 -20.51 -0.18 0.63
CA SER D 183 -21.86 -0.37 0.12
C SER D 183 -22.56 0.97 0.14
N ARG D 184 -22.47 1.65 1.28
CA ARG D 184 -23.10 2.94 1.45
C ARG D 184 -22.45 4.06 0.64
N ALA D 185 -21.13 4.05 0.56
CA ALA D 185 -20.40 5.11 -0.18
C ALA D 185 -20.75 5.12 -1.68
N SER D 186 -20.73 3.93 -2.29
CA SER D 186 -21.05 3.76 -3.70
C SER D 186 -22.47 4.18 -4.07
N ASP D 187 -23.45 3.75 -3.27
CA ASP D 187 -24.87 4.12 -3.44
C ASP D 187 -25.03 5.64 -3.46
N ILE D 188 -24.45 6.32 -2.47
CA ILE D 188 -24.55 7.78 -2.38
C ILE D 188 -23.84 8.48 -3.56
N MET D 189 -22.70 7.94 -3.97
CA MET D 189 -21.94 8.59 -5.05
C MET D 189 -22.48 8.23 -6.43
N LEU D 190 -23.07 7.06 -6.60
CA LEU D 190 -23.54 6.72 -7.93
C LEU D 190 -24.91 7.30 -8.23
N THR D 191 -25.71 7.49 -7.18
CA THR D 191 -27.09 7.97 -7.34
C THR D 191 -27.21 9.47 -7.12
N GLY D 192 -26.26 10.07 -6.43
CA GLY D 192 -26.33 11.52 -6.24
C GLY D 192 -27.53 11.90 -5.40
N ARG D 193 -27.93 11.00 -4.49
CA ARG D 193 -29.02 11.28 -3.56
C ARG D 193 -28.58 12.18 -2.40
N ASP D 194 -29.57 12.80 -1.79
CA ASP D 194 -29.43 13.59 -0.58
C ASP D 194 -29.39 12.68 0.62
N VAL D 195 -28.47 12.97 1.54
CA VAL D 195 -28.34 12.23 2.79
C VAL D 195 -28.68 13.17 3.92
N ASP D 196 -29.77 12.89 4.64
CA ASP D 196 -30.20 13.73 5.75
C ASP D 196 -29.40 13.47 7.05
N ALA D 197 -29.65 14.28 8.07
CA ALA D 197 -28.88 14.23 9.30
C ALA D 197 -29.01 12.89 10.04
N ASP D 198 -30.25 12.40 10.15
CA ASP D 198 -30.50 11.08 10.74
C ASP D 198 -29.65 9.99 10.07
N GLU D 199 -29.66 9.96 8.75
CA GLU D 199 -28.95 8.91 8.03
C GLU D 199 -27.44 9.11 8.17
N ALA D 200 -26.99 10.36 8.20
CA ALA D 200 -25.55 10.63 8.31
C ALA D 200 -25.00 10.11 9.61
N GLU D 201 -25.78 10.30 10.67
CA GLU D 201 -25.34 9.94 12.00
C GLU D 201 -25.47 8.44 12.15
N ARG D 202 -26.52 7.87 11.58
CA ARG D 202 -26.74 6.42 11.65
C ARG D 202 -25.63 5.67 10.95
N ILE D 203 -25.19 6.17 9.79
CA ILE D 203 -24.19 5.41 9.02
C ILE D 203 -22.72 5.79 9.29
N GLY D 204 -22.49 6.76 10.18
CA GLY D 204 -21.12 7.15 10.56
C GLY D 204 -20.45 8.19 9.69
N LEU D 205 -21.23 8.91 8.88
CA LEU D 205 -20.71 10.04 8.11
C LEU D 205 -20.35 11.20 9.04
N VAL D 206 -21.20 11.43 10.04
CA VAL D 206 -20.91 12.31 11.18
C VAL D 206 -20.92 11.42 12.41
N SER D 207 -20.22 11.82 13.48
CA SER D 207 -20.22 10.98 14.66
C SER D 207 -21.30 11.40 15.68
N ARG D 208 -21.86 12.60 15.48
CA ARG D 208 -22.90 13.17 16.35
C ARG D 208 -23.88 14.02 15.55
N LYS D 209 -25.14 13.98 15.93
CA LYS D 209 -26.19 14.81 15.39
C LYS D 209 -26.84 15.50 16.57
N VAL D 210 -27.02 16.82 16.50
CA VAL D 210 -27.69 17.58 17.60
C VAL D 210 -28.63 18.67 17.06
N ALA D 211 -29.41 19.29 17.94
CA ALA D 211 -30.34 20.33 17.52
C ALA D 211 -29.58 21.53 16.98
N SER D 212 -30.16 22.19 15.99
CA SER D 212 -29.52 23.32 15.31
C SER D 212 -28.98 24.39 16.30
N GLU D 213 -29.78 24.72 17.31
CA GLU D 213 -29.39 25.71 18.30
C GLU D 213 -28.25 25.25 19.24
N SER D 214 -27.90 23.96 19.23
CA SER D 214 -26.82 23.45 20.10
C SER D 214 -25.59 23.02 19.31
N LEU D 215 -25.64 23.18 18.00
CA LEU D 215 -24.59 22.64 17.13
C LEU D 215 -23.21 23.20 17.50
N LEU D 216 -23.09 24.52 17.64
CA LEU D 216 -21.80 25.16 17.88
C LEU D 216 -21.30 24.88 19.27
N GLU D 217 -22.24 24.79 20.21
CA GLU D 217 -21.94 24.57 21.63
C GLU D 217 -21.44 23.13 21.85
N GLU D 218 -22.06 22.18 21.13
CA GLU D 218 -21.57 20.80 21.13
C GLU D 218 -20.13 20.79 20.62
N CYS D 219 -19.91 21.43 19.47
CA CYS D 219 -18.55 21.64 18.93
C CYS D 219 -17.58 22.40 19.88
N TYR D 220 -18.04 23.42 20.60
CA TYR D 220 -17.15 24.05 21.60
C TYR D 220 -16.79 23.11 22.73
N ALA D 221 -17.74 22.27 23.17
CA ALA D 221 -17.48 21.36 24.29
C ALA D 221 -16.44 20.31 23.91
N ILE D 222 -16.57 19.73 22.71
CA ILE D 222 -15.52 18.86 22.13
C ILE D 222 -14.13 19.51 22.09
N GLY D 223 -14.06 20.75 21.60
CA GLY D 223 -12.78 21.44 21.45
C GLY D 223 -12.14 21.69 22.81
N GLU D 224 -12.99 22.03 23.78
CA GLU D 224 -12.56 22.25 25.16
C GLU D 224 -11.98 21.00 25.79
N ARG D 225 -12.50 19.84 25.43
CA ARG D 225 -11.89 18.59 25.92
C ARG D 225 -10.52 18.41 25.30
N ILE D 226 -10.44 18.68 24.01
CA ILE D 226 -9.20 18.54 23.25
C ILE D 226 -8.16 19.47 23.85
N ALA D 227 -8.54 20.72 24.10
CA ALA D 227 -7.69 21.72 24.73
C ALA D 227 -7.19 21.31 26.10
N GLY D 228 -8.00 20.56 26.84
CA GLY D 228 -7.57 20.03 28.15
C GLY D 228 -6.59 18.87 28.05
N PHE D 229 -6.31 18.40 26.83
CA PHE D 229 -5.34 17.29 26.67
C PHE D 229 -3.98 17.82 26.24
N SER D 230 -2.99 16.94 26.24
CA SER D 230 -1.62 17.32 25.86
C SER D 230 -1.56 17.92 24.46
N ARG D 231 -0.81 19.00 24.33
CA ARG D 231 -0.62 19.62 23.01
C ARG D 231 0.04 18.68 21.99
N PRO D 232 1.28 18.20 22.25
CA PRO D 232 1.86 17.25 21.29
C PRO D 232 1.08 15.93 21.27
N GLY D 233 0.49 15.56 22.41
CA GLY D 233 -0.39 14.40 22.47
C GLY D 233 -1.46 14.43 21.39
N ILE D 234 -2.22 15.51 21.37
CA ILE D 234 -3.26 15.73 20.37
C ILE D 234 -2.69 15.81 18.93
N GLU D 235 -1.62 16.57 18.76
CA GLU D 235 -1.05 16.78 17.42
C GLU D 235 -0.67 15.47 16.77
N LEU D 236 0.01 14.62 17.53
CA LEU D 236 0.48 13.33 17.08
C LEU D 236 -0.67 12.34 16.90
N THR D 237 -1.68 12.42 17.75
CA THR D 237 -2.91 11.64 17.57
C THR D 237 -3.54 11.95 16.20
N LYS D 238 -3.89 13.21 15.94
CA LYS D 238 -4.42 13.61 14.63
C LYS D 238 -3.46 13.09 13.53
N ARG D 239 -2.16 13.35 13.68
CA ARG D 239 -1.24 12.88 12.65
C ARG D 239 -1.30 11.35 12.43
N THR D 240 -1.39 10.57 13.51
CA THR D 240 -1.38 9.12 13.32
C THR D 240 -2.66 8.64 12.67
N ILE D 241 -3.76 9.35 12.91
CA ILE D 241 -5.02 8.95 12.30
C ILE D 241 -4.94 9.07 10.78
N TRP D 242 -4.54 10.24 10.31
CA TRP D 242 -4.40 10.51 8.88
C TRP D 242 -3.35 9.58 8.21
N SER D 243 -2.22 9.40 8.90
CA SER D 243 -1.10 8.58 8.46
C SER D 243 -1.56 7.12 8.35
N GLY D 244 -2.45 6.74 9.29
CA GLY D 244 -3.05 5.42 9.36
C GLY D 244 -3.86 5.05 8.15
N LEU D 245 -4.55 6.02 7.55
CA LEU D 245 -5.25 5.78 6.30
C LEU D 245 -4.23 5.68 5.17
N ASP D 246 -3.14 6.42 5.29
CA ASP D 246 -2.08 6.35 4.27
C ASP D 246 -1.04 5.27 4.63
N ALA D 247 -1.48 4.24 5.34
CA ALA D 247 -0.54 3.17 5.67
C ALA D 247 -1.12 1.85 5.20
N ALA D 248 -0.26 0.93 4.78
CA ALA D 248 -0.76 -0.40 4.40
C ALA D 248 -0.12 -1.57 5.16
N SER D 249 0.56 -1.27 6.27
CA SER D 249 1.15 -2.28 7.13
C SER D 249 0.88 -1.96 8.58
N LEU D 250 0.21 -2.89 9.28
CA LEU D 250 -0.07 -2.71 10.70
C LEU D 250 1.23 -2.46 11.47
N GLU D 251 2.24 -3.25 11.15
CA GLU D 251 3.50 -3.25 11.88
C GLU D 251 4.29 -1.96 11.68
N SER D 252 4.30 -1.44 10.45
CA SER D 252 4.98 -0.18 10.15
C SER D 252 4.31 0.95 10.87
N HIS D 253 2.96 0.91 10.89
CA HIS D 253 2.23 2.01 11.50
C HIS D 253 2.41 2.05 12.99
N MET D 254 2.45 0.87 13.62
CA MET D 254 2.72 0.75 15.08
C MET D 254 4.05 1.40 15.53
N HIS D 255 5.05 1.42 14.65
CA HIS D 255 6.34 2.02 14.98
C HIS D 255 6.17 3.52 15.21
N GLN D 256 5.40 4.16 14.33
CA GLN D 256 5.09 5.58 14.40
C GLN D 256 4.29 5.94 15.66
N GLU D 257 3.30 5.10 15.99
CA GLU D 257 2.44 5.36 17.15
C GLU D 257 3.26 5.26 18.39
N GLY D 258 4.00 4.16 18.52
CA GLY D 258 4.80 3.87 19.71
C GLY D 258 5.83 4.94 19.97
N LEU D 259 6.60 5.32 18.93
CA LEU D 259 7.58 6.41 19.03
C LEU D 259 7.00 7.73 19.57
N GLY D 260 5.82 8.11 19.08
CA GLY D 260 5.12 9.33 19.55
C GLY D 260 4.66 9.17 21.00
N GLN D 261 4.21 7.97 21.34
CA GLN D 261 3.79 7.71 22.69
C GLN D 261 4.98 7.89 23.64
N LEU D 262 6.12 7.27 23.30
CA LEU D 262 7.29 7.36 24.17
C LEU D 262 7.87 8.79 24.23
N TYR D 263 7.74 9.51 23.13
CA TYR D 263 8.23 10.86 23.01
C TYR D 263 7.60 11.73 24.09
N VAL D 264 6.28 11.76 24.05
CA VAL D 264 5.54 12.53 25.03
C VAL D 264 5.73 11.95 26.43
N ARG D 265 5.76 10.64 26.56
CA ARG D 265 5.97 10.08 27.89
C ARG D 265 7.28 10.51 28.50
N LEU D 266 8.37 10.43 27.73
CA LEU D 266 9.69 10.67 28.33
C LEU D 266 10.06 12.15 28.48
N LEU D 267 9.51 13.00 27.62
CA LEU D 267 9.89 14.43 27.55
C LEU D 267 8.93 15.38 28.29
N THR D 268 7.89 14.81 28.88
CA THR D 268 6.96 15.52 29.74
C THR D 268 6.74 14.72 31.04
N ASP D 269 6.15 15.39 32.02
CA ASP D 269 5.63 14.74 33.23
C ASP D 269 4.11 14.52 33.17
N ASN D 270 3.56 14.55 31.96
CA ASN D 270 2.12 14.40 31.74
C ASN D 270 1.51 13.17 32.43
N PHE D 271 2.15 12.01 32.27
CA PHE D 271 1.59 10.75 32.76
C PHE D 271 1.42 10.78 34.27
N GLU D 272 2.44 11.26 34.97
CA GLU D 272 2.40 11.45 36.41
C GLU D 272 1.35 12.50 36.86
N GLU D 273 1.21 13.59 36.11
CA GLU D 273 0.15 14.57 36.35
C GLU D 273 -1.27 14.02 36.17
N ALA D 274 -1.48 13.15 35.18
CA ALA D 274 -2.79 12.52 35.02
C ALA D 274 -3.08 11.61 36.21
N THR D 275 -2.07 10.85 36.65
CA THR D 275 -2.19 9.98 37.84
C THR D 275 -2.45 10.82 39.10
N ALA D 276 -1.76 11.96 39.24
CA ALA D 276 -1.95 12.82 40.42
C ALA D 276 -3.35 13.46 40.45
N ALA D 277 -3.79 13.99 39.32
CA ALA D 277 -5.14 14.57 39.19
C ALA D 277 -6.26 13.56 39.39
N ARG D 278 -6.08 12.33 38.90
CA ARG D 278 -7.04 11.26 39.15
C ARG D 278 -7.11 10.93 40.63
N LYS D 279 -5.98 10.95 41.31
CA LYS D 279 -5.93 10.64 42.73
C LYS D 279 -6.60 11.73 43.58
N GLU D 280 -6.51 12.99 43.14
CA GLU D 280 -6.99 14.13 43.91
C GLU D 280 -8.37 14.66 43.43
N LYS D 281 -9.05 13.88 42.59
CA LYS D 281 -10.37 14.23 42.03
C LYS D 281 -10.46 15.69 41.53
N ARG D 282 -9.57 16.01 40.58
CA ARG D 282 -9.44 17.37 40.06
C ARG D 282 -9.11 17.29 38.56
N PRO D 283 -9.30 18.40 37.82
CA PRO D 283 -8.91 18.39 36.40
C PRO D 283 -7.39 18.28 36.22
N ALA D 284 -6.98 17.47 35.26
CA ALA D 284 -5.58 17.44 34.80
C ALA D 284 -5.13 18.79 34.23
N GLU D 285 -3.95 19.26 34.65
CA GLU D 285 -3.31 20.42 34.03
C GLU D 285 -1.93 20.04 33.45
N PHE D 286 -1.95 19.52 32.24
CA PHE D 286 -0.74 19.06 31.53
C PHE D 286 0.20 20.22 31.13
N ARG D 287 1.46 20.13 31.53
CA ARG D 287 2.44 21.19 31.24
C ARG D 287 3.22 20.95 29.95
N ASP D 288 3.21 19.71 29.48
CA ASP D 288 3.94 19.32 28.27
C ASP D 288 5.45 19.58 28.39
N LYS D 289 5.99 19.36 29.59
CA LYS D 289 7.41 19.49 29.92
C LYS D 289 7.68 18.75 31.22
N ARG D 290 8.95 18.47 31.48
CA ARG D 290 9.40 17.90 32.75
C ARG D 290 9.85 19.00 33.71
N SER E 23 -28.66 -20.75 -21.92
CA SER E 23 -29.89 -20.88 -21.06
C SER E 23 -29.63 -20.66 -19.57
N PHE E 24 -28.37 -20.79 -19.15
CA PHE E 24 -27.95 -20.68 -17.75
C PHE E 24 -28.09 -19.27 -17.12
N VAL E 25 -28.00 -18.23 -17.93
CA VAL E 25 -28.38 -16.88 -17.53
C VAL E 25 -29.29 -16.29 -18.59
N LEU E 26 -30.22 -15.45 -18.14
CA LEU E 26 -31.13 -14.71 -19.00
C LEU E 26 -30.70 -13.25 -19.05
N VAL E 27 -30.85 -12.62 -20.21
CA VAL E 27 -30.62 -11.18 -20.35
C VAL E 27 -31.91 -10.50 -20.85
N ASP E 28 -32.40 -9.53 -20.08
CA ASP E 28 -33.61 -8.81 -20.45
C ASP E 28 -33.30 -7.32 -20.46
N ARG E 29 -34.23 -6.54 -21.02
CA ARG E 29 -34.10 -5.10 -21.03
C ARG E 29 -35.43 -4.56 -20.48
N PRO E 30 -35.57 -4.57 -19.15
CA PRO E 30 -36.82 -4.18 -18.49
C PRO E 30 -37.11 -2.70 -18.60
N ARG E 31 -36.05 -1.89 -18.64
CA ARG E 31 -36.15 -0.45 -18.85
C ARG E 31 -35.13 -0.12 -19.93
N PRO E 32 -35.37 0.98 -20.68
CA PRO E 32 -34.57 1.25 -21.89
C PRO E 32 -33.03 1.23 -21.79
N GLU E 33 -32.45 1.73 -20.70
CA GLU E 33 -30.99 1.76 -20.59
C GLU E 33 -30.45 0.87 -19.46
N ILE E 34 -31.27 -0.11 -19.05
CA ILE E 34 -30.95 -1.01 -17.96
C ILE E 34 -31.00 -2.47 -18.40
N ALA E 35 -29.88 -3.17 -18.23
CA ALA E 35 -29.85 -4.59 -18.56
C ALA E 35 -30.09 -5.35 -17.27
N LEU E 36 -30.96 -6.36 -17.33
CA LEU E 36 -31.12 -7.27 -16.20
C LEU E 36 -30.46 -8.60 -16.55
N VAL E 37 -29.57 -9.05 -15.68
CA VAL E 37 -28.96 -10.36 -15.85
C VAL E 37 -29.56 -11.27 -14.80
N THR E 38 -30.23 -12.33 -15.22
CA THR E 38 -30.84 -13.24 -14.25
C THR E 38 -30.10 -14.57 -14.21
N LEU E 39 -29.45 -14.86 -13.09
CA LEU E 39 -28.81 -16.16 -12.92
C LEU E 39 -29.92 -17.24 -12.93
N ASN E 40 -29.82 -18.20 -13.84
CA ASN E 40 -30.97 -19.08 -14.15
C ASN E 40 -30.71 -20.58 -13.96
N ARG E 41 -30.18 -20.94 -12.79
CA ARG E 41 -30.20 -22.32 -12.34
C ARG E 41 -31.03 -22.38 -11.05
N PRO E 42 -32.35 -22.07 -11.15
CA PRO E 42 -33.15 -21.98 -9.93
C PRO E 42 -33.13 -23.24 -9.05
N GLU E 43 -33.12 -24.42 -9.71
CA GLU E 43 -33.10 -25.74 -9.05
C GLU E 43 -31.88 -25.96 -8.12
N ARG E 44 -30.77 -25.28 -8.42
CA ARG E 44 -29.53 -25.38 -7.65
C ARG E 44 -29.16 -24.05 -6.98
N MET E 45 -30.18 -23.23 -6.69
CA MET E 45 -30.00 -21.88 -6.12
C MET E 45 -28.94 -21.06 -6.89
N ASN E 46 -28.98 -21.19 -8.22
CA ASN E 46 -28.12 -20.45 -9.14
C ASN E 46 -26.61 -20.60 -8.91
N ALA E 47 -26.21 -21.76 -8.37
CA ALA E 47 -24.84 -22.21 -8.42
C ALA E 47 -24.44 -22.28 -9.89
N MET E 48 -23.28 -21.72 -10.24
CA MET E 48 -22.89 -21.68 -11.64
C MET E 48 -21.77 -22.67 -11.98
N ALA E 49 -21.93 -23.27 -13.17
CA ALA E 49 -21.08 -24.35 -13.64
C ALA E 49 -19.83 -23.79 -14.29
N PHE E 50 -18.73 -24.50 -14.07
CA PHE E 50 -17.45 -24.14 -14.65
C PHE E 50 -17.50 -24.02 -16.17
N ASP E 51 -18.35 -24.80 -16.83
CA ASP E 51 -18.53 -24.62 -18.28
C ASP E 51 -19.45 -23.46 -18.70
N VAL E 52 -20.01 -22.76 -17.71
CA VAL E 52 -20.79 -21.53 -17.92
C VAL E 52 -19.91 -20.29 -17.70
N MET E 53 -18.78 -20.49 -17.02
CA MET E 53 -17.96 -19.38 -16.54
C MET E 53 -17.31 -18.52 -17.64
N LEU E 54 -16.64 -19.15 -18.62
CA LEU E 54 -16.08 -18.41 -19.76
C LEU E 54 -17.19 -17.64 -20.49
N PRO E 55 -18.27 -18.33 -20.95
CA PRO E 55 -19.39 -17.61 -21.57
C PRO E 55 -20.04 -16.53 -20.68
N PHE E 56 -20.23 -16.77 -19.38
CA PHE E 56 -20.83 -15.74 -18.50
C PHE E 56 -20.02 -14.44 -18.48
N LYS E 57 -18.70 -14.59 -18.44
CA LYS E 57 -17.77 -13.47 -18.50
C LYS E 57 -17.83 -12.78 -19.88
N GLN E 58 -18.13 -13.53 -20.95
CA GLN E 58 -18.35 -12.91 -22.27
C GLN E 58 -19.60 -12.05 -22.29
N MET E 59 -20.69 -12.54 -21.68
CA MET E 59 -21.93 -11.75 -21.57
C MET E 59 -21.69 -10.42 -20.84
N LEU E 60 -21.06 -10.46 -19.67
CA LEU E 60 -20.73 -9.23 -18.96
C LEU E 60 -19.91 -8.31 -19.88
N VAL E 61 -18.91 -8.91 -20.55
CA VAL E 61 -18.05 -8.18 -21.47
C VAL E 61 -18.86 -7.49 -22.59
N ASP E 62 -19.76 -8.24 -23.22
CA ASP E 62 -20.66 -7.72 -24.25
C ASP E 62 -21.56 -6.60 -23.75
N ILE E 63 -22.09 -6.73 -22.54
CA ILE E 63 -22.94 -5.68 -21.97
C ILE E 63 -22.07 -4.45 -21.72
N SER E 64 -20.86 -4.65 -21.22
CA SER E 64 -19.94 -3.53 -21.01
C SER E 64 -19.80 -2.69 -22.30
N HIS E 65 -19.75 -3.38 -23.44
CA HIS E 65 -19.56 -2.71 -24.72
C HIS E 65 -20.85 -2.40 -25.46
N ASP E 66 -21.99 -2.73 -24.86
CA ASP E 66 -23.30 -2.31 -25.38
C ASP E 66 -23.61 -0.90 -24.88
N ASN E 67 -23.58 0.07 -25.79
CA ASN E 67 -23.72 1.46 -25.41
C ASN E 67 -25.16 1.90 -25.14
N ASP E 68 -26.12 1.05 -25.47
CA ASP E 68 -27.50 1.31 -25.03
C ASP E 68 -27.65 1.17 -23.52
N VAL E 69 -26.75 0.42 -22.89
CA VAL E 69 -26.90 0.04 -21.49
C VAL E 69 -26.12 1.00 -20.61
N ARG E 70 -26.78 1.61 -19.65
CA ARG E 70 -26.14 2.55 -18.75
C ARG E 70 -25.97 1.95 -17.34
N ALA E 71 -26.75 0.90 -17.04
CA ALA E 71 -26.73 0.26 -15.75
C ALA E 71 -27.16 -1.19 -15.85
N VAL E 72 -26.60 -2.03 -15.00
CA VAL E 72 -26.78 -3.48 -15.02
C VAL E 72 -27.35 -3.91 -13.68
N VAL E 73 -28.40 -4.73 -13.70
CA VAL E 73 -28.94 -5.29 -12.48
C VAL E 73 -28.74 -6.81 -12.57
N ILE E 74 -28.26 -7.40 -11.48
CA ILE E 74 -28.05 -8.84 -11.41
C ILE E 74 -28.94 -9.40 -10.30
N THR E 75 -29.72 -10.44 -10.63
CA THR E 75 -30.60 -11.08 -9.67
C THR E 75 -30.68 -12.60 -9.92
N GLY E 76 -31.27 -13.31 -8.97
CA GLY E 76 -31.47 -14.75 -9.12
C GLY E 76 -32.86 -15.16 -9.56
N ALA E 77 -32.92 -16.20 -10.40
CA ALA E 77 -34.19 -16.87 -10.68
C ALA E 77 -34.51 -17.77 -9.48
N GLY E 78 -35.81 -18.05 -9.27
CA GLY E 78 -36.24 -18.93 -8.18
C GLY E 78 -36.05 -18.23 -6.85
N LYS E 79 -35.96 -19.01 -5.78
CA LYS E 79 -35.89 -18.43 -4.43
C LYS E 79 -34.50 -17.91 -4.03
N GLY E 80 -33.44 -18.42 -4.67
CA GLY E 80 -32.06 -18.05 -4.32
C GLY E 80 -31.45 -16.92 -5.15
N PHE E 81 -30.48 -16.22 -4.59
CA PHE E 81 -29.71 -15.25 -5.37
C PHE E 81 -28.58 -15.98 -6.10
N CYS E 82 -27.57 -16.42 -5.36
CA CYS E 82 -26.46 -17.17 -5.92
C CYS E 82 -25.68 -17.91 -4.84
N SER E 83 -25.41 -19.19 -5.09
CA SER E 83 -24.66 -20.02 -4.16
C SER E 83 -23.24 -20.27 -4.64
N GLY E 84 -22.79 -19.53 -5.65
CA GLY E 84 -21.45 -19.68 -6.19
C GLY E 84 -21.15 -21.05 -6.79
N ALA E 85 -20.29 -21.80 -6.10
CA ALA E 85 -19.76 -23.11 -6.55
C ALA E 85 -20.78 -24.18 -6.95
N ASP E 86 -20.38 -25.00 -7.92
CA ASP E 86 -21.12 -26.21 -8.35
C ASP E 86 -20.10 -27.32 -8.67
N PRO E 92 -17.08 -29.38 -16.75
CA PRO E 92 -16.03 -29.35 -17.76
C PRO E 92 -15.41 -27.95 -17.88
N ILE E 93 -14.30 -27.76 -17.18
CA ILE E 93 -13.54 -26.51 -17.26
C ILE E 93 -12.87 -26.44 -18.65
N PRO E 94 -13.06 -25.31 -19.36
CA PRO E 94 -12.52 -25.14 -20.72
C PRO E 94 -11.00 -25.01 -20.73
N HIS E 95 -10.36 -25.30 -21.85
CA HIS E 95 -8.90 -25.09 -22.02
C HIS E 95 -8.03 -25.88 -21.04
N ILE E 96 -8.36 -27.15 -20.85
CA ILE E 96 -7.80 -27.97 -19.80
C ILE E 96 -6.98 -29.17 -20.32
N GLY E 97 -6.95 -29.32 -21.64
CA GLY E 97 -6.22 -30.42 -22.30
C GLY E 97 -4.73 -30.42 -21.98
N GLY E 98 -4.24 -31.58 -21.59
CA GLY E 98 -2.84 -31.75 -21.28
C GLY E 98 -2.48 -31.36 -19.86
N LEU E 99 -3.44 -30.80 -19.14
CA LEU E 99 -3.22 -30.38 -17.77
C LEU E 99 -3.37 -31.50 -16.76
N THR E 100 -2.56 -31.45 -15.70
CA THR E 100 -2.71 -32.35 -14.55
C THR E 100 -3.69 -31.71 -13.55
N GLN E 101 -4.18 -32.50 -12.60
CA GLN E 101 -5.23 -32.05 -11.65
C GLN E 101 -4.94 -30.76 -10.86
N PRO E 102 -3.70 -30.59 -10.35
CA PRO E 102 -3.38 -29.41 -9.56
C PRO E 102 -3.43 -28.08 -10.35
N THR E 103 -2.98 -28.11 -11.59
CA THR E 103 -3.07 -26.97 -12.48
C THR E 103 -4.55 -26.68 -12.88
N ILE E 104 -5.27 -27.74 -13.26
CA ILE E 104 -6.71 -27.63 -13.60
C ILE E 104 -7.51 -26.95 -12.51
N ALA E 105 -7.13 -27.20 -11.26
CA ALA E 105 -7.75 -26.55 -10.10
C ALA E 105 -7.39 -25.07 -10.01
N LEU E 106 -6.17 -24.71 -10.40
CA LEU E 106 -5.75 -23.30 -10.40
C LEU E 106 -6.47 -22.57 -11.50
N ARG E 107 -6.70 -23.29 -12.59
CA ARG E 107 -7.43 -22.75 -13.72
C ARG E 107 -8.90 -22.56 -13.36
N SER E 108 -9.45 -23.49 -12.59
CA SER E 108 -10.84 -23.37 -12.19
C SER E 108 -11.06 -22.19 -11.23
N MET E 109 -10.14 -21.96 -10.30
CA MET E 109 -10.18 -20.82 -9.37
C MET E 109 -10.01 -19.48 -10.12
N GLU E 110 -9.15 -19.48 -11.13
CA GLU E 110 -8.90 -18.30 -11.95
C GLU E 110 -10.16 -17.83 -12.70
N LEU E 111 -10.92 -18.80 -13.22
CA LEU E 111 -12.17 -18.51 -13.94
C LEU E 111 -13.17 -17.76 -13.06
N LEU E 112 -13.19 -18.08 -11.77
CA LEU E 112 -14.11 -17.42 -10.83
C LEU E 112 -13.54 -16.06 -10.48
N ASP E 113 -12.22 -16.02 -10.27
CA ASP E 113 -11.51 -14.78 -9.97
C ASP E 113 -11.84 -13.71 -11.02
N GLU E 114 -11.76 -14.13 -12.28
CA GLU E 114 -11.89 -13.28 -13.44
C GLU E 114 -13.32 -12.79 -13.62
N VAL E 115 -14.30 -13.59 -13.19
CA VAL E 115 -15.69 -13.14 -13.14
C VAL E 115 -15.77 -11.92 -12.20
N ILE E 116 -15.19 -12.05 -11.01
CA ILE E 116 -15.21 -10.94 -10.03
C ILE E 116 -14.61 -9.69 -10.60
N LEU E 117 -13.44 -9.85 -11.20
CA LEU E 117 -12.70 -8.76 -11.79
C LEU E 117 -13.39 -8.13 -12.99
N THR E 118 -14.19 -8.92 -13.71
CA THR E 118 -14.90 -8.47 -14.90
C THR E 118 -16.03 -7.47 -14.56
N LEU E 119 -16.76 -7.76 -13.48
CA LEU E 119 -17.80 -6.89 -12.97
C LEU E 119 -17.23 -5.53 -12.62
N ARG E 120 -16.18 -5.55 -11.81
CA ARG E 120 -15.38 -4.39 -11.47
C ARG E 120 -14.96 -3.59 -12.71
N ARG E 121 -14.56 -4.33 -13.75
CA ARG E 121 -13.99 -3.72 -14.94
C ARG E 121 -15.05 -3.14 -15.89
N MET E 122 -16.30 -3.59 -15.78
CA MET E 122 -17.41 -3.14 -16.65
C MET E 122 -17.54 -1.61 -16.60
N HIS E 123 -17.92 -1.02 -17.71
CA HIS E 123 -18.07 0.42 -17.78
C HIS E 123 -19.17 0.87 -16.85
N GLN E 124 -20.28 0.14 -16.89
CA GLN E 124 -21.49 0.49 -16.15
C GLN E 124 -21.49 0.01 -14.69
N PRO E 125 -22.19 0.74 -13.80
CA PRO E 125 -22.39 0.28 -12.44
C PRO E 125 -23.22 -0.98 -12.46
N VAL E 126 -22.89 -1.91 -11.56
CA VAL E 126 -23.64 -3.13 -11.43
C VAL E 126 -24.28 -3.16 -10.06
N ILE E 127 -25.61 -3.34 -10.07
CA ILE E 127 -26.43 -3.37 -8.87
C ILE E 127 -26.85 -4.81 -8.60
N ALA E 128 -26.52 -5.31 -7.41
CA ALA E 128 -26.96 -6.62 -7.00
C ALA E 128 -28.36 -6.56 -6.39
N ALA E 129 -29.33 -7.10 -7.10
CA ALA E 129 -30.68 -7.24 -6.55
C ALA E 129 -30.79 -8.57 -5.83
N ILE E 130 -30.50 -8.57 -4.53
CA ILE E 130 -30.34 -9.81 -3.79
C ILE E 130 -31.68 -10.34 -3.24
N ASN E 131 -32.25 -11.30 -3.97
CA ASN E 131 -33.63 -11.78 -3.75
C ASN E 131 -33.74 -12.94 -2.75
N GLY E 132 -32.61 -13.56 -2.46
CA GLY E 132 -32.58 -14.72 -1.57
C GLY E 132 -31.19 -14.95 -1.01
N ALA E 133 -30.87 -16.23 -0.80
CA ALA E 133 -29.57 -16.57 -0.25
C ALA E 133 -28.43 -16.20 -1.20
N ALA E 134 -27.49 -15.40 -0.70
CA ALA E 134 -26.23 -15.14 -1.38
C ALA E 134 -25.13 -15.69 -0.48
N ILE E 135 -24.69 -16.89 -0.83
CA ILE E 135 -23.80 -17.69 0.02
C ILE E 135 -22.58 -18.10 -0.77
N GLY E 136 -21.44 -18.10 -0.07
CA GLY E 136 -20.17 -18.45 -0.69
C GLY E 136 -19.81 -17.50 -1.82
N GLY E 137 -19.57 -18.11 -2.99
CA GLY E 137 -19.38 -17.39 -4.24
C GLY E 137 -20.47 -16.37 -4.51
N GLY E 138 -21.66 -16.62 -3.98
CA GLY E 138 -22.77 -15.69 -4.16
C GLY E 138 -22.65 -14.43 -3.32
N LEU E 139 -22.09 -14.55 -2.12
CA LEU E 139 -21.78 -13.37 -1.30
C LEU E 139 -20.65 -12.58 -2.00
N CYS E 140 -19.63 -13.30 -2.48
CA CYS E 140 -18.51 -12.71 -3.24
C CYS E 140 -19.00 -11.95 -4.48
N LEU E 141 -19.88 -12.58 -5.24
CA LEU E 141 -20.53 -11.93 -6.38
C LEU E 141 -21.19 -10.58 -6.01
N ALA E 142 -21.94 -10.55 -4.91
CA ALA E 142 -22.62 -9.32 -4.49
C ALA E 142 -21.60 -8.22 -4.15
N LEU E 143 -20.52 -8.64 -3.51
CA LEU E 143 -19.44 -7.74 -3.13
C LEU E 143 -18.64 -7.18 -4.31
N ALA E 144 -18.64 -7.95 -5.40
CA ALA E 144 -18.03 -7.54 -6.67
C ALA E 144 -18.87 -6.50 -7.38
N CYS E 145 -20.14 -6.42 -7.04
CA CYS E 145 -21.04 -5.45 -7.65
C CYS E 145 -20.83 -4.14 -6.91
N ASP E 146 -21.20 -3.02 -7.55
CA ASP E 146 -20.96 -1.69 -6.97
C ASP E 146 -21.99 -1.36 -5.89
N VAL E 147 -23.25 -1.69 -6.14
CA VAL E 147 -24.34 -1.35 -5.25
C VAL E 147 -25.09 -2.63 -4.83
N ARG E 148 -25.46 -2.71 -3.56
CA ARG E 148 -26.12 -3.92 -3.08
C ARG E 148 -27.47 -3.58 -2.48
N VAL E 149 -28.52 -4.17 -3.05
CA VAL E 149 -29.88 -4.00 -2.54
C VAL E 149 -30.43 -5.35 -2.11
N ALA E 150 -30.92 -5.44 -0.89
CA ALA E 150 -31.49 -6.70 -0.40
C ALA E 150 -33.03 -6.72 -0.35
N SER E 151 -33.61 -7.85 -0.74
CA SER E 151 -35.00 -8.16 -0.48
C SER E 151 -35.12 -8.50 1.02
N GLN E 152 -36.34 -8.46 1.56
CA GLN E 152 -36.57 -8.82 2.94
C GLN E 152 -36.21 -10.28 3.18
N ASP E 153 -36.24 -11.07 2.11
CA ASP E 153 -35.95 -12.50 2.18
C ASP E 153 -34.47 -12.86 2.05
N ALA E 154 -33.60 -11.87 1.81
CA ALA E 154 -32.18 -12.15 1.56
C ALA E 154 -31.42 -12.61 2.79
N TYR E 155 -30.42 -13.47 2.55
CA TYR E 155 -29.50 -13.96 3.57
C TYR E 155 -28.06 -13.96 3.02
N PHE E 156 -27.05 -13.83 3.89
CA PHE E 156 -25.64 -13.84 3.47
C PHE E 156 -24.84 -14.78 4.34
N ARG E 157 -23.93 -15.52 3.71
CA ARG E 157 -23.10 -16.42 4.48
C ARG E 157 -21.79 -16.66 3.76
N ALA E 158 -20.72 -16.78 4.55
CA ALA E 158 -19.42 -17.07 4.00
C ALA E 158 -19.24 -18.60 4.01
N ALA E 159 -19.95 -19.26 3.07
CA ALA E 159 -20.18 -20.72 3.09
C ALA E 159 -18.96 -21.60 2.86
N GLY E 160 -17.88 -21.03 2.34
CA GLY E 160 -16.61 -21.74 2.24
C GLY E 160 -16.29 -22.43 3.58
N ILE E 161 -16.43 -21.71 4.68
CA ILE E 161 -16.10 -22.28 5.98
C ILE E 161 -17.07 -23.38 6.41
N ASN E 162 -18.34 -23.28 6.01
CA ASN E 162 -19.33 -24.31 6.37
C ASN E 162 -19.04 -25.56 5.53
N ASN E 163 -18.45 -25.36 4.34
CA ASN E 163 -18.16 -26.45 3.43
C ASN E 163 -16.80 -27.13 3.67
N GLY E 164 -16.19 -26.79 4.81
CA GLY E 164 -14.96 -27.44 5.24
C GLY E 164 -13.67 -26.86 4.66
N LEU E 165 -13.80 -25.76 3.92
CA LEU E 165 -12.66 -25.09 3.34
C LEU E 165 -12.33 -23.88 4.22
N THR E 166 -11.84 -22.78 3.64
CA THR E 166 -11.69 -21.52 4.35
C THR E 166 -12.88 -20.62 3.96
N ALA E 167 -13.07 -19.52 4.68
CA ALA E 167 -14.17 -18.61 4.35
C ALA E 167 -13.80 -17.68 3.21
N SER E 168 -12.51 -17.53 2.97
CA SER E 168 -12.02 -16.49 2.10
C SER E 168 -11.68 -16.97 0.72
N GLU E 169 -12.27 -16.30 -0.25
CA GLU E 169 -12.04 -16.57 -1.67
C GLU E 169 -12.67 -15.43 -2.35
N LEU E 170 -12.23 -15.19 -3.58
CA LEU E 170 -12.90 -14.33 -4.53
C LEU E 170 -13.04 -12.90 -4.03
N GLY E 171 -12.11 -12.49 -3.16
CA GLY E 171 -11.99 -11.11 -2.65
C GLY E 171 -12.70 -10.87 -1.33
N LEU E 172 -13.42 -11.88 -0.85
CA LEU E 172 -14.27 -11.69 0.31
C LEU E 172 -13.50 -11.15 1.53
N SER E 173 -12.29 -11.66 1.81
CA SER E 173 -11.56 -11.25 3.01
C SER E 173 -11.07 -9.80 2.88
N TYR E 174 -11.03 -9.33 1.63
CA TYR E 174 -10.55 -7.99 1.33
C TYR E 174 -11.74 -7.00 1.35
N LEU E 175 -12.81 -7.40 0.70
CA LEU E 175 -13.96 -6.53 0.47
C LEU E 175 -14.98 -6.47 1.63
N LEU E 176 -15.19 -7.57 2.34
CA LEU E 176 -16.18 -7.52 3.45
C LEU E 176 -15.87 -6.49 4.60
N PRO E 177 -14.62 -6.51 5.13
CA PRO E 177 -14.26 -5.49 6.15
C PRO E 177 -14.38 -4.08 5.60
N ARG E 178 -14.08 -3.93 4.33
CA ARG E 178 -14.24 -2.62 3.67
C ARG E 178 -15.72 -2.24 3.48
N ALA E 179 -16.61 -3.21 3.55
CA ALA E 179 -18.05 -2.90 3.60
C ALA E 179 -18.53 -2.61 5.01
N ILE E 180 -18.19 -3.48 5.96
CA ILE E 180 -18.84 -3.54 7.30
C ILE E 180 -17.87 -3.45 8.48
N GLY E 181 -16.60 -3.22 8.17
CA GLY E 181 -15.57 -3.13 9.22
C GLY E 181 -15.17 -4.49 9.73
N THR E 182 -14.00 -4.53 10.33
CA THR E 182 -13.38 -5.78 10.80
C THR E 182 -14.16 -6.60 11.85
N SER E 183 -14.74 -5.92 12.85
CA SER E 183 -15.36 -6.62 13.96
C SER E 183 -16.44 -7.52 13.42
N ARG E 184 -17.28 -6.94 12.57
CA ARG E 184 -18.41 -7.66 11.99
C ARG E 184 -17.98 -8.72 10.97
N ALA E 185 -17.01 -8.37 10.13
CA ALA E 185 -16.53 -9.27 9.11
C ALA E 185 -15.87 -10.49 9.73
N SER E 186 -15.00 -10.29 10.70
CA SER E 186 -14.31 -11.44 11.28
C SER E 186 -15.31 -12.39 11.93
N ASP E 187 -16.26 -11.85 12.70
CA ASP E 187 -17.35 -12.65 13.32
C ASP E 187 -18.06 -13.49 12.22
N ILE E 188 -18.55 -12.79 11.21
CA ILE E 188 -19.28 -13.44 10.13
C ILE E 188 -18.51 -14.57 9.47
N MET E 189 -17.25 -14.33 9.16
CA MET E 189 -16.45 -15.26 8.40
C MET E 189 -15.99 -16.46 9.24
N LEU E 190 -15.65 -16.20 10.51
CA LEU E 190 -15.15 -17.24 11.40
C LEU E 190 -16.24 -18.12 11.99
N THR E 191 -17.45 -17.59 12.19
CA THR E 191 -18.53 -18.41 12.77
C THR E 191 -19.40 -19.07 11.71
N GLY E 192 -19.22 -18.69 10.45
CA GLY E 192 -20.05 -19.24 9.38
C GLY E 192 -21.55 -19.09 9.60
N ARG E 193 -21.98 -18.04 10.32
CA ARG E 193 -23.43 -17.77 10.48
C ARG E 193 -24.07 -17.15 9.24
N ASP E 194 -25.39 -17.08 9.28
CA ASP E 194 -26.24 -16.41 8.29
C ASP E 194 -26.52 -15.01 8.75
N VAL E 195 -26.52 -14.08 7.81
CA VAL E 195 -26.84 -12.70 8.07
C VAL E 195 -28.15 -12.44 7.36
N ASP E 196 -29.22 -12.20 8.11
CA ASP E 196 -30.53 -11.94 7.49
C ASP E 196 -30.61 -10.52 6.92
N ALA E 197 -31.62 -10.27 6.09
CA ALA E 197 -31.76 -8.97 5.42
C ALA E 197 -31.68 -7.78 6.37
N ASP E 198 -32.32 -7.89 7.55
CA ASP E 198 -32.31 -6.82 8.55
C ASP E 198 -30.88 -6.45 8.96
N GLU E 199 -30.10 -7.46 9.36
CA GLU E 199 -28.72 -7.25 9.81
C GLU E 199 -27.83 -6.72 8.66
N ALA E 200 -28.04 -7.23 7.45
CA ALA E 200 -27.31 -6.72 6.27
C ALA E 200 -27.49 -5.22 6.03
N GLU E 201 -28.71 -4.71 6.15
CA GLU E 201 -28.87 -3.25 5.97
C GLU E 201 -28.27 -2.50 7.15
N ARG E 202 -28.42 -3.04 8.36
CA ARG E 202 -27.99 -2.35 9.57
C ARG E 202 -26.48 -2.16 9.59
N ILE E 203 -25.76 -3.15 9.10
CA ILE E 203 -24.31 -3.15 9.22
C ILE E 203 -23.67 -2.63 7.91
N GLY E 204 -24.49 -2.39 6.89
CA GLY E 204 -24.00 -1.77 5.67
C GLY E 204 -23.37 -2.73 4.68
N LEU E 205 -23.71 -4.03 4.81
CA LEU E 205 -23.36 -5.01 3.80
C LEU E 205 -24.15 -4.71 2.52
N VAL E 206 -25.42 -4.32 2.69
CA VAL E 206 -26.21 -3.72 1.62
C VAL E 206 -26.50 -2.27 2.01
N SER E 207 -26.77 -1.42 1.02
CA SER E 207 -27.12 -0.01 1.33
C SER E 207 -28.63 0.17 1.51
N ARG E 208 -29.41 -0.77 0.98
CA ARG E 208 -30.88 -0.68 1.00
C ARG E 208 -31.55 -2.02 1.20
N LYS E 209 -32.73 -1.99 1.80
CA LYS E 209 -33.55 -3.17 2.03
C LYS E 209 -35.01 -2.81 1.76
N VAL E 210 -35.67 -3.62 0.92
CA VAL E 210 -37.04 -3.38 0.47
C VAL E 210 -37.85 -4.68 0.44
N ALA E 211 -39.17 -4.55 0.37
CA ALA E 211 -40.02 -5.74 0.29
C ALA E 211 -39.71 -6.49 -1.01
N SER E 212 -39.77 -7.82 -0.91
CA SER E 212 -39.51 -8.73 -2.03
C SER E 212 -40.19 -8.35 -3.33
N GLU E 213 -41.44 -7.88 -3.27
CA GLU E 213 -42.15 -7.53 -4.50
C GLU E 213 -41.72 -6.17 -5.09
N SER E 214 -40.86 -5.45 -4.37
CA SER E 214 -40.40 -4.13 -4.80
C SER E 214 -38.93 -4.10 -5.20
N LEU E 215 -38.25 -5.23 -5.03
CA LEU E 215 -36.78 -5.34 -5.21
C LEU E 215 -36.28 -4.89 -6.57
N LEU E 216 -36.83 -5.46 -7.63
CA LEU E 216 -36.45 -5.09 -8.98
C LEU E 216 -36.77 -3.62 -9.27
N GLU E 217 -37.92 -3.16 -8.80
CA GLU E 217 -38.37 -1.79 -9.00
CA GLU E 217 -38.32 -1.77 -9.06
C GLU E 217 -37.42 -0.76 -8.35
N GLU E 218 -36.97 -1.06 -7.13
CA GLU E 218 -36.01 -0.20 -6.43
C GLU E 218 -34.71 -0.09 -7.22
N CYS E 219 -34.29 -1.21 -7.79
CA CYS E 219 -33.06 -1.30 -8.56
C CYS E 219 -33.14 -0.60 -9.92
N TYR E 220 -34.31 -0.64 -10.54
CA TYR E 220 -34.54 0.07 -11.79
C TYR E 220 -34.53 1.58 -11.57
N ALA E 221 -35.09 2.03 -10.45
CA ALA E 221 -35.10 3.43 -10.06
C ALA E 221 -33.67 3.94 -9.83
N ILE E 222 -32.86 3.16 -9.10
CA ILE E 222 -31.41 3.47 -8.95
C ILE E 222 -30.73 3.52 -10.34
N GLY E 223 -30.95 2.48 -11.15
CA GLY E 223 -30.46 2.42 -12.52
C GLY E 223 -30.81 3.64 -13.35
N GLU E 224 -32.03 4.12 -13.22
CA GLU E 224 -32.47 5.29 -14.00
C GLU E 224 -31.86 6.62 -13.53
N ARG E 225 -31.59 6.75 -12.23
CA ARG E 225 -30.86 7.91 -11.73
C ARG E 225 -29.52 7.99 -12.44
N ILE E 226 -28.85 6.85 -12.48
CA ILE E 226 -27.50 6.66 -13.05
C ILE E 226 -27.48 6.95 -14.56
N ALA E 227 -28.41 6.36 -15.30
CA ALA E 227 -28.60 6.67 -16.71
C ALA E 227 -28.81 8.17 -16.93
N GLY E 228 -29.36 8.85 -15.92
CA GLY E 228 -29.65 10.28 -16.05
C GLY E 228 -28.42 11.12 -15.85
N PHE E 229 -27.34 10.50 -15.42
CA PHE E 229 -26.09 11.22 -15.23
C PHE E 229 -25.17 11.01 -16.43
N SER E 230 -24.09 11.79 -16.45
CA SER E 230 -23.10 11.73 -17.51
C SER E 230 -22.57 10.31 -17.65
N ARG E 231 -22.34 9.83 -18.87
CA ARG E 231 -21.78 8.50 -19.04
C ARG E 231 -20.31 8.43 -18.59
N PRO E 232 -19.45 9.34 -19.11
CA PRO E 232 -18.07 9.28 -18.60
C PRO E 232 -18.00 9.66 -17.14
N GLY E 233 -18.87 10.57 -16.68
CA GLY E 233 -18.93 10.92 -15.27
C GLY E 233 -19.19 9.74 -14.37
N ILE E 234 -20.18 8.92 -14.74
CA ILE E 234 -20.51 7.66 -14.09
C ILE E 234 -19.38 6.62 -14.22
N GLU E 235 -18.96 6.33 -15.43
CA GLU E 235 -17.84 5.38 -15.63
C GLU E 235 -16.64 5.67 -14.72
N LEU E 236 -16.24 6.94 -14.66
CA LEU E 236 -15.06 7.33 -13.92
C LEU E 236 -15.29 7.35 -12.40
N THR E 237 -16.50 7.74 -11.98
CA THR E 237 -16.90 7.62 -10.57
C THR E 237 -16.66 6.15 -10.16
N LYS E 238 -17.28 5.19 -10.86
CA LYS E 238 -17.14 3.76 -10.55
C LYS E 238 -15.66 3.32 -10.44
N ARG E 239 -14.89 3.69 -11.46
CA ARG E 239 -13.45 3.37 -11.48
C ARG E 239 -12.66 4.01 -10.31
N THR E 240 -12.92 5.26 -9.97
CA THR E 240 -12.26 5.87 -8.80
C THR E 240 -12.62 5.20 -7.48
N ILE E 241 -13.88 4.73 -7.36
CA ILE E 241 -14.29 4.01 -6.16
C ILE E 241 -13.43 2.73 -5.99
N TRP E 242 -13.41 1.86 -7.00
CA TRP E 242 -12.63 0.62 -6.95
C TRP E 242 -11.15 0.91 -6.85
N SER E 243 -10.72 1.94 -7.57
CA SER E 243 -9.33 2.40 -7.53
C SER E 243 -8.93 2.92 -6.17
N GLY E 244 -9.88 3.50 -5.44
CA GLY E 244 -9.60 4.06 -4.12
C GLY E 244 -9.41 3.01 -3.04
N LEU E 245 -10.07 1.87 -3.19
CA LEU E 245 -9.79 0.69 -2.33
C LEU E 245 -8.37 0.14 -2.57
N ASP E 246 -7.94 0.15 -3.83
CA ASP E 246 -6.60 -0.33 -4.22
C ASP E 246 -5.56 0.77 -4.16
N ALA E 247 -5.65 1.63 -3.15
CA ALA E 247 -4.87 2.85 -3.10
C ALA E 247 -4.27 3.03 -1.73
N ALA E 248 -3.07 3.59 -1.70
CA ALA E 248 -2.21 3.65 -0.52
C ALA E 248 -2.12 5.04 0.09
N SER E 249 -2.48 6.04 -0.72
CA SER E 249 -2.18 7.44 -0.39
C SER E 249 -3.33 8.32 -0.83
N LEU E 250 -3.81 9.15 0.08
CA LEU E 250 -4.88 10.10 -0.23
C LEU E 250 -4.48 11.01 -1.38
N GLU E 251 -3.24 11.52 -1.31
CA GLU E 251 -2.72 12.50 -2.27
C GLU E 251 -2.65 11.93 -3.70
N SER E 252 -2.14 10.70 -3.83
CA SER E 252 -2.04 10.08 -5.15
C SER E 252 -3.41 9.90 -5.73
N HIS E 253 -4.34 9.39 -4.92
CA HIS E 253 -5.65 9.11 -5.43
C HIS E 253 -6.40 10.39 -5.87
N MET E 254 -6.19 11.49 -5.15
CA MET E 254 -6.77 12.78 -5.54
C MET E 254 -6.37 13.15 -6.98
N HIS E 255 -5.15 12.77 -7.37
CA HIS E 255 -4.67 13.14 -8.68
C HIS E 255 -5.53 12.50 -9.73
N GLN E 256 -5.77 11.20 -9.60
CA GLN E 256 -6.71 10.51 -10.49
C GLN E 256 -8.12 11.14 -10.49
N GLU E 257 -8.68 11.41 -9.29
CA GLU E 257 -10.03 12.00 -9.21
C GLU E 257 -10.08 13.34 -9.95
N GLY E 258 -9.13 14.21 -9.63
CA GLY E 258 -9.13 15.57 -10.14
C GLY E 258 -9.05 15.55 -11.65
N LEU E 259 -8.13 14.72 -12.18
CA LEU E 259 -7.96 14.56 -13.63
C LEU E 259 -9.25 14.18 -14.33
N GLY E 260 -9.99 13.23 -13.76
CA GLY E 260 -11.31 12.83 -14.26
C GLY E 260 -12.32 13.97 -14.19
N GLN E 261 -12.31 14.72 -13.09
CA GLN E 261 -13.30 15.81 -12.91
C GLN E 261 -13.05 16.90 -13.96
N LEU E 262 -11.77 17.25 -14.16
CA LEU E 262 -11.41 18.22 -15.18
C LEU E 262 -11.67 17.70 -16.60
N TYR E 263 -11.40 16.42 -16.82
CA TYR E 263 -11.65 15.80 -18.11
C TYR E 263 -13.10 15.96 -18.60
N VAL E 264 -14.08 15.54 -17.78
CA VAL E 264 -15.49 15.73 -18.11
C VAL E 264 -15.91 17.21 -18.14
N ARG E 265 -15.29 18.03 -17.31
CA ARG E 265 -15.68 19.43 -17.23
C ARG E 265 -15.30 20.16 -18.49
N LEU E 266 -14.05 19.98 -18.94
CA LEU E 266 -13.54 20.72 -20.10
C LEU E 266 -13.95 20.16 -21.44
N LEU E 267 -14.37 18.90 -21.47
CA LEU E 267 -14.73 18.27 -22.75
C LEU E 267 -16.23 18.12 -23.00
N THR E 268 -17.03 18.66 -22.08
CA THR E 268 -18.49 18.66 -22.20
C THR E 268 -18.98 20.01 -21.72
N ASP E 269 -20.24 20.31 -21.99
CA ASP E 269 -20.86 21.47 -21.36
C ASP E 269 -21.91 20.97 -20.41
N ASN E 270 -21.67 19.78 -19.85
CA ASN E 270 -22.56 19.18 -18.88
C ASN E 270 -22.84 20.10 -17.73
N PHE E 271 -21.79 20.70 -17.20
CA PHE E 271 -21.88 21.59 -16.04
C PHE E 271 -22.77 22.80 -16.37
N GLU E 272 -22.63 23.38 -17.55
CA GLU E 272 -23.53 24.49 -17.94
C GLU E 272 -24.97 24.00 -18.08
N GLU E 273 -25.15 22.78 -18.62
CA GLU E 273 -26.47 22.14 -18.68
C GLU E 273 -27.12 21.88 -17.31
N ALA E 274 -26.33 21.54 -16.29
CA ALA E 274 -26.92 21.28 -14.97
C ALA E 274 -27.40 22.57 -14.32
N THR E 275 -26.63 23.64 -14.51
CA THR E 275 -26.99 24.97 -14.04
C THR E 275 -28.28 25.43 -14.73
N ALA E 276 -28.35 25.28 -16.05
CA ALA E 276 -29.54 25.67 -16.79
C ALA E 276 -30.75 24.82 -16.34
N ALA E 277 -30.57 23.51 -16.23
CA ALA E 277 -31.65 22.61 -15.83
C ALA E 277 -32.25 22.90 -14.44
N ARG E 278 -31.41 23.35 -13.50
CA ARG E 278 -31.89 23.79 -12.19
C ARG E 278 -32.56 25.18 -12.25
N LYS E 279 -32.03 26.08 -13.07
CA LYS E 279 -32.65 27.39 -13.21
C LYS E 279 -34.12 27.20 -13.63
N GLU E 280 -34.32 26.34 -14.62
CA GLU E 280 -35.60 26.13 -15.27
C GLU E 280 -36.49 25.10 -14.58
N LYS E 281 -35.94 24.37 -13.63
CA LYS E 281 -36.65 23.27 -12.92
C LYS E 281 -37.07 22.11 -13.85
N ARG E 282 -36.14 21.69 -14.71
CA ARG E 282 -36.38 20.57 -15.59
C ARG E 282 -35.31 19.54 -15.31
N PRO E 283 -35.55 18.29 -15.68
CA PRO E 283 -34.47 17.34 -15.47
C PRO E 283 -33.34 17.75 -16.40
N ALA E 284 -32.09 17.57 -15.98
CA ALA E 284 -30.95 17.82 -16.87
C ALA E 284 -30.92 16.74 -17.97
N GLU E 285 -30.31 17.07 -19.10
CA GLU E 285 -30.11 16.12 -20.19
C GLU E 285 -28.70 16.29 -20.71
N PHE E 286 -27.78 15.49 -20.17
CA PHE E 286 -26.37 15.66 -20.45
C PHE E 286 -25.97 15.12 -21.84
N ARG E 287 -25.25 15.94 -22.60
CA ARG E 287 -24.87 15.59 -23.97
C ARG E 287 -23.49 14.95 -24.03
N ASP E 288 -22.71 15.11 -22.96
CA ASP E 288 -21.37 14.52 -22.85
C ASP E 288 -20.43 14.89 -23.99
N LYS E 289 -20.68 16.06 -24.60
CA LYS E 289 -19.81 16.69 -25.58
C LYS E 289 -20.00 18.21 -25.46
N ARG E 290 -19.24 18.98 -26.25
CA ARG E 290 -19.41 20.43 -26.30
C ARG E 290 -20.17 20.85 -27.55
N SER F 23 -0.08 -17.02 39.09
CA SER F 23 -0.89 -15.97 39.80
C SER F 23 -1.55 -14.91 38.89
N PHE F 24 -0.75 -14.14 38.14
CA PHE F 24 -1.25 -12.97 37.35
C PHE F 24 -1.97 -13.21 36.02
N VAL F 25 -1.82 -14.40 35.48
CA VAL F 25 -2.56 -14.83 34.29
C VAL F 25 -3.08 -16.23 34.54
N LEU F 26 -4.36 -16.46 34.28
CA LEU F 26 -4.91 -17.78 34.47
C LEU F 26 -5.30 -18.42 33.13
N VAL F 27 -5.18 -19.72 33.06
CA VAL F 27 -5.67 -20.45 31.90
C VAL F 27 -6.62 -21.56 32.35
N ASP F 28 -7.74 -21.68 31.66
CA ASP F 28 -8.66 -22.78 31.91
C ASP F 28 -9.07 -23.42 30.59
N ARG F 29 -9.68 -24.60 30.69
CA ARG F 29 -10.23 -25.31 29.55
C ARG F 29 -11.74 -25.58 29.82
N PRO F 30 -12.59 -24.54 29.75
CA PRO F 30 -14.04 -24.66 29.97
C PRO F 30 -14.79 -25.62 29.04
N ARG F 31 -14.27 -25.79 27.82
CA ARG F 31 -14.83 -26.76 26.88
C ARG F 31 -13.61 -27.44 26.26
N PRO F 32 -13.77 -28.69 25.81
CA PRO F 32 -12.61 -29.55 25.44
C PRO F 32 -11.59 -29.00 24.39
N GLU F 33 -12.03 -28.07 23.54
CA GLU F 33 -11.14 -27.47 22.55
C GLU F 33 -11.01 -25.94 22.70
N ILE F 34 -11.54 -25.39 23.79
CA ILE F 34 -11.55 -23.94 23.98
C ILE F 34 -10.75 -23.55 25.19
N ALA F 35 -9.68 -22.79 24.95
CA ALA F 35 -8.87 -22.25 26.03
C ALA F 35 -9.42 -20.90 26.48
N LEU F 36 -9.52 -20.70 27.80
CA LEU F 36 -9.88 -19.38 28.34
C LEU F 36 -8.70 -18.80 29.12
N VAL F 37 -8.26 -17.61 28.70
CA VAL F 37 -7.17 -16.89 29.35
C VAL F 37 -7.69 -15.72 30.17
N THR F 38 -7.36 -15.68 31.46
CA THR F 38 -7.88 -14.63 32.34
C THR F 38 -6.71 -13.74 32.79
N LEU F 39 -6.75 -12.48 32.40
CA LEU F 39 -5.91 -11.47 33.02
C LEU F 39 -6.33 -11.32 34.49
N ASN F 40 -5.41 -11.55 35.42
CA ASN F 40 -5.73 -11.67 36.85
C ASN F 40 -4.90 -10.77 37.75
N ARG F 41 -5.16 -9.47 37.66
CA ARG F 41 -4.74 -8.49 38.64
C ARG F 41 -5.92 -7.54 38.79
N PRO F 42 -7.02 -8.05 39.39
CA PRO F 42 -8.28 -7.32 39.46
C PRO F 42 -8.15 -5.94 40.12
N GLU F 43 -7.38 -5.85 41.21
CA GLU F 43 -7.26 -4.58 41.92
C GLU F 43 -6.68 -3.44 41.03
N ARG F 44 -5.85 -3.79 40.05
CA ARG F 44 -5.35 -2.80 39.09
C ARG F 44 -6.14 -2.83 37.78
N MET F 45 -7.35 -3.36 37.83
CA MET F 45 -8.18 -3.53 36.63
C MET F 45 -7.47 -4.27 35.49
N ASN F 46 -6.48 -5.08 35.86
CA ASN F 46 -5.69 -5.89 34.94
C ASN F 46 -4.81 -5.04 34.03
N ALA F 47 -4.18 -4.03 34.62
CA ALA F 47 -3.25 -3.16 33.90
C ALA F 47 -2.13 -3.94 33.17
N MET F 48 -1.72 -3.41 32.03
CA MET F 48 -0.66 -4.01 31.23
C MET F 48 0.76 -3.72 31.72
N ALA F 49 0.99 -4.01 33.01
CA ALA F 49 2.34 -4.08 33.57
C ALA F 49 3.09 -5.28 32.97
N PHE F 50 4.41 -5.27 33.08
CA PHE F 50 5.24 -6.29 32.42
C PHE F 50 5.17 -7.65 33.08
N ASP F 51 4.94 -7.66 34.38
CA ASP F 51 4.79 -8.90 35.12
C ASP F 51 3.42 -9.55 34.85
N VAL F 52 2.55 -8.82 34.16
CA VAL F 52 1.33 -9.42 33.65
C VAL F 52 1.56 -9.82 32.20
N MET F 53 2.08 -8.87 31.41
CA MET F 53 2.14 -9.01 29.98
C MET F 53 3.15 -10.05 29.53
N LEU F 54 4.23 -10.22 30.30
CA LEU F 54 5.19 -11.28 30.00
C LEU F 54 4.62 -12.72 30.14
N PRO F 55 3.98 -13.05 31.28
CA PRO F 55 3.39 -14.42 31.33
C PRO F 55 2.18 -14.57 30.40
N PHE F 56 1.54 -13.43 30.10
CA PHE F 56 0.49 -13.38 29.11
C PHE F 56 1.04 -13.81 27.75
N LYS F 57 2.13 -13.19 27.29
CA LYS F 57 2.64 -13.50 25.96
C LYS F 57 3.06 -14.95 25.81
N GLN F 58 3.79 -15.45 26.82
CA GLN F 58 4.28 -16.83 26.81
C GLN F 58 3.10 -17.80 26.74
N MET F 59 2.10 -17.56 27.57
CA MET F 59 0.85 -18.34 27.55
C MET F 59 0.21 -18.42 26.14
N LEU F 60 0.24 -17.30 25.42
CA LEU F 60 -0.32 -17.28 24.08
C LEU F 60 0.49 -18.15 23.14
N VAL F 61 1.81 -18.06 23.24
CA VAL F 61 2.74 -18.88 22.46
C VAL F 61 2.50 -20.37 22.76
N ASP F 62 2.41 -20.73 24.04
CA ASP F 62 2.14 -22.13 24.44
C ASP F 62 0.83 -22.64 23.82
N ILE F 63 -0.21 -21.80 23.84
CA ILE F 63 -1.54 -22.22 23.38
C ILE F 63 -1.62 -22.30 21.87
N SER F 64 -0.95 -21.38 21.19
CA SER F 64 -0.80 -21.50 19.74
C SER F 64 -0.20 -22.86 19.34
N HIS F 65 0.77 -23.35 20.12
CA HIS F 65 1.44 -24.63 19.86
C HIS F 65 0.61 -25.82 20.34
N ASP F 66 -0.40 -25.58 21.17
CA ASP F 66 -1.22 -26.70 21.65
C ASP F 66 -2.39 -27.02 20.71
N ASN F 67 -2.27 -28.17 20.05
CA ASN F 67 -3.21 -28.59 19.02
C ASN F 67 -4.55 -29.10 19.51
N ASP F 68 -4.71 -29.26 20.82
CA ASP F 68 -6.03 -29.60 21.39
C ASP F 68 -6.92 -28.39 21.43
N VAL F 69 -6.32 -27.21 21.30
CA VAL F 69 -7.05 -25.96 21.36
C VAL F 69 -7.33 -25.43 19.96
N ARG F 70 -8.62 -25.21 19.71
CA ARG F 70 -9.12 -24.71 18.43
C ARG F 70 -9.57 -23.25 18.54
N ALA F 71 -9.80 -22.78 19.77
CA ALA F 71 -10.20 -21.41 19.98
C ALA F 71 -9.85 -20.90 21.37
N VAL F 72 -9.66 -19.59 21.44
CA VAL F 72 -9.19 -18.95 22.65
C VAL F 72 -10.10 -17.79 22.96
N VAL F 73 -10.45 -17.70 24.24
CA VAL F 73 -11.15 -16.53 24.80
C VAL F 73 -10.25 -15.82 25.83
N ILE F 74 -10.29 -14.48 25.79
CA ILE F 74 -9.56 -13.60 26.68
C ILE F 74 -10.57 -12.82 27.51
N THR F 75 -10.31 -12.68 28.79
CA THR F 75 -11.22 -11.96 29.69
C THR F 75 -10.45 -11.46 30.90
N GLY F 76 -10.99 -10.45 31.58
CA GLY F 76 -10.36 -9.92 32.79
C GLY F 76 -11.08 -10.39 34.05
N ALA F 77 -10.30 -10.67 35.10
CA ALA F 77 -10.87 -11.02 36.37
C ALA F 77 -11.48 -9.77 37.01
N GLY F 78 -12.51 -9.95 37.84
CA GLY F 78 -13.07 -8.83 38.54
C GLY F 78 -13.90 -7.99 37.60
N LYS F 79 -13.92 -6.68 37.85
CA LYS F 79 -14.85 -5.76 37.20
C LYS F 79 -14.36 -5.22 35.84
N GLY F 80 -13.04 -5.23 35.61
CA GLY F 80 -12.46 -4.72 34.37
C GLY F 80 -11.98 -5.80 33.42
N PHE F 81 -11.94 -5.46 32.14
CA PHE F 81 -11.31 -6.30 31.13
C PHE F 81 -9.79 -6.05 31.19
N CYS F 82 -9.38 -4.85 30.78
CA CYS F 82 -7.95 -4.49 30.76
C CYS F 82 -7.83 -2.98 30.76
N SER F 83 -6.98 -2.47 31.66
CA SER F 83 -6.89 -1.01 31.86
C SER F 83 -5.59 -0.45 31.30
N GLY F 84 -4.89 -1.27 30.51
CA GLY F 84 -3.66 -0.84 29.86
C GLY F 84 -2.74 0.01 30.71
N ILE F 93 11.59 -4.51 33.29
CA ILE F 93 11.88 -5.17 32.01
C ILE F 93 13.19 -5.98 32.11
N PRO F 94 13.22 -7.21 31.55
CA PRO F 94 14.44 -8.03 31.56
C PRO F 94 15.42 -7.71 30.42
N HIS F 95 16.64 -8.19 30.53
CA HIS F 95 17.70 -7.90 29.57
C HIS F 95 17.91 -6.40 29.40
N ILE F 96 18.02 -5.68 30.51
CA ILE F 96 18.23 -4.26 30.46
C ILE F 96 19.61 -3.86 30.99
N GLY F 97 20.46 -4.85 31.25
CA GLY F 97 21.85 -4.61 31.67
C GLY F 97 22.66 -3.91 30.58
N GLY F 98 23.30 -2.79 30.94
CA GLY F 98 24.07 -2.00 29.98
C GLY F 98 23.27 -0.95 29.20
N LEU F 99 21.95 -1.06 29.21
CA LEU F 99 21.14 -0.13 28.45
C LEU F 99 20.92 1.16 29.21
N THR F 100 20.78 2.23 28.45
CA THR F 100 20.40 3.51 29.00
C THR F 100 18.89 3.59 28.95
N GLN F 101 18.37 4.62 29.61
CA GLN F 101 16.93 4.79 29.78
C GLN F 101 16.11 4.88 28.47
N PRO F 102 16.57 5.65 27.46
CA PRO F 102 15.90 5.76 26.17
C PRO F 102 15.76 4.47 25.34
N THR F 103 16.79 3.61 25.34
CA THR F 103 16.66 2.28 24.75
C THR F 103 15.73 1.38 25.57
N ILE F 104 15.83 1.51 26.88
CA ILE F 104 14.98 0.75 27.80
C ILE F 104 13.51 1.04 27.53
N ALA F 105 13.18 2.32 27.35
CA ALA F 105 11.81 2.67 27.03
C ALA F 105 11.42 2.03 25.67
N LEU F 106 12.34 2.07 24.69
CA LEU F 106 12.10 1.41 23.40
C LEU F 106 11.78 -0.07 23.59
N ARG F 107 12.60 -0.75 24.42
CA ARG F 107 12.39 -2.17 24.72
C ARG F 107 11.02 -2.43 25.37
N SER F 108 10.59 -1.50 26.22
CA SER F 108 9.34 -1.68 26.96
C SER F 108 8.12 -1.60 26.02
N MET F 109 8.15 -0.63 25.11
CA MET F 109 7.08 -0.47 24.08
C MET F 109 7.06 -1.65 23.10
N GLU F 110 8.26 -2.12 22.75
CA GLU F 110 8.42 -3.25 21.86
C GLU F 110 7.76 -4.46 22.52
N LEU F 111 7.94 -4.58 23.81
CA LEU F 111 7.35 -5.69 24.50
C LEU F 111 5.82 -5.69 24.37
N LEU F 112 5.20 -4.54 24.59
CA LEU F 112 3.77 -4.40 24.39
C LEU F 112 3.34 -4.58 22.93
N ASP F 113 4.13 -4.05 22.00
CA ASP F 113 3.87 -4.27 20.57
C ASP F 113 3.81 -5.79 20.25
N GLU F 114 4.73 -6.56 20.85
CA GLU F 114 4.79 -8.00 20.65
C GLU F 114 3.59 -8.74 21.22
N VAL F 115 3.00 -8.22 22.30
CA VAL F 115 1.74 -8.82 22.76
C VAL F 115 0.71 -8.69 21.64
N ILE F 116 0.63 -7.51 21.03
CA ILE F 116 -0.35 -7.27 19.96
C ILE F 116 -0.10 -8.22 18.77
N LEU F 117 1.15 -8.31 18.31
CA LEU F 117 1.45 -9.12 17.11
C LEU F 117 1.33 -10.64 17.34
N THR F 118 1.59 -11.06 18.57
CA THR F 118 1.48 -12.47 18.95
C THR F 118 0.01 -12.94 18.88
N LEU F 119 -0.91 -12.09 19.32
CA LEU F 119 -2.33 -12.41 19.27
C LEU F 119 -2.76 -12.60 17.80
N ARG F 120 -2.40 -11.63 16.98
CA ARG F 120 -2.66 -11.68 15.54
C ARG F 120 -2.01 -12.88 14.82
N ARG F 121 -0.88 -13.36 15.31
CA ARG F 121 -0.19 -14.49 14.66
C ARG F 121 -0.66 -15.88 15.15
N MET F 122 -1.38 -15.92 16.27
CA MET F 122 -1.79 -17.21 16.83
C MET F 122 -2.52 -18.00 15.77
N HIS F 123 -2.31 -19.31 15.74
CA HIS F 123 -3.03 -20.15 14.78
C HIS F 123 -4.53 -19.98 14.92
N GLN F 124 -4.99 -20.03 16.17
CA GLN F 124 -6.41 -20.04 16.48
C GLN F 124 -6.96 -18.62 16.54
N PRO F 125 -8.26 -18.44 16.21
CA PRO F 125 -9.00 -17.22 16.44
C PRO F 125 -8.99 -16.90 17.94
N VAL F 126 -8.95 -15.64 18.28
CA VAL F 126 -8.99 -15.24 19.65
C VAL F 126 -10.20 -14.37 19.79
N ILE F 127 -11.02 -14.66 20.80
CA ILE F 127 -12.28 -13.97 20.98
C ILE F 127 -12.13 -13.16 22.26
N ALA F 128 -12.36 -11.86 22.19
CA ALA F 128 -12.23 -11.04 23.40
C ALA F 128 -13.58 -11.01 24.13
N ALA F 129 -13.59 -11.57 25.34
CA ALA F 129 -14.79 -11.54 26.19
C ALA F 129 -14.71 -10.30 27.08
N ILE F 130 -15.20 -9.18 26.55
CA ILE F 130 -14.99 -7.89 27.22
C ILE F 130 -15.99 -7.70 28.35
N ASN F 131 -15.56 -8.02 29.58
CA ASN F 131 -16.44 -8.10 30.75
C ASN F 131 -16.63 -6.74 31.46
N GLY F 132 -15.79 -5.78 31.11
CA GLY F 132 -15.79 -4.46 31.76
C GLY F 132 -14.97 -3.44 30.98
N ALA F 133 -14.44 -2.47 31.72
CA ALA F 133 -13.56 -1.45 31.18
C ALA F 133 -12.46 -2.01 30.26
N ALA F 134 -12.33 -1.42 29.08
CA ALA F 134 -11.29 -1.83 28.18
C ALA F 134 -10.72 -0.52 27.68
N ILE F 135 -9.70 -0.04 28.38
CA ILE F 135 -9.22 1.31 28.16
C ILE F 135 -7.74 1.39 27.86
N GLY F 136 -7.41 2.33 26.98
CA GLY F 136 -6.01 2.56 26.57
C GLY F 136 -5.50 1.31 25.86
N GLY F 137 -4.45 0.71 26.42
CA GLY F 137 -3.91 -0.54 25.89
C GLY F 137 -4.89 -1.72 25.93
N GLY F 138 -5.79 -1.73 26.93
CA GLY F 138 -6.88 -2.73 27.02
C GLY F 138 -7.77 -2.70 25.79
N LEU F 139 -8.05 -1.51 25.27
CA LEU F 139 -8.78 -1.35 24.01
C LEU F 139 -8.00 -1.88 22.79
N CYS F 140 -6.70 -1.60 22.76
CA CYS F 140 -5.81 -2.10 21.73
C CYS F 140 -5.77 -3.60 21.79
N LEU F 141 -5.80 -4.16 23.00
CA LEU F 141 -5.78 -5.60 23.19
C LEU F 141 -7.04 -6.25 22.59
N ALA F 142 -8.19 -5.62 22.85
CA ALA F 142 -9.46 -6.08 22.27
C ALA F 142 -9.40 -6.12 20.75
N LEU F 143 -8.93 -5.02 20.16
CA LEU F 143 -8.79 -4.88 18.72
C LEU F 143 -7.74 -5.81 18.10
N ALA F 144 -6.83 -6.31 18.93
CA ALA F 144 -5.86 -7.29 18.42
C ALA F 144 -6.46 -8.68 18.37
N CYS F 145 -7.66 -8.85 18.92
CA CYS F 145 -8.35 -10.12 18.80
C CYS F 145 -9.11 -10.18 17.49
N ASP F 146 -9.47 -11.39 17.09
CA ASP F 146 -10.22 -11.60 15.86
C ASP F 146 -11.66 -11.17 16.03
N VAL F 147 -12.28 -11.59 17.14
CA VAL F 147 -13.69 -11.29 17.44
C VAL F 147 -13.89 -10.63 18.81
N ARG F 148 -14.81 -9.67 18.88
CA ARG F 148 -15.06 -8.93 20.11
C ARG F 148 -16.52 -9.04 20.57
N VAL F 149 -16.70 -9.49 21.80
CA VAL F 149 -18.03 -9.59 22.41
C VAL F 149 -18.07 -8.73 23.69
N ALA F 150 -19.11 -7.92 23.81
CA ALA F 150 -19.31 -7.09 24.98
C ALA F 150 -20.40 -7.68 25.87
N SER F 151 -20.17 -7.59 27.18
CA SER F 151 -21.23 -7.77 28.11
C SER F 151 -21.83 -6.40 28.27
N GLN F 152 -23.00 -6.35 28.86
CA GLN F 152 -23.69 -5.07 29.12
C GLN F 152 -22.85 -4.03 29.89
N ASP F 153 -21.81 -4.49 30.56
CA ASP F 153 -21.02 -3.67 31.47
C ASP F 153 -19.74 -3.15 30.84
N ALA F 154 -19.40 -3.69 29.66
CA ALA F 154 -18.21 -3.26 28.92
C ALA F 154 -18.31 -1.79 28.53
N TYR F 155 -17.19 -1.09 28.65
CA TYR F 155 -17.05 0.23 28.06
C TYR F 155 -15.61 0.44 27.64
N PHE F 156 -15.38 1.44 26.80
CA PHE F 156 -14.12 1.57 26.08
C PHE F 156 -13.67 3.03 26.08
N ARG F 157 -12.36 3.26 26.10
CA ARG F 157 -11.86 4.61 25.98
C ARG F 157 -10.44 4.56 25.45
N ALA F 158 -10.08 5.54 24.62
CA ALA F 158 -8.68 5.68 24.21
C ALA F 158 -7.85 6.44 25.27
N ALA F 159 -7.61 5.78 26.41
CA ALA F 159 -7.09 6.47 27.61
C ALA F 159 -5.67 7.05 27.50
N GLY F 160 -4.95 6.74 26.43
CA GLY F 160 -3.65 7.36 26.18
C GLY F 160 -3.79 8.87 26.22
N ILE F 161 -4.87 9.38 25.59
CA ILE F 161 -5.09 10.82 25.52
C ILE F 161 -5.45 11.40 26.88
N ASN F 162 -6.26 10.69 27.66
CA ASN F 162 -6.57 11.12 29.04
C ASN F 162 -5.37 11.05 29.95
N ASN F 163 -4.41 10.19 29.62
CA ASN F 163 -3.17 10.04 30.42
C ASN F 163 -2.07 11.06 30.06
N GLY F 164 -2.43 12.06 29.25
CA GLY F 164 -1.51 13.13 28.83
C GLY F 164 -0.53 12.76 27.72
N LEU F 165 -0.76 11.62 27.07
CA LEU F 165 0.12 11.16 26.00
C LEU F 165 -0.66 11.31 24.71
N THR F 166 -0.43 10.41 23.73
CA THR F 166 -1.29 10.40 22.55
C THR F 166 -2.37 9.38 22.76
N ALA F 167 -3.38 9.37 21.90
CA ALA F 167 -4.38 8.28 21.88
C ALA F 167 -3.88 7.04 21.18
N SER F 168 -2.83 7.20 20.38
CA SER F 168 -2.40 6.18 19.42
C SER F 168 -1.19 5.40 19.89
N GLU F 169 -1.38 4.09 20.02
CA GLU F 169 -0.35 3.18 20.49
C GLU F 169 -0.86 1.79 20.10
N LEU F 170 0.05 0.85 19.89
CA LEU F 170 -0.30 -0.56 19.81
C LEU F 170 -1.37 -0.91 18.76
N GLY F 171 -1.42 -0.15 17.68
CA GLY F 171 -2.30 -0.50 16.58
C GLY F 171 -3.57 0.31 16.52
N LEU F 172 -3.88 1.00 17.62
CA LEU F 172 -5.15 1.75 17.74
C LEU F 172 -5.55 2.66 16.54
N SER F 173 -4.63 3.50 16.07
CA SER F 173 -4.93 4.42 14.97
C SER F 173 -5.02 3.70 13.63
N TYR F 174 -4.47 2.49 13.58
CA TYR F 174 -4.62 1.63 12.43
C TYR F 174 -5.97 0.87 12.52
N LEU F 175 -6.19 0.18 13.66
CA LEU F 175 -7.33 -0.78 13.75
C LEU F 175 -8.69 -0.18 14.08
N LEU F 176 -8.73 0.87 14.90
CA LEU F 176 -10.02 1.45 15.23
C LEU F 176 -10.81 1.91 13.99
N PRO F 177 -10.20 2.74 13.13
CA PRO F 177 -10.98 3.19 11.95
C PRO F 177 -11.37 2.05 11.04
N ARG F 178 -10.55 1.01 10.96
CA ARG F 178 -10.93 -0.16 10.14
C ARG F 178 -12.07 -0.94 10.80
N ALA F 179 -12.28 -0.74 12.10
CA ALA F 179 -13.37 -1.40 12.79
C ALA F 179 -14.67 -0.58 12.69
N ILE F 180 -14.59 0.74 12.89
CA ILE F 180 -15.81 1.56 13.01
C ILE F 180 -15.86 2.80 12.11
N GLY F 181 -14.84 2.99 11.27
CA GLY F 181 -14.81 4.16 10.38
C GLY F 181 -14.14 5.38 11.02
N THR F 182 -13.60 6.24 10.15
CA THR F 182 -12.87 7.43 10.55
C THR F 182 -13.64 8.35 11.46
N SER F 183 -14.85 8.74 11.06
CA SER F 183 -15.66 9.70 11.81
C SER F 183 -15.76 9.29 13.27
N ARG F 184 -16.17 8.05 13.48
CA ARG F 184 -16.40 7.57 14.84
C ARG F 184 -15.07 7.38 15.56
N ALA F 185 -14.05 6.92 14.85
CA ALA F 185 -12.73 6.68 15.44
C ALA F 185 -12.04 8.00 15.86
N SER F 186 -12.11 9.02 15.00
CA SER F 186 -11.48 10.30 15.33
C SER F 186 -12.11 10.91 16.58
N ASP F 187 -13.45 10.96 16.56
CA ASP F 187 -14.26 11.44 17.68
C ASP F 187 -13.78 10.77 18.98
N ILE F 188 -13.79 9.43 18.97
CA ILE F 188 -13.40 8.66 20.12
C ILE F 188 -11.96 8.96 20.51
N MET F 189 -11.05 9.07 19.55
CA MET F 189 -9.63 9.19 19.92
C MET F 189 -9.26 10.60 20.36
N LEU F 190 -10.02 11.57 19.87
CA LEU F 190 -9.65 12.95 20.17
C LEU F 190 -10.34 13.51 21.41
N THR F 191 -11.47 12.93 21.83
CA THR F 191 -12.18 13.39 23.01
C THR F 191 -11.85 12.62 24.30
N GLY F 192 -11.30 11.40 24.16
CA GLY F 192 -11.06 10.50 25.29
C GLY F 192 -12.32 10.23 26.09
N ARG F 193 -13.47 10.18 25.41
CA ARG F 193 -14.76 9.96 26.08
C ARG F 193 -15.02 8.46 26.28
N ASP F 194 -15.99 8.14 27.13
CA ASP F 194 -16.38 6.73 27.32
C ASP F 194 -17.34 6.24 26.25
N VAL F 195 -17.06 5.06 25.73
CA VAL F 195 -17.97 4.41 24.78
C VAL F 195 -18.56 3.20 25.52
N ASP F 196 -19.88 3.24 25.78
CA ASP F 196 -20.56 2.14 26.48
C ASP F 196 -20.87 0.95 25.56
N ALA F 197 -21.35 -0.13 26.14
CA ALA F 197 -21.66 -1.34 25.38
C ALA F 197 -22.67 -1.15 24.25
N ASP F 198 -23.76 -0.40 24.48
CA ASP F 198 -24.78 -0.16 23.44
C ASP F 198 -24.16 0.54 22.25
N GLU F 199 -23.41 1.61 22.50
CA GLU F 199 -22.72 2.28 21.43
C GLU F 199 -21.77 1.31 20.70
N ALA F 200 -20.96 0.60 21.50
CA ALA F 200 -19.91 -0.28 20.99
C ALA F 200 -20.45 -1.29 19.99
N GLU F 201 -21.59 -1.87 20.33
CA GLU F 201 -22.24 -2.78 19.41
C GLU F 201 -22.91 -2.05 18.26
N ARG F 202 -23.54 -0.90 18.50
CA ARG F 202 -24.21 -0.17 17.44
C ARG F 202 -23.22 0.19 16.32
N ILE F 203 -22.05 0.71 16.68
CA ILE F 203 -21.07 1.25 15.72
C ILE F 203 -20.09 0.16 15.20
N GLY F 204 -20.23 -1.07 15.71
CA GLY F 204 -19.40 -2.20 15.26
C GLY F 204 -18.03 -2.31 15.89
N LEU F 205 -17.86 -1.75 17.08
CA LEU F 205 -16.58 -1.90 17.82
C LEU F 205 -16.50 -3.32 18.37
N VAL F 206 -17.65 -3.83 18.82
CA VAL F 206 -17.89 -5.23 19.09
C VAL F 206 -18.96 -5.72 18.10
N SER F 207 -19.01 -7.02 17.86
CA SER F 207 -20.01 -7.56 16.96
C SER F 207 -21.20 -8.09 17.75
N ARG F 208 -21.01 -8.40 19.03
CA ARG F 208 -22.12 -8.89 19.87
C ARG F 208 -22.09 -8.23 21.21
N LYS F 209 -23.28 -8.16 21.81
CA LYS F 209 -23.47 -7.62 23.13
C LYS F 209 -24.49 -8.50 23.89
N VAL F 210 -24.08 -9.00 25.05
CA VAL F 210 -24.87 -9.93 25.83
C VAL F 210 -24.82 -9.58 27.32
N ALA F 211 -25.78 -10.14 28.04
CA ALA F 211 -25.80 -10.12 29.50
C ALA F 211 -24.48 -10.57 30.13
N SER F 212 -24.07 -9.86 31.17
CA SER F 212 -22.82 -10.12 31.90
C SER F 212 -22.62 -11.58 32.27
N GLU F 213 -23.66 -12.21 32.79
CA GLU F 213 -23.54 -13.61 33.24
C GLU F 213 -23.67 -14.65 32.15
N SER F 214 -23.81 -14.20 30.91
CA SER F 214 -23.84 -15.11 29.76
C SER F 214 -22.65 -14.84 28.81
N LEU F 215 -21.84 -13.84 29.18
CA LEU F 215 -20.76 -13.38 28.31
C LEU F 215 -19.83 -14.49 27.89
N LEU F 216 -19.31 -15.26 28.84
CA LEU F 216 -18.34 -16.31 28.52
C LEU F 216 -19.04 -17.44 27.75
N GLU F 217 -20.21 -17.85 28.24
CA GLU F 217 -21.03 -18.84 27.54
C GLU F 217 -21.21 -18.47 26.06
N GLU F 218 -21.44 -17.17 25.79
CA GLU F 218 -21.61 -16.72 24.41
C GLU F 218 -20.31 -16.90 23.65
N CYS F 219 -19.18 -16.67 24.32
CA CYS F 219 -17.91 -16.76 23.63
C CYS F 219 -17.56 -18.23 23.41
N TYR F 220 -17.98 -19.09 24.34
CA TYR F 220 -17.74 -20.52 24.17
C TYR F 220 -18.54 -21.02 23.00
N ALA F 221 -19.76 -20.53 22.86
CA ALA F 221 -20.63 -20.93 21.75
C ALA F 221 -20.00 -20.55 20.40
N ILE F 222 -19.36 -19.38 20.35
CA ILE F 222 -18.59 -18.95 19.18
C ILE F 222 -17.40 -19.89 18.93
N GLY F 223 -16.66 -20.17 20.00
CA GLY F 223 -15.51 -21.08 19.96
C GLY F 223 -15.87 -22.47 19.45
N GLU F 224 -17.00 -22.99 19.88
CA GLU F 224 -17.46 -24.34 19.48
C GLU F 224 -17.87 -24.45 18.02
N ARG F 225 -18.54 -23.42 17.48
CA ARG F 225 -18.83 -23.31 16.03
C ARG F 225 -17.52 -23.35 15.22
N ILE F 226 -16.53 -22.56 15.66
CA ILE F 226 -15.19 -22.56 15.10
C ILE F 226 -14.53 -23.97 15.21
N ALA F 227 -14.68 -24.63 16.36
CA ALA F 227 -14.09 -25.96 16.58
C ALA F 227 -14.60 -27.04 15.62
N GLY F 228 -15.84 -26.88 15.16
CA GLY F 228 -16.42 -27.82 14.19
C GLY F 228 -16.00 -27.56 12.75
N PHE F 229 -15.35 -26.41 12.48
CA PHE F 229 -14.88 -26.14 11.12
C PHE F 229 -13.44 -26.68 10.91
N SER F 230 -12.99 -26.74 9.65
CA SER F 230 -11.64 -27.24 9.30
C SER F 230 -10.61 -26.46 10.08
N ARG F 231 -9.59 -27.14 10.61
CA ARG F 231 -8.54 -26.45 11.35
C ARG F 231 -7.72 -25.52 10.41
N PRO F 232 -7.15 -26.08 9.32
CA PRO F 232 -6.42 -25.24 8.35
C PRO F 232 -7.39 -24.25 7.70
N GLY F 233 -8.67 -24.64 7.61
CA GLY F 233 -9.70 -23.77 7.05
C GLY F 233 -9.83 -22.54 7.90
N ILE F 234 -9.88 -22.76 9.22
CA ILE F 234 -10.01 -21.68 10.18
C ILE F 234 -8.72 -20.85 10.21
N GLU F 235 -7.58 -21.54 10.32
CA GLU F 235 -6.28 -20.88 10.45
C GLU F 235 -6.00 -19.95 9.25
N LEU F 236 -6.25 -20.43 8.03
CA LEU F 236 -6.09 -19.59 6.85
C LEU F 236 -7.11 -18.43 6.77
N THR F 237 -8.33 -18.67 7.24
CA THR F 237 -9.33 -17.60 7.34
C THR F 237 -8.88 -16.41 8.22
N LYS F 238 -8.41 -16.70 9.42
CA LYS F 238 -7.83 -15.69 10.32
C LYS F 238 -6.67 -14.93 9.64
N ARG F 239 -5.81 -15.67 8.96
CA ARG F 239 -4.64 -15.09 8.34
C ARG F 239 -5.00 -14.19 7.16
N THR F 240 -5.94 -14.64 6.33
CA THR F 240 -6.35 -13.83 5.17
C THR F 240 -7.04 -12.55 5.55
N ILE F 241 -7.76 -12.55 6.67
CA ILE F 241 -8.36 -11.34 7.20
C ILE F 241 -7.31 -10.32 7.62
N TRP F 242 -6.30 -10.75 8.39
CA TRP F 242 -5.24 -9.84 8.84
C TRP F 242 -4.36 -9.39 7.69
N SER F 243 -4.00 -10.33 6.80
CA SER F 243 -3.19 -9.99 5.60
C SER F 243 -4.03 -9.07 4.76
N GLY F 244 -5.34 -9.15 4.95
CA GLY F 244 -6.28 -8.39 4.12
C GLY F 244 -6.26 -6.92 4.48
N LEU F 245 -5.96 -6.62 5.74
CA LEU F 245 -5.85 -5.24 6.19
C LEU F 245 -4.54 -4.69 5.69
N ASP F 246 -3.55 -5.57 5.59
CA ASP F 246 -2.22 -5.20 5.15
C ASP F 246 -2.00 -5.41 3.67
N ALA F 247 -3.05 -5.24 2.89
CA ALA F 247 -2.95 -5.51 1.46
C ALA F 247 -3.50 -4.28 0.77
N ALA F 248 -2.94 -3.87 -0.35
CA ALA F 248 -3.63 -2.77 -1.02
C ALA F 248 -3.90 -2.99 -2.48
N SER F 249 -3.98 -4.24 -2.87
CA SER F 249 -4.50 -4.64 -4.15
C SER F 249 -5.47 -5.81 -3.95
N LEU F 250 -6.72 -5.62 -4.38
CA LEU F 250 -7.71 -6.68 -4.43
C LEU F 250 -7.17 -7.93 -5.12
N GLU F 251 -6.56 -7.74 -6.28
CA GLU F 251 -6.21 -8.84 -7.17
C GLU F 251 -5.06 -9.66 -6.60
N SER F 252 -4.09 -8.96 -6.00
CA SER F 252 -3.00 -9.56 -5.27
C SER F 252 -3.52 -10.41 -4.13
N HIS F 253 -4.39 -9.82 -3.31
CA HIS F 253 -4.96 -10.51 -2.15
C HIS F 253 -5.79 -11.72 -2.54
N MET F 254 -6.56 -11.60 -3.62
CA MET F 254 -7.35 -12.72 -4.14
C MET F 254 -6.47 -13.93 -4.48
N HIS F 255 -5.22 -13.68 -4.86
CA HIS F 255 -4.31 -14.80 -5.14
C HIS F 255 -4.02 -15.64 -3.88
N GLN F 256 -3.87 -14.97 -2.74
CA GLN F 256 -3.59 -15.64 -1.48
C GLN F 256 -4.83 -16.43 -1.01
N GLU F 257 -6.01 -15.83 -1.16
CA GLU F 257 -7.26 -16.44 -0.76
C GLU F 257 -7.54 -17.73 -1.57
N GLY F 258 -7.38 -17.63 -2.89
CA GLY F 258 -7.63 -18.74 -3.79
C GLY F 258 -6.75 -19.96 -3.53
N LEU F 259 -5.45 -19.73 -3.35
CA LEU F 259 -4.49 -20.78 -3.08
C LEU F 259 -4.83 -21.57 -1.79
N GLY F 260 -5.29 -20.87 -0.77
CA GLY F 260 -5.67 -21.49 0.51
C GLY F 260 -6.97 -22.29 0.38
N GLN F 261 -7.88 -21.81 -0.45
CA GLN F 261 -9.10 -22.54 -0.73
C GLN F 261 -8.73 -23.82 -1.47
N LEU F 262 -7.90 -23.72 -2.50
CA LEU F 262 -7.54 -24.91 -3.26
C LEU F 262 -6.68 -25.89 -2.43
N TYR F 263 -5.79 -25.35 -1.61
CA TYR F 263 -4.94 -26.13 -0.71
C TYR F 263 -5.78 -27.03 0.18
N VAL F 264 -6.82 -26.48 0.81
CA VAL F 264 -7.65 -27.28 1.70
C VAL F 264 -8.56 -28.23 0.89
N ARG F 265 -8.97 -27.80 -0.29
CA ARG F 265 -9.88 -28.59 -1.07
C ARG F 265 -9.18 -29.84 -1.59
N LEU F 266 -7.95 -29.68 -2.10
CA LEU F 266 -7.26 -30.75 -2.77
C LEU F 266 -6.58 -31.70 -1.79
N LEU F 267 -6.12 -31.16 -0.66
CA LEU F 267 -5.41 -31.92 0.35
C LEU F 267 -6.31 -32.49 1.46
N THR F 268 -7.60 -32.16 1.45
CA THR F 268 -8.52 -32.86 2.36
C THR F 268 -9.72 -33.46 1.58
N ASP F 269 -10.57 -34.22 2.28
CA ASP F 269 -11.86 -34.57 1.70
C ASP F 269 -13.03 -33.83 2.37
N ASN F 270 -12.73 -32.70 3.01
CA ASN F 270 -13.71 -31.90 3.73
C ASN F 270 -14.97 -31.51 2.93
N PHE F 271 -14.76 -30.98 1.73
CA PHE F 271 -15.86 -30.55 0.89
C PHE F 271 -16.77 -31.73 0.50
N GLU F 272 -16.19 -32.88 0.14
CA GLU F 272 -17.03 -34.05 -0.18
C GLU F 272 -17.85 -34.47 1.07
N GLU F 273 -17.18 -34.41 2.22
CA GLU F 273 -17.79 -34.66 3.51
C GLU F 273 -18.94 -33.68 3.86
N ALA F 274 -18.76 -32.38 3.64
CA ALA F 274 -19.86 -31.42 3.86
C ALA F 274 -21.07 -31.65 2.92
N THR F 275 -20.78 -32.07 1.68
CA THR F 275 -21.80 -32.42 0.70
C THR F 275 -22.50 -33.70 1.14
N ALA F 276 -21.71 -34.69 1.57
CA ALA F 276 -22.23 -35.98 2.01
C ALA F 276 -23.09 -35.86 3.27
N ALA F 277 -22.65 -35.00 4.21
CA ALA F 277 -23.39 -34.73 5.43
C ALA F 277 -24.70 -34.02 5.18
N ARG F 278 -24.68 -33.00 4.32
CA ARG F 278 -25.87 -32.21 4.00
C ARG F 278 -26.90 -32.97 3.15
N LYS F 279 -26.45 -34.03 2.48
CA LYS F 279 -27.36 -34.87 1.70
C LYS F 279 -27.96 -35.91 2.62
N GLU F 280 -27.14 -36.41 3.54
CA GLU F 280 -27.59 -37.38 4.54
C GLU F 280 -28.20 -36.70 5.79
N LYS F 281 -28.67 -35.46 5.60
CA LYS F 281 -29.19 -34.57 6.65
C LYS F 281 -28.56 -34.86 8.00
N ARG F 282 -27.45 -34.17 8.26
CA ARG F 282 -26.46 -34.53 9.28
C ARG F 282 -25.48 -33.34 9.33
N PRO F 283 -24.93 -33.03 10.53
CA PRO F 283 -23.80 -32.11 10.55
C PRO F 283 -22.50 -32.77 10.05
N ALA F 284 -21.64 -31.94 9.49
CA ALA F 284 -20.38 -32.39 8.92
C ALA F 284 -19.30 -32.70 9.99
N GLU F 285 -18.49 -33.74 9.75
CA GLU F 285 -17.30 -34.06 10.59
C GLU F 285 -15.98 -34.07 9.79
N PHE F 286 -15.19 -33.00 9.91
CA PHE F 286 -14.00 -32.77 9.05
C PHE F 286 -12.69 -33.44 9.52
N ARG F 287 -12.10 -34.24 8.61
CA ARG F 287 -10.93 -35.05 8.93
C ARG F 287 -9.61 -34.35 8.56
N ASP F 288 -9.72 -33.28 7.75
CA ASP F 288 -8.59 -32.48 7.29
C ASP F 288 -7.47 -33.30 6.66
N LYS F 289 -7.81 -34.33 5.90
CA LYS F 289 -6.84 -35.17 5.17
C LYS F 289 -7.57 -36.03 4.12
N ARG F 290 -6.85 -36.55 3.14
CA ARG F 290 -7.51 -37.38 2.10
C ARG F 290 -7.79 -38.80 2.62
C1 GOL G . 11.41 11.33 -8.09
O1 GOL G . 11.59 11.84 -9.38
C2 GOL G . 12.74 10.81 -7.54
O2 GOL G . 13.84 11.31 -8.29
C3 GOL G . 12.83 10.97 -6.02
O3 GOL G . 13.91 10.27 -5.43
C1 GOL H . 16.36 -6.29 2.56
O1 GOL H . 16.92 -7.21 1.66
C2 GOL H . 17.41 -5.66 3.46
O2 GOL H . 18.50 -5.16 2.70
C3 GOL H . 16.75 -4.53 4.25
O3 GOL H . 17.64 -4.02 5.24
C1 GOL I . 7.76 -8.39 -13.89
O1 GOL I . 8.33 -9.64 -14.13
C2 GOL I . 8.21 -7.42 -15.00
O2 GOL I . 9.61 -7.55 -15.21
C3 GOL I . 7.86 -6.01 -14.51
O3 GOL I . 8.24 -4.98 -15.41
CL CL J . 25.24 -6.78 -33.07
C1 GOL K . -9.79 11.64 9.99
O1 GOL K . -9.69 12.28 11.24
C2 GOL K . -11.00 12.17 9.22
O2 GOL K . -12.17 11.84 9.94
C3 GOL K . -11.01 11.50 7.83
O3 GOL K . -12.17 11.77 7.08
C1 GOL L . -17.12 -2.90 -3.40
O1 GOL L . -17.74 -3.93 -2.64
C2 GOL L . -18.13 -2.16 -4.30
O2 GOL L . -19.24 -1.71 -3.55
C3 GOL L . -17.44 -0.94 -4.90
O3 GOL L . -18.39 -0.07 -5.47
CL CL M . -41.35 -8.78 1.74
C1 GOL N . -8.75 -6.61 13.79
O1 GOL N . -9.29 -5.69 14.74
C2 GOL N . -9.75 -7.67 13.28
O2 GOL N . -10.81 -7.97 14.15
C3 GOL N . -9.03 -8.91 12.74
O3 GOL N . -9.81 -10.10 12.69
CL CL O . -26.38 -7.73 31.94
#